data_3N9R
#
_entry.id   3N9R
#
_cell.length_a   51.400
_cell.length_b   104.400
_cell.length_c   111.900
_cell.angle_alpha   98.500
_cell.angle_beta   90.000
_cell.angle_gamma   90.000
#
_symmetry.space_group_name_H-M   'P 1'
#
loop_
_entity.id
_entity.type
_entity.pdbx_description
1 polymer 'Fructose-bisphosphate aldolase'
2 non-polymer 'ZINC ION'
3 non-polymer 'SODIUM ION'
4 non-polymer 'CHLORIDE ION'
5 non-polymer '2-[hydroxy(4-hydroxybutyl)amino]-2-oxoethyl dihydrogen phosphate'
6 water water
#
_entity_poly.entity_id   1
_entity_poly.type   'polypeptide(L)'
_entity_poly.pdbx_seq_one_letter_code
;MLVKGNEILLKAHKEGYGVGAFNFVNFEMLNAIFEAGNEENSPLFIQASEGAIKYMGIDMAVGMVKIMCERYPHIPVALH
LDHGTTFESCEKAVKAGFTSVMIDASHHAFEENLELTSKVVKMAHNAGVSVEAELGRLMGIEDNISVDEKDAVLVNPKEA
EQFVKESQVDYLAPAIGTSHGAFKFKGEPKLDFERLQEVKRLTNIPLVLHGASAIPDNVRKSYLDAGGDLKGSKGVPFEF
LQESVKGGINKVNTDTDLRIAFIAEVRKVANEDKSQFDLRKFFSPAQLALKNVVKERMKLLGSANKI
;
_entity_poly.pdbx_strand_id   A,B,K,P,U,Z,e,j
#
loop_
_chem_comp.id
_chem_comp.type
_chem_comp.name
_chem_comp.formula
CL non-polymer 'CHLORIDE ION' 'Cl -1'
NA non-polymer 'SODIUM ION' 'Na 1'
TD3 non-polymer '2-[hydroxy(4-hydroxybutyl)amino]-2-oxoethyl dihydrogen phosphate' 'C6 H14 N O7 P'
ZN non-polymer 'ZINC ION' 'Zn 2'
#
# COMPACT_ATOMS: atom_id res chain seq x y z
N MET A 1 5.12 24.73 -6.44
CA MET A 1 5.86 23.62 -7.08
C MET A 1 5.59 22.31 -6.34
N LEU A 2 6.07 21.21 -6.89
CA LEU A 2 5.98 19.92 -6.19
C LEU A 2 6.93 19.91 -4.99
N VAL A 3 6.38 19.68 -3.80
CA VAL A 3 7.14 19.75 -2.54
C VAL A 3 6.77 18.58 -1.62
N LYS A 4 7.62 18.30 -0.64
CA LYS A 4 7.31 17.23 0.31
C LYS A 4 6.02 17.55 1.05
N GLY A 5 5.25 16.52 1.35
CA GLY A 5 3.95 16.71 1.98
C GLY A 5 4.05 17.51 3.26
N ASN A 6 5.06 17.21 4.07
CA ASN A 6 5.18 17.83 5.38
C ASN A 6 5.36 19.35 5.28
N GLU A 7 5.87 19.85 4.15
CA GLU A 7 6.02 21.31 4.03
C GLU A 7 4.68 22.01 4.01
N ILE A 8 3.74 21.43 3.26
CA ILE A 8 2.41 22.00 3.18
C ILE A 8 1.68 21.78 4.51
N LEU A 9 1.79 20.59 5.08
CA LEU A 9 0.98 20.30 6.28
C LEU A 9 1.53 20.93 7.55
N LEU A 10 2.83 21.19 7.61
CA LEU A 10 3.35 21.85 8.79
C LEU A 10 2.88 23.30 8.83
N LYS A 11 2.79 23.93 7.67
CA LYS A 11 2.23 25.29 7.62
C LYS A 11 0.77 25.30 8.02
N ALA A 12 -0.02 24.34 7.54
CA ALA A 12 -1.43 24.26 7.93
C ALA A 12 -1.59 24.00 9.44
N HIS A 13 -0.73 23.14 9.98
CA HIS A 13 -0.68 22.84 11.42
C HIS A 13 -0.37 24.08 12.25
N LYS A 14 0.60 24.86 11.78
CA LYS A 14 1.05 26.05 12.49
C LYS A 14 -0.02 27.13 12.48
N GLU A 15 -0.74 27.24 11.37
CA GLU A 15 -1.71 28.32 11.21
C GLU A 15 -3.14 27.88 11.50
N GLY A 16 -3.34 26.58 11.66
CA GLY A 16 -4.65 26.08 12.02
C GLY A 16 -5.64 26.09 10.87
N TYR A 17 -5.21 25.67 9.68
CA TYR A 17 -6.19 25.42 8.63
C TYR A 17 -6.08 23.99 8.11
N GLY A 18 -7.06 23.57 7.32
CA GLY A 18 -7.02 22.26 6.69
C GLY A 18 -6.76 22.37 5.20
N VAL A 19 -6.04 21.40 4.65
CA VAL A 19 -5.73 21.39 3.23
C VAL A 19 -6.44 20.19 2.63
N GLY A 20 -7.31 20.43 1.66
CA GLY A 20 -8.01 19.37 0.97
C GLY A 20 -7.01 18.48 0.27
N ALA A 21 -7.25 17.17 0.31
CA ALA A 21 -6.40 16.21 -0.43
C ALA A 21 -7.33 15.47 -1.38
N PHE A 22 -7.17 15.75 -2.66
CA PHE A 22 -8.17 15.38 -3.64
C PHE A 22 -7.64 14.25 -4.51
N ASN A 23 -8.42 13.20 -4.67
CA ASN A 23 -8.02 12.08 -5.51
C ASN A 23 -8.25 12.39 -7.00
N PHE A 24 -7.39 11.84 -7.85
CA PHE A 24 -7.62 11.91 -9.29
C PHE A 24 -7.39 10.55 -9.94
N VAL A 25 -8.07 10.30 -11.04
CA VAL A 25 -7.81 9.09 -11.83
C VAL A 25 -7.47 9.39 -13.29
N ASN A 26 -7.58 10.66 -13.70
CA ASN A 26 -7.27 11.00 -15.09
C ASN A 26 -7.07 12.49 -15.30
N PHE A 27 -6.88 12.89 -16.56
CA PHE A 27 -6.54 14.29 -16.83
C PHE A 27 -7.66 15.23 -16.40
N GLU A 28 -8.91 14.90 -16.70
CA GLU A 28 -10.01 15.83 -16.39
C GLU A 28 -10.09 16.15 -14.89
N MET A 29 -9.95 15.14 -14.05
CA MET A 29 -10.04 15.36 -12.61
C MET A 29 -8.87 16.23 -12.20
N LEU A 30 -7.69 15.90 -12.72
CA LEU A 30 -6.48 16.61 -12.32
C LEU A 30 -6.52 18.07 -12.71
N ASN A 31 -6.97 18.34 -13.92
CA ASN A 31 -7.02 19.71 -14.40
C ASN A 31 -7.95 20.55 -13.52
N ALA A 32 -9.14 20.00 -13.25
CA ALA A 32 -10.14 20.71 -12.47
C ALA A 32 -9.63 21.04 -11.07
N ILE A 33 -8.93 20.10 -10.45
CA ILE A 33 -8.37 20.32 -9.11
C ILE A 33 -7.32 21.44 -9.12
N PHE A 34 -6.41 21.41 -10.10
CA PHE A 34 -5.42 22.48 -10.22
C PHE A 34 -6.07 23.83 -10.52
N GLU A 35 -7.06 23.88 -11.40
CA GLU A 35 -7.70 25.16 -11.69
C GLU A 35 -8.37 25.73 -10.43
N ALA A 36 -8.94 24.85 -9.62
CA ALA A 36 -9.57 25.30 -8.37
C ALA A 36 -8.50 25.90 -7.46
N GLY A 37 -7.36 25.20 -7.33
CA GLY A 37 -6.29 25.69 -6.49
C GLY A 37 -5.76 27.03 -6.99
N ASN A 38 -5.68 27.20 -8.30
CA ASN A 38 -5.23 28.47 -8.86
C ASN A 38 -6.23 29.59 -8.59
N GLU A 39 -7.51 29.27 -8.67
CA GLU A 39 -8.55 30.27 -8.51
C GLU A 39 -8.77 30.67 -7.05
N GLU A 40 -8.48 29.76 -6.12
CA GLU A 40 -8.66 30.08 -4.71
C GLU A 40 -7.36 30.37 -3.97
N ASN A 41 -6.25 30.42 -4.71
CA ASN A 41 -4.93 30.67 -4.11
C ASN A 41 -4.64 29.68 -2.99
N SER A 42 -4.83 28.39 -3.27
CA SER A 42 -4.75 27.35 -2.24
C SER A 42 -3.67 26.34 -2.56
N PRO A 43 -2.88 25.92 -1.55
CA PRO A 43 -2.01 24.77 -1.78
C PRO A 43 -2.85 23.52 -1.96
N LEU A 44 -2.25 22.47 -2.52
CA LEU A 44 -2.99 21.27 -2.90
C LEU A 44 -2.26 20.02 -2.44
N PHE A 45 -2.97 19.05 -1.87
CA PHE A 45 -2.52 17.66 -1.89
C PHE A 45 -3.27 16.97 -3.01
N ILE A 46 -2.53 16.34 -3.92
CA ILE A 46 -3.14 15.61 -5.01
C ILE A 46 -2.85 14.15 -4.70
N GLN A 47 -3.88 13.31 -4.68
CA GLN A 47 -3.71 11.94 -4.19
C GLN A 47 -4.02 10.95 -5.26
N ALA A 48 -3.29 9.84 -5.25
CA ALA A 48 -3.59 8.73 -6.13
C ALA A 48 -3.62 7.46 -5.30
N SER A 49 -4.72 6.73 -5.34
CA SER A 49 -4.81 5.44 -4.67
C SER A 49 -4.07 4.39 -5.49
N GLU A 50 -3.89 3.20 -4.94
CA GLU A 50 -3.21 2.14 -5.66
C GLU A 50 -4.03 1.73 -6.89
N GLY A 51 -5.35 1.76 -6.75
CA GLY A 51 -6.22 1.45 -7.87
C GLY A 51 -6.09 2.50 -8.97
N ALA A 52 -5.97 3.77 -8.59
CA ALA A 52 -5.79 4.85 -9.55
C ALA A 52 -4.45 4.69 -10.27
N ILE A 53 -3.42 4.32 -9.52
CA ILE A 53 -2.10 4.15 -10.13
C ILE A 53 -2.10 3.01 -11.12
N LYS A 54 -2.84 1.93 -10.83
CA LYS A 54 -2.92 0.82 -11.77
C LYS A 54 -3.66 1.26 -13.04
N TYR A 55 -4.69 2.06 -12.86
CA TYR A 55 -5.49 2.53 -13.99
C TYR A 55 -4.66 3.41 -14.92
N MET A 56 -3.92 4.35 -14.34
CA MET A 56 -3.14 5.33 -15.09
C MET A 56 -1.75 4.84 -15.50
N GLY A 57 -1.16 3.99 -14.68
CA GLY A 57 0.27 3.74 -14.73
C GLY A 57 0.98 4.78 -13.85
N ILE A 58 1.88 4.34 -12.97
CA ILE A 58 2.49 5.25 -12.03
C ILE A 58 3.30 6.34 -12.75
N ASP A 59 3.87 5.95 -13.90
CA ASP A 59 4.60 6.89 -14.76
C ASP A 59 3.73 8.05 -15.25
N MET A 60 2.47 7.76 -15.56
CA MET A 60 1.58 8.79 -16.09
C MET A 60 1.00 9.63 -14.95
N ALA A 61 0.75 8.98 -13.81
CA ALA A 61 0.22 9.69 -12.66
C ALA A 61 1.21 10.79 -12.26
N VAL A 62 2.48 10.41 -12.09
CA VAL A 62 3.49 11.40 -11.70
C VAL A 62 3.75 12.39 -12.83
N GLY A 63 3.89 11.87 -14.04
CA GLY A 63 4.16 12.70 -15.20
C GLY A 63 3.12 13.80 -15.39
N MET A 64 1.83 13.46 -15.26
CA MET A 64 0.77 14.45 -15.46
C MET A 64 0.86 15.51 -14.37
N VAL A 65 1.14 15.08 -13.15
CA VAL A 65 1.20 16.01 -12.05
C VAL A 65 2.38 16.97 -12.23
N LYS A 66 3.53 16.46 -12.61
CA LYS A 66 4.68 17.33 -12.91
C LYS A 66 4.37 18.36 -14.00
N ILE A 67 3.62 17.97 -15.03
CA ILE A 67 3.28 18.92 -16.09
C ILE A 67 2.38 20.03 -15.51
N MET A 68 1.44 19.63 -14.66
CA MET A 68 0.49 20.57 -14.10
C MET A 68 1.20 21.54 -13.15
N CYS A 69 2.15 21.02 -12.40
CA CYS A 69 2.93 21.86 -11.47
C CYS A 69 3.73 22.92 -12.22
N GLU A 70 4.20 22.58 -13.41
CA GLU A 70 4.92 23.55 -14.24
C GLU A 70 3.96 24.57 -14.85
N ARG A 71 2.72 24.16 -15.07
CA ARG A 71 1.69 25.06 -15.58
C ARG A 71 1.35 26.10 -14.50
N TYR A 72 1.40 25.68 -13.23
CA TYR A 72 1.06 26.55 -12.11
C TYR A 72 2.14 26.47 -11.02
N PRO A 73 3.32 27.04 -11.29
CA PRO A 73 4.48 26.91 -10.40
C PRO A 73 4.32 27.62 -9.05
N HIS A 74 3.40 28.57 -8.98
CA HIS A 74 3.18 29.28 -7.72
C HIS A 74 2.36 28.48 -6.69
N ILE A 75 1.76 27.37 -7.10
CA ILE A 75 0.96 26.55 -6.19
C ILE A 75 1.78 25.44 -5.53
N PRO A 76 1.91 25.47 -4.19
CA PRO A 76 2.58 24.35 -3.51
C PRO A 76 1.74 23.08 -3.65
N VAL A 77 2.34 22.00 -4.14
CA VAL A 77 1.60 20.77 -4.40
C VAL A 77 2.37 19.60 -3.83
N ALA A 78 1.68 18.72 -3.11
CA ALA A 78 2.28 17.46 -2.72
C ALA A 78 1.58 16.34 -3.47
N LEU A 79 2.35 15.38 -3.97
CA LEU A 79 1.77 14.24 -4.67
C LEU A 79 1.81 13.03 -3.74
N HIS A 80 0.64 12.49 -3.41
CA HIS A 80 0.52 11.61 -2.26
C HIS A 80 -0.07 10.26 -2.63
N LEU A 81 0.58 9.19 -2.18
CA LEU A 81 0.06 7.83 -2.36
C LEU A 81 -0.97 7.55 -1.27
N ASP A 82 -2.23 7.47 -1.68
CA ASP A 82 -3.35 7.26 -0.78
C ASP A 82 -3.51 5.73 -0.51
N HIS A 83 -3.57 5.35 0.76
CA HIS A 83 -3.79 3.96 1.19
C HIS A 83 -2.80 2.98 0.56
N GLY A 84 -1.51 3.26 0.72
CA GLY A 84 -0.50 2.28 0.38
C GLY A 84 -0.67 1.09 1.30
N THR A 85 -0.60 -0.13 0.77
CA THR A 85 -0.95 -1.30 1.56
C THR A 85 0.24 -2.19 1.88
N THR A 86 1.39 -1.89 1.29
CA THR A 86 2.60 -2.65 1.52
C THR A 86 3.82 -1.74 1.47
N PHE A 87 4.93 -2.23 2.02
CA PHE A 87 6.18 -1.53 1.97
C PHE A 87 6.61 -1.32 0.52
N GLU A 88 6.44 -2.35 -0.30
CA GLU A 88 6.82 -2.30 -1.71
C GLU A 88 6.04 -1.23 -2.47
N SER A 89 4.75 -1.09 -2.15
CA SER A 89 3.93 -0.09 -2.82
C SER A 89 4.48 1.31 -2.53
N CYS A 90 4.79 1.55 -1.26
CA CYS A 90 5.35 2.84 -0.86
C CYS A 90 6.72 3.06 -1.50
N GLU A 91 7.54 2.03 -1.55
CA GLU A 91 8.84 2.12 -2.17
C GLU A 91 8.73 2.52 -3.64
N LYS A 92 7.79 1.91 -4.35
CA LYS A 92 7.61 2.20 -5.77
C LYS A 92 7.17 3.64 -5.98
N ALA A 93 6.30 4.13 -5.10
CA ALA A 93 5.82 5.50 -5.17
C ALA A 93 6.99 6.45 -4.93
N VAL A 94 7.83 6.14 -3.95
CA VAL A 94 8.96 7.00 -3.65
C VAL A 94 9.88 7.09 -4.86
N LYS A 95 10.15 5.93 -5.45
CA LYS A 95 11.02 5.86 -6.62
C LYS A 95 10.45 6.64 -7.80
N ALA A 96 9.12 6.65 -7.94
CA ALA A 96 8.48 7.26 -9.11
C ALA A 96 8.43 8.78 -8.96
N GLY A 97 8.60 9.28 -7.75
CA GLY A 97 8.60 10.71 -7.53
C GLY A 97 7.46 11.28 -6.68
N PHE A 98 6.69 10.43 -6.02
CA PHE A 98 5.71 10.92 -5.05
C PHE A 98 6.46 11.65 -3.94
N THR A 99 5.81 12.63 -3.32
CA THR A 99 6.46 13.42 -2.28
C THR A 99 5.83 13.17 -0.92
N SER A 100 4.86 12.25 -0.89
CA SER A 100 4.18 11.88 0.35
C SER A 100 3.60 10.48 0.14
N VAL A 101 3.70 9.61 1.14
CA VAL A 101 3.07 8.28 1.00
C VAL A 101 2.30 7.91 2.26
N MET A 102 1.15 7.26 2.12
CA MET A 102 0.47 6.71 3.27
C MET A 102 0.69 5.21 3.32
N ILE A 103 1.13 4.71 4.46
CA ILE A 103 1.18 3.28 4.72
C ILE A 103 0.03 2.96 5.68
N ASP A 104 -0.95 2.22 5.19
CA ASP A 104 -2.16 1.94 5.91
C ASP A 104 -2.16 0.50 6.38
N ALA A 105 -1.81 0.32 7.65
CA ALA A 105 -1.82 -0.98 8.29
C ALA A 105 -2.75 -0.91 9.50
N SER A 106 -3.80 -0.09 9.40
CA SER A 106 -4.64 0.18 10.56
C SER A 106 -5.30 -1.08 11.12
N HIS A 107 -5.49 -2.09 10.26
CA HIS A 107 -6.18 -3.30 10.67
C HIS A 107 -5.22 -4.35 11.25
N HIS A 108 -3.92 -4.07 11.21
CA HIS A 108 -2.95 -4.91 11.89
C HIS A 108 -2.98 -4.63 13.40
N ALA A 109 -2.44 -5.56 14.18
CA ALA A 109 -2.21 -5.30 15.60
C ALA A 109 -1.35 -4.06 15.73
N PHE A 110 -1.47 -3.35 16.84
CA PHE A 110 -0.71 -2.15 17.07
C PHE A 110 0.80 -2.33 16.79
N GLU A 111 1.42 -3.36 17.36
CA GLU A 111 2.86 -3.52 17.19
C GLU A 111 3.28 -3.82 15.75
N GLU A 112 2.41 -4.51 15.00
CA GLU A 112 2.69 -4.80 13.59
C GLU A 112 2.55 -3.55 12.72
N ASN A 113 1.53 -2.76 13.03
CA ASN A 113 1.31 -1.50 12.34
C ASN A 113 2.51 -0.61 12.59
N LEU A 114 2.96 -0.56 13.84
CA LEU A 114 4.08 0.31 14.20
C LEU A 114 5.37 -0.15 13.51
N GLU A 115 5.64 -1.44 13.51
CA GLU A 115 6.84 -1.98 12.86
C GLU A 115 6.84 -1.67 11.35
N LEU A 116 5.75 -1.99 10.66
CA LEU A 116 5.64 -1.72 9.23
C LEU A 116 5.74 -0.21 8.92
N THR A 117 5.01 0.60 9.68
CA THR A 117 5.07 2.05 9.48
C THR A 117 6.49 2.55 9.67
N SER A 118 7.16 2.09 10.72
CA SER A 118 8.53 2.52 11.01
C SER A 118 9.47 2.16 9.86
N LYS A 119 9.20 1.03 9.23
CA LYS A 119 10.04 0.55 8.11
C LYS A 119 9.85 1.47 6.90
N VAL A 120 8.60 1.82 6.61
CA VAL A 120 8.30 2.76 5.56
C VAL A 120 8.92 4.14 5.87
N VAL A 121 8.83 4.60 7.11
CA VAL A 121 9.35 5.93 7.43
C VAL A 121 10.85 6.00 7.20
N LYS A 122 11.56 4.96 7.61
CA LYS A 122 13.02 4.95 7.44
C LYS A 122 13.35 5.11 5.96
N MET A 123 12.65 4.34 5.12
CA MET A 123 12.87 4.34 3.69
C MET A 123 12.50 5.69 3.07
N ALA A 124 11.33 6.22 3.43
CA ALA A 124 10.83 7.44 2.81
C ALA A 124 11.65 8.66 3.26
N HIS A 125 12.00 8.71 4.54
CA HIS A 125 12.77 9.84 5.04
C HIS A 125 14.15 9.87 4.40
N ASN A 126 14.72 8.70 4.15
CA ASN A 126 15.99 8.63 3.44
C ASN A 126 15.88 9.29 2.06
N ALA A 127 14.68 9.31 1.49
CA ALA A 127 14.46 9.83 0.13
C ALA A 127 13.82 11.22 0.10
N GLY A 128 13.69 11.84 1.27
CA GLY A 128 13.09 13.16 1.38
C GLY A 128 11.57 13.17 1.17
N VAL A 129 10.93 12.05 1.46
CA VAL A 129 9.47 11.90 1.29
C VAL A 129 8.75 11.79 2.64
N SER A 130 7.59 12.42 2.76
CA SER A 130 6.84 12.44 4.02
C SER A 130 5.91 11.23 4.11
N VAL A 131 5.53 10.83 5.33
CA VAL A 131 4.74 9.60 5.51
C VAL A 131 3.52 9.83 6.41
N GLU A 132 2.40 9.24 6.01
CA GLU A 132 1.17 9.24 6.79
C GLU A 132 0.89 7.79 7.23
N ALA A 133 0.39 7.61 8.44
CA ALA A 133 -0.05 6.28 8.87
C ALA A 133 -1.42 6.42 9.51
N GLU A 134 -2.03 5.31 9.90
CA GLU A 134 -3.42 5.33 10.39
C GLU A 134 -3.58 4.50 11.67
N LEU A 135 -4.37 5.01 12.61
CA LEU A 135 -4.73 4.26 13.81
C LEU A 135 -6.22 4.33 14.01
N GLY A 136 -6.81 3.21 14.40
CA GLY A 136 -8.24 3.16 14.63
C GLY A 136 -8.94 2.61 13.43
N ARG A 137 -10.19 2.26 13.60
CA ARG A 137 -10.97 1.72 12.50
C ARG A 137 -11.97 2.76 12.00
N LEU A 138 -11.91 3.04 10.71
CA LEU A 138 -12.80 3.99 10.06
C LEU A 138 -14.20 3.43 9.94
N MET A 139 -15.08 3.82 10.87
CA MET A 139 -16.49 3.48 10.77
C MET A 139 -17.27 4.42 11.67
N GLY A 140 -18.59 4.44 11.49
CA GLY A 140 -19.46 5.30 12.29
C GLY A 140 -19.54 4.86 13.75
N ILE A 141 -19.83 5.83 14.61
CA ILE A 141 -20.02 5.58 16.04
C ILE A 141 -21.44 5.11 16.27
N ALA A 152 -10.61 0.52 21.23
CA ALA A 152 -11.25 -0.55 20.47
C ALA A 152 -11.48 -0.13 19.02
N VAL A 153 -12.67 0.41 18.76
CA VAL A 153 -13.00 0.87 17.41
C VAL A 153 -12.13 2.07 17.05
N LEU A 154 -12.39 3.20 17.71
CA LEU A 154 -11.78 4.49 17.37
C LEU A 154 -10.33 4.57 17.82
N VAL A 155 -9.66 5.63 17.40
CA VAL A 155 -8.25 5.79 17.76
C VAL A 155 -8.09 5.81 19.28
N ASN A 156 -7.02 5.19 19.77
CA ASN A 156 -6.68 5.21 21.18
C ASN A 156 -5.59 6.26 21.36
N PRO A 157 -5.89 7.39 22.02
CA PRO A 157 -4.92 8.49 22.02
C PRO A 157 -3.56 8.15 22.60
N LYS A 158 -3.51 7.25 23.58
CA LYS A 158 -2.23 6.89 24.18
C LYS A 158 -1.44 5.98 23.23
N GLU A 159 -2.15 5.15 22.46
CA GLU A 159 -1.51 4.39 21.40
C GLU A 159 -0.93 5.36 20.40
N ALA A 160 -1.70 6.39 20.06
CA ALA A 160 -1.25 7.35 19.06
C ALA A 160 0.02 8.06 19.52
N GLU A 161 0.06 8.43 20.79
CA GLU A 161 1.21 9.13 21.34
C GLU A 161 2.48 8.29 21.16
N GLN A 162 2.39 7.01 21.52
CA GLN A 162 3.54 6.13 21.44
C GLN A 162 3.90 5.85 19.98
N PHE A 163 2.87 5.62 19.17
CA PHE A 163 3.06 5.28 17.77
C PHE A 163 3.85 6.37 17.06
N VAL A 164 3.43 7.61 17.29
CA VAL A 164 4.02 8.74 16.60
C VAL A 164 5.44 8.96 17.08
N LYS A 165 5.66 8.86 18.38
CA LYS A 165 7.00 9.04 18.93
C LYS A 165 7.98 7.99 18.41
N GLU A 166 7.53 6.74 18.32
CA GLU A 166 8.44 5.66 17.98
C GLU A 166 8.66 5.47 16.47
N SER A 167 7.67 5.80 15.66
CA SER A 167 7.77 5.66 14.20
C SER A 167 8.36 6.91 13.53
N GLN A 168 8.19 8.05 14.18
CA GLN A 168 8.54 9.34 13.60
C GLN A 168 7.74 9.66 12.33
N VAL A 169 6.59 9.04 12.19
CA VAL A 169 5.69 9.33 11.09
C VAL A 169 5.37 10.85 11.05
N ASP A 170 5.19 11.41 9.85
CA ASP A 170 5.00 12.86 9.72
C ASP A 170 3.56 13.32 10.00
N TYR A 171 2.57 12.53 9.59
CA TYR A 171 1.19 12.84 9.95
C TYR A 171 0.44 11.54 10.23
N LEU A 172 -0.66 11.66 10.96
CA LEU A 172 -1.41 10.51 11.43
C LEU A 172 -2.88 10.67 11.10
N ALA A 173 -3.51 9.60 10.65
CA ALA A 173 -4.95 9.61 10.39
C ALA A 173 -5.66 8.88 11.53
N PRO A 174 -6.27 9.63 12.47
CA PRO A 174 -6.96 8.99 13.59
C PRO A 174 -8.43 8.79 13.28
N ALA A 175 -8.93 7.58 13.53
CA ALA A 175 -10.34 7.30 13.32
C ALA A 175 -11.15 7.96 14.41
N ILE A 176 -12.07 8.83 14.02
CA ILE A 176 -12.93 9.51 14.98
C ILE A 176 -14.41 9.44 14.60
N GLY A 177 -14.75 8.57 13.65
CA GLY A 177 -16.16 8.33 13.34
C GLY A 177 -16.58 8.58 11.90
N THR A 178 -15.66 8.96 11.04
CA THR A 178 -15.95 9.00 9.61
C THR A 178 -15.79 7.60 8.99
N SER A 179 -16.19 7.49 7.74
CA SER A 179 -15.95 6.26 6.98
C SER A 179 -15.91 6.64 5.51
N HIS A 180 -15.34 5.78 4.68
CA HIS A 180 -15.25 6.05 3.26
C HIS A 180 -16.60 5.98 2.57
N GLY A 181 -16.77 6.76 1.50
CA GLY A 181 -17.91 6.62 0.61
C GLY A 181 -19.10 7.50 0.90
N ALA A 182 -20.20 7.29 0.16
CA ALA A 182 -21.32 8.22 0.22
C ALA A 182 -22.31 7.93 1.37
N PHE A 183 -22.09 6.84 2.12
CA PHE A 183 -23.08 6.39 3.11
C PHE A 183 -22.47 6.38 4.50
N LYS A 184 -22.15 7.56 5.03
CA LYS A 184 -21.33 7.63 6.23
C LYS A 184 -22.14 7.49 7.51
N PHE A 185 -23.42 7.83 7.45
CA PHE A 185 -24.22 7.87 8.67
C PHE A 185 -25.65 7.37 8.43
N LYS A 186 -26.07 6.40 9.24
CA LYS A 186 -27.48 6.11 9.40
C LYS A 186 -27.90 6.85 10.65
N GLY A 187 -28.77 7.85 10.51
CA GLY A 187 -29.10 8.70 11.62
C GLY A 187 -28.23 9.94 11.60
N GLU A 188 -28.23 10.71 12.69
CA GLU A 188 -27.58 12.01 12.70
C GLU A 188 -26.06 11.88 12.75
N PRO A 189 -25.38 12.67 11.92
CA PRO A 189 -23.92 12.63 11.92
C PRO A 189 -23.35 12.85 13.32
N LYS A 190 -22.29 12.12 13.67
CA LYS A 190 -21.60 12.31 14.93
C LYS A 190 -20.13 11.99 14.75
N LEU A 191 -19.27 12.80 15.36
CA LEU A 191 -17.84 12.52 15.37
C LEU A 191 -17.32 12.71 16.79
N ASP A 192 -16.21 12.06 17.13
CA ASP A 192 -15.66 12.15 18.48
C ASP A 192 -14.60 13.25 18.50
N PHE A 193 -15.04 14.49 18.64
CA PHE A 193 -14.10 15.61 18.61
C PHE A 193 -13.23 15.66 19.87
N GLU A 194 -13.73 15.18 21.01
CA GLU A 194 -12.93 15.20 22.24
C GLU A 194 -11.72 14.28 22.06
N ARG A 195 -11.96 13.12 21.47
CA ARG A 195 -10.92 12.15 21.14
C ARG A 195 -9.92 12.78 20.18
N LEU A 196 -10.41 13.48 19.17
CA LEU A 196 -9.53 14.15 18.22
C LEU A 196 -8.58 15.10 18.94
N GLN A 197 -9.14 15.91 19.83
CA GLN A 197 -8.37 16.92 20.51
C GLN A 197 -7.29 16.31 21.39
N GLU A 198 -7.59 15.16 21.99
CA GLU A 198 -6.61 14.47 22.81
C GLU A 198 -5.48 13.89 21.95
N VAL A 199 -5.82 13.32 20.80
CA VAL A 199 -4.78 12.85 19.87
C VAL A 199 -3.88 14.01 19.47
N LYS A 200 -4.48 15.15 19.15
CA LYS A 200 -3.71 16.30 18.71
C LYS A 200 -2.76 16.78 19.82
N ARG A 201 -3.25 16.87 21.04
CA ARG A 201 -2.41 17.31 22.16
C ARG A 201 -1.23 16.36 22.35
N LEU A 202 -1.48 15.07 22.25
CA LEU A 202 -0.45 14.07 22.58
C LEU A 202 0.55 13.85 21.44
N THR A 203 0.16 14.16 20.22
CA THR A 203 1.03 13.92 19.08
C THR A 203 1.69 15.20 18.60
N ASN A 204 0.97 16.31 18.65
CA ASN A 204 1.46 17.57 18.12
C ASN A 204 2.09 17.45 16.72
N ILE A 205 1.40 16.73 15.85
CA ILE A 205 1.75 16.70 14.44
C ILE A 205 0.49 16.96 13.61
N PRO A 206 0.66 17.15 12.30
CA PRO A 206 -0.53 17.32 11.46
C PRO A 206 -1.33 16.03 11.46
N LEU A 207 -2.66 16.17 11.49
CA LEU A 207 -3.56 15.02 11.48
C LEU A 207 -4.41 14.96 10.22
N VAL A 208 -4.86 13.76 9.87
CA VAL A 208 -5.53 13.53 8.59
C VAL A 208 -6.91 12.96 8.80
N LEU A 209 -7.91 13.56 8.15
CA LEU A 209 -9.28 13.05 8.22
C LEU A 209 -9.61 12.30 6.95
N HIS A 210 -9.81 10.99 7.05
CA HIS A 210 -10.25 10.19 5.90
C HIS A 210 -11.76 10.22 5.87
N GLY A 211 -12.33 9.92 4.71
CA GLY A 211 -13.78 9.81 4.60
C GLY A 211 -14.47 11.14 4.87
N ALA A 212 -13.87 12.22 4.34
CA ALA A 212 -14.31 13.57 4.66
C ALA A 212 -15.25 14.22 3.64
N SER A 213 -15.75 13.46 2.67
CA SER A 213 -16.69 14.07 1.71
C SER A 213 -17.94 14.56 2.43
N ALA A 214 -18.54 15.63 1.92
CA ALA A 214 -19.73 16.23 2.53
C ALA A 214 -21.06 15.84 1.87
N ILE A 215 -20.99 15.37 0.64
CA ILE A 215 -22.17 15.25 -0.24
C ILE A 215 -23.06 16.49 -0.13
N PRO A 216 -22.58 17.62 -0.67
CA PRO A 216 -23.31 18.89 -0.59
C PRO A 216 -24.66 18.83 -1.29
N ASP A 217 -25.58 19.66 -0.82
CA ASP A 217 -26.94 19.67 -1.36
C ASP A 217 -26.99 19.86 -2.86
N ASN A 218 -26.22 20.82 -3.38
CA ASN A 218 -26.29 21.14 -4.81
C ASN A 218 -25.73 19.98 -5.65
N VAL A 219 -24.79 19.25 -5.07
CA VAL A 219 -24.19 18.12 -5.77
C VAL A 219 -25.16 16.95 -5.79
N ARG A 220 -25.72 16.64 -4.63
CA ARG A 220 -26.81 15.66 -4.55
C ARG A 220 -27.92 16.01 -5.55
N LYS A 221 -28.34 17.27 -5.59
CA LYS A 221 -29.43 17.69 -6.47
C LYS A 221 -29.07 17.49 -7.95
N SER A 222 -27.85 17.89 -8.30
CA SER A 222 -27.34 17.67 -9.65
C SER A 222 -27.39 16.22 -10.05
N TYR A 223 -26.94 15.34 -9.15
CA TYR A 223 -26.88 13.92 -9.45
C TYR A 223 -28.31 13.36 -9.58
N LEU A 224 -29.19 13.74 -8.67
CA LEU A 224 -30.55 13.19 -8.69
C LEU A 224 -31.32 13.69 -9.91
N ASP A 225 -31.10 14.95 -10.26
CA ASP A 225 -31.74 15.58 -11.43
C ASP A 225 -31.33 14.85 -12.71
N ALA A 226 -30.13 14.28 -12.70
CA ALA A 226 -29.63 13.60 -13.87
C ALA A 226 -30.01 12.12 -13.85
N GLY A 227 -30.95 11.75 -12.99
CA GLY A 227 -31.45 10.38 -12.97
C GLY A 227 -30.65 9.44 -12.07
N GLY A 228 -29.69 9.99 -11.34
CA GLY A 228 -28.86 9.18 -10.48
C GLY A 228 -29.58 8.71 -9.23
N ASP A 229 -29.04 7.68 -8.59
CA ASP A 229 -29.62 7.11 -7.39
C ASP A 229 -28.65 7.30 -6.22
N LEU A 230 -29.01 8.15 -5.26
CA LEU A 230 -28.18 8.36 -4.06
C LEU A 230 -28.96 8.07 -2.78
N LYS A 231 -29.92 7.16 -2.86
CA LYS A 231 -30.80 6.90 -1.72
C LYS A 231 -30.01 6.50 -0.48
N GLY A 232 -30.24 7.21 0.62
CA GLY A 232 -29.61 6.86 1.88
C GLY A 232 -28.28 7.54 2.14
N SER A 233 -27.78 8.26 1.15
CA SER A 233 -26.43 8.82 1.23
C SER A 233 -26.38 9.98 2.21
N LYS A 234 -25.29 10.08 2.96
CA LYS A 234 -25.08 11.19 3.88
C LYS A 234 -23.58 11.37 4.08
N GLY A 235 -23.10 12.61 3.96
CA GLY A 235 -21.70 12.91 4.15
C GLY A 235 -21.46 13.68 5.43
N VAL A 236 -20.22 14.14 5.62
CA VAL A 236 -19.86 14.90 6.82
C VAL A 236 -20.39 16.32 6.66
N PRO A 237 -21.16 16.80 7.65
CA PRO A 237 -21.64 18.18 7.51
C PRO A 237 -20.50 19.19 7.41
N PHE A 238 -20.70 20.27 6.67
CA PHE A 238 -19.69 21.32 6.56
C PHE A 238 -19.21 21.78 7.95
N GLU A 239 -20.15 22.01 8.86
CA GLU A 239 -19.79 22.50 10.19
C GLU A 239 -18.90 21.51 10.94
N PHE A 240 -19.08 20.23 10.65
CA PHE A 240 -18.24 19.21 11.26
C PHE A 240 -16.85 19.21 10.67
N LEU A 241 -16.74 19.49 9.37
CA LEU A 241 -15.42 19.61 8.76
C LEU A 241 -14.68 20.78 9.38
N GLN A 242 -15.37 21.90 9.61
CA GLN A 242 -14.76 23.06 10.25
C GLN A 242 -14.33 22.76 11.66
N GLU A 243 -15.18 22.05 12.41
CA GLU A 243 -14.86 21.65 13.77
C GLU A 243 -13.62 20.74 13.77
N SER A 244 -13.52 19.88 12.77
CA SER A 244 -12.39 18.94 12.70
C SER A 244 -11.09 19.73 12.54
N VAL A 245 -11.12 20.74 11.68
CA VAL A 245 -9.94 21.56 11.46
C VAL A 245 -9.58 22.34 12.74
N LYS A 246 -10.57 22.89 13.42
CA LYS A 246 -10.29 23.57 14.68
C LYS A 246 -9.67 22.61 15.68
N GLY A 247 -10.06 21.34 15.60
CA GLY A 247 -9.58 20.32 16.51
C GLY A 247 -8.20 19.78 16.14
N GLY A 248 -7.67 20.16 14.98
CA GLY A 248 -6.31 19.79 14.62
C GLY A 248 -6.14 18.97 13.35
N ILE A 249 -7.23 18.68 12.65
CA ILE A 249 -7.12 18.12 11.29
C ILE A 249 -6.51 19.12 10.30
N ASN A 250 -5.43 18.72 9.61
CA ASN A 250 -4.81 19.59 8.62
C ASN A 250 -4.83 19.05 7.18
N LYS A 251 -5.20 17.78 7.01
CA LYS A 251 -5.32 17.20 5.66
C LYS A 251 -6.68 16.52 5.61
N VAL A 252 -7.47 16.84 4.59
CA VAL A 252 -8.87 16.41 4.59
C VAL A 252 -9.13 15.66 3.29
N ASN A 253 -9.19 14.33 3.36
CA ASN A 253 -9.27 13.50 2.16
C ASN A 253 -10.64 13.56 1.55
N THR A 254 -10.69 13.90 0.27
CA THR A 254 -11.96 14.15 -0.39
C THR A 254 -11.93 13.53 -1.78
N ASP A 255 -12.87 12.62 -2.04
CA ASP A 255 -12.89 11.87 -3.29
C ASP A 255 -14.34 11.72 -3.78
N THR A 256 -15.20 11.12 -2.96
CA THR A 256 -16.60 10.88 -3.34
C THR A 256 -17.31 12.14 -3.85
N ASP A 257 -17.16 13.26 -3.17
CA ASP A 257 -17.79 14.51 -3.63
C ASP A 257 -17.40 14.84 -5.05
N LEU A 258 -16.10 14.67 -5.36
CA LEU A 258 -15.60 14.99 -6.68
C LEU A 258 -16.22 14.07 -7.73
N ARG A 259 -16.30 12.78 -7.41
CA ARG A 259 -16.87 11.81 -8.34
C ARG A 259 -18.35 12.12 -8.63
N ILE A 260 -19.15 12.38 -7.59
CA ILE A 260 -20.58 12.57 -7.79
C ILE A 260 -20.81 13.81 -8.67
N ALA A 261 -20.08 14.88 -8.39
CA ALA A 261 -20.26 16.13 -9.13
C ALA A 261 -19.94 15.94 -10.62
N PHE A 262 -18.86 15.22 -10.87
CA PHE A 262 -18.35 15.01 -12.23
C PHE A 262 -19.33 14.12 -13.02
N ILE A 263 -19.71 12.99 -12.44
CA ILE A 263 -20.56 12.04 -13.16
C ILE A 263 -21.99 12.58 -13.33
N ALA A 264 -22.44 13.42 -12.41
CA ALA A 264 -23.75 14.05 -12.56
C ALA A 264 -23.80 14.76 -13.91
N GLU A 265 -22.74 15.49 -14.23
CA GLU A 265 -22.72 16.25 -15.48
C GLU A 265 -22.63 15.34 -16.69
N VAL A 266 -21.90 14.23 -16.54
CA VAL A 266 -21.81 13.24 -17.61
C VAL A 266 -23.19 12.62 -17.86
N ARG A 267 -23.88 12.27 -16.78
CA ARG A 267 -25.22 11.68 -16.89
C ARG A 267 -26.19 12.65 -17.58
N LYS A 268 -26.08 13.93 -17.25
CA LYS A 268 -27.01 14.91 -17.76
C LYS A 268 -26.93 14.97 -19.27
N VAL A 269 -25.73 15.13 -19.81
CA VAL A 269 -25.53 15.13 -21.25
C VAL A 269 -26.01 13.82 -21.89
N ALA A 270 -25.65 12.69 -21.30
CA ALA A 270 -26.07 11.40 -21.84
C ALA A 270 -27.60 11.31 -21.89
N ASN A 271 -28.27 11.81 -20.86
CA ASN A 271 -29.73 11.76 -20.81
C ASN A 271 -30.37 12.61 -21.90
N GLU A 272 -29.80 13.79 -22.12
CA GLU A 272 -30.47 14.83 -22.88
C GLU A 272 -30.24 14.77 -24.39
N ASP A 273 -28.99 14.59 -24.81
CA ASP A 273 -28.67 14.65 -26.24
C ASP A 273 -28.17 13.30 -26.71
N LYS A 274 -29.05 12.51 -27.33
CA LYS A 274 -28.70 11.14 -27.68
C LYS A 274 -27.72 11.08 -28.85
N SER A 275 -27.53 12.18 -29.56
CA SER A 275 -26.64 12.18 -30.71
C SER A 275 -25.24 12.70 -30.36
N GLN A 276 -25.01 13.02 -29.09
CA GLN A 276 -23.76 13.65 -28.67
C GLN A 276 -22.67 12.63 -28.37
N PHE A 277 -21.55 12.68 -29.10
CA PHE A 277 -20.43 11.79 -28.80
C PHE A 277 -19.06 12.47 -28.86
N ASP A 278 -19.07 13.79 -28.81
CA ASP A 278 -17.86 14.57 -28.62
C ASP A 278 -17.51 14.52 -27.13
N LEU A 279 -16.42 13.84 -26.78
CA LEU A 279 -16.02 13.69 -25.37
C LEU A 279 -15.99 15.00 -24.61
N ARG A 280 -15.48 16.04 -25.24
CA ARG A 280 -15.35 17.32 -24.57
C ARG A 280 -16.69 17.89 -24.10
N LYS A 281 -17.78 17.53 -24.79
CA LYS A 281 -19.10 18.05 -24.42
C LYS A 281 -19.62 17.39 -23.16
N PHE A 282 -19.15 16.18 -22.87
CA PHE A 282 -19.45 15.54 -21.59
C PHE A 282 -18.54 16.07 -20.51
N PHE A 283 -17.25 16.21 -20.82
CA PHE A 283 -16.26 16.38 -19.75
C PHE A 283 -15.92 17.81 -19.39
N SER A 284 -16.21 18.77 -20.25
CA SER A 284 -15.99 20.17 -19.89
C SER A 284 -16.94 20.60 -18.76
N PRO A 285 -18.25 20.33 -18.92
CA PRO A 285 -19.19 20.56 -17.82
C PRO A 285 -18.86 19.73 -16.57
N ALA A 286 -18.42 18.50 -16.77
CA ALA A 286 -18.03 17.64 -15.65
C ALA A 286 -16.85 18.24 -14.86
N GLN A 287 -15.85 18.72 -15.58
CA GLN A 287 -14.72 19.39 -14.95
C GLN A 287 -15.17 20.62 -14.17
N LEU A 288 -16.07 21.39 -14.76
CA LEU A 288 -16.48 22.64 -14.12
C LEU A 288 -17.15 22.34 -12.79
N ALA A 289 -18.02 21.34 -12.77
CA ALA A 289 -18.70 20.99 -11.54
C ALA A 289 -17.70 20.49 -10.50
N LEU A 290 -16.72 19.69 -10.93
CA LEU A 290 -15.73 19.17 -9.99
C LEU A 290 -14.91 20.34 -9.45
N LYS A 291 -14.48 21.23 -10.34
CA LYS A 291 -13.69 22.40 -9.94
C LYS A 291 -14.43 23.19 -8.87
N ASN A 292 -15.72 23.43 -9.08
CA ASN A 292 -16.48 24.24 -8.13
C ASN A 292 -16.60 23.57 -6.76
N VAL A 293 -16.72 22.25 -6.74
CA VAL A 293 -16.77 21.53 -5.48
C VAL A 293 -15.47 21.79 -4.71
N VAL A 294 -14.35 21.65 -5.42
CA VAL A 294 -13.04 21.82 -4.80
C VAL A 294 -12.82 23.27 -4.32
N LYS A 295 -13.20 24.24 -5.14
CA LYS A 295 -13.07 25.64 -4.73
C LYS A 295 -13.85 25.95 -3.44
N GLU A 296 -15.10 25.50 -3.36
CA GLU A 296 -15.89 25.74 -2.15
C GLU A 296 -15.27 25.03 -0.95
N ARG A 297 -14.77 23.82 -1.16
CA ARG A 297 -14.13 23.08 -0.09
C ARG A 297 -12.83 23.77 0.38
N MET A 298 -12.06 24.35 -0.54
CA MET A 298 -10.86 25.06 -0.14
C MET A 298 -11.20 26.25 0.79
N LYS A 299 -12.28 26.97 0.46
CA LYS A 299 -12.71 28.09 1.29
C LYS A 299 -13.17 27.60 2.68
N LEU A 300 -13.94 26.52 2.69
CA LEU A 300 -14.45 25.95 3.92
C LEU A 300 -13.34 25.52 4.87
N LEU A 301 -12.33 24.85 4.35
CA LEU A 301 -11.27 24.30 5.22
C LEU A 301 -10.22 25.34 5.57
N GLY A 302 -10.24 26.46 4.85
CA GLY A 302 -9.36 27.58 5.15
C GLY A 302 -8.01 27.61 4.42
N SER A 303 -7.80 26.72 3.46
CA SER A 303 -6.56 26.75 2.69
C SER A 303 -6.65 27.80 1.58
N ALA A 304 -7.85 28.29 1.28
CA ALA A 304 -7.97 29.40 0.34
C ALA A 304 -7.11 30.58 0.80
N ASN A 305 -6.38 31.18 -0.14
CA ASN A 305 -5.61 32.39 0.12
C ASN A 305 -4.45 32.17 1.08
N LYS A 306 -3.85 30.99 1.01
CA LYS A 306 -2.73 30.66 1.88
C LYS A 306 -1.44 30.50 1.07
N ILE A 307 -1.46 30.90 -0.20
CA ILE A 307 -0.23 30.93 -0.99
C ILE A 307 0.50 32.26 -0.77
N MET B 1 54.95 41.32 -26.48
CA MET B 1 55.64 40.19 -27.15
C MET B 1 55.36 38.90 -26.38
N LEU B 2 55.91 37.79 -26.85
CA LEU B 2 55.77 36.50 -26.19
C LEU B 2 56.70 36.43 -24.97
N VAL B 3 56.12 36.22 -23.79
CA VAL B 3 56.86 36.27 -22.53
C VAL B 3 56.45 35.09 -21.63
N LYS B 4 57.27 34.80 -20.63
CA LYS B 4 56.94 33.69 -19.75
C LYS B 4 55.68 34.05 -18.98
N GLY B 5 54.89 33.03 -18.66
CA GLY B 5 53.59 33.23 -18.04
C GLY B 5 53.68 34.05 -16.75
N ASN B 6 54.69 33.77 -15.95
CA ASN B 6 54.77 34.38 -14.64
C ASN B 6 54.98 35.90 -14.73
N GLU B 7 55.54 36.38 -15.84
CA GLU B 7 55.71 37.84 -15.98
C GLU B 7 54.35 38.53 -16.02
N ILE B 8 53.39 37.93 -16.72
CA ILE B 8 52.06 38.53 -16.82
C ILE B 8 51.30 38.32 -15.51
N LEU B 9 51.36 37.12 -14.97
CA LEU B 9 50.53 36.85 -13.78
C LEU B 9 51.07 37.48 -12.50
N LEU B 10 52.38 37.73 -12.42
CA LEU B 10 52.90 38.37 -11.22
C LEU B 10 52.47 39.83 -11.18
N LYS B 11 52.37 40.47 -12.34
CA LYS B 11 51.84 41.82 -12.40
C LYS B 11 50.37 41.85 -11.98
N ALA B 12 49.57 40.91 -12.48
CA ALA B 12 48.16 40.86 -12.11
C ALA B 12 48.00 40.58 -10.61
N HIS B 13 48.86 39.72 -10.08
CA HIS B 13 48.88 39.39 -8.66
C HIS B 13 49.20 40.63 -7.82
N LYS B 14 50.16 41.42 -8.28
CA LYS B 14 50.62 42.59 -7.55
C LYS B 14 49.54 43.67 -7.56
N GLU B 15 48.85 43.82 -8.67
CA GLU B 15 47.90 44.92 -8.85
C GLU B 15 46.46 44.50 -8.58
N GLY B 16 46.24 43.21 -8.37
CA GLY B 16 44.91 42.72 -8.04
C GLY B 16 43.94 42.75 -9.21
N TYR B 17 44.35 42.26 -10.37
CA TYR B 17 43.40 42.04 -11.46
C TYR B 17 43.53 40.62 -12.01
N GLY B 18 42.59 40.22 -12.85
CA GLY B 18 42.66 38.91 -13.47
C GLY B 18 42.91 39.03 -14.95
N VAL B 19 43.64 38.07 -15.50
CA VAL B 19 43.93 38.03 -16.92
C VAL B 19 43.21 36.83 -17.51
N GLY B 20 42.33 37.07 -18.48
CA GLY B 20 41.65 35.98 -19.16
C GLY B 20 42.64 35.10 -19.90
N ALA B 21 42.45 33.79 -19.83
CA ALA B 21 43.30 32.84 -20.54
C ALA B 21 42.39 32.13 -21.53
N PHE B 22 42.59 32.43 -22.81
CA PHE B 22 41.59 32.10 -23.82
C PHE B 22 42.10 30.96 -24.70
N ASN B 23 41.31 29.92 -24.85
CA ASN B 23 41.69 28.79 -25.68
C ASN B 23 41.49 29.08 -27.15
N PHE B 24 42.37 28.55 -27.99
CA PHE B 24 42.17 28.62 -29.43
C PHE B 24 42.40 27.25 -30.08
N VAL B 25 41.77 27.02 -31.22
CA VAL B 25 42.07 25.80 -32.01
C VAL B 25 42.39 26.10 -33.47
N ASN B 26 42.32 27.36 -33.86
CA ASN B 26 42.58 27.72 -35.24
C ASN B 26 42.83 29.21 -35.44
N PHE B 27 43.03 29.63 -36.69
CA PHE B 27 43.38 31.01 -36.94
C PHE B 27 42.26 31.96 -36.52
N GLU B 28 41.02 31.63 -36.83
CA GLU B 28 39.93 32.57 -36.55
C GLU B 28 39.83 32.91 -35.05
N MET B 29 39.93 31.90 -34.19
CA MET B 29 39.85 32.14 -32.76
C MET B 29 41.03 32.99 -32.32
N LEU B 30 42.22 32.66 -32.80
CA LEU B 30 43.42 33.36 -32.37
C LEU B 30 43.40 34.83 -32.79
N ASN B 31 42.99 35.10 -34.03
CA ASN B 31 42.95 36.47 -34.51
C ASN B 31 41.98 37.31 -33.68
N ALA B 32 40.79 36.78 -33.44
CA ALA B 32 39.78 37.48 -32.65
C ALA B 32 40.29 37.80 -31.25
N ILE B 33 41.03 36.87 -30.63
CA ILE B 33 41.57 37.07 -29.28
C ILE B 33 42.59 38.17 -29.25
N PHE B 34 43.51 38.17 -30.21
CA PHE B 34 44.49 39.23 -30.29
C PHE B 34 43.85 40.57 -30.60
N GLU B 35 42.85 40.61 -31.46
CA GLU B 35 42.25 41.89 -31.81
C GLU B 35 41.55 42.48 -30.57
N ALA B 36 40.97 41.60 -29.75
CA ALA B 36 40.36 42.06 -28.49
C ALA B 36 41.41 42.66 -27.59
N GLY B 37 42.53 41.96 -27.43
CA GLY B 37 43.60 42.43 -26.57
C GLY B 37 44.16 43.75 -27.07
N ASN B 38 44.26 43.90 -28.38
CA ASN B 38 44.73 45.16 -28.96
C ASN B 38 43.75 46.31 -28.68
N GLU B 39 42.47 46.00 -28.77
CA GLU B 39 41.44 47.01 -28.67
C GLU B 39 41.17 47.41 -27.22
N GLU B 40 41.47 46.52 -26.27
CA GLU B 40 41.25 46.83 -24.85
C GLU B 40 42.55 47.09 -24.08
N ASN B 41 43.67 47.11 -24.81
CA ASN B 41 44.97 47.36 -24.21
C ASN B 41 45.24 46.37 -23.07
N SER B 42 45.04 45.09 -23.34
CA SER B 42 45.12 44.05 -22.32
C SER B 42 46.16 42.99 -22.64
N PRO B 43 46.92 42.55 -21.63
CA PRO B 43 47.76 41.37 -21.82
C PRO B 43 46.88 40.13 -22.02
N LEU B 44 47.47 39.06 -22.53
CA LEU B 44 46.71 37.88 -22.95
C LEU B 44 47.42 36.61 -22.49
N PHE B 45 46.68 35.63 -21.99
CA PHE B 45 47.14 34.25 -22.01
C PHE B 45 46.43 33.58 -23.17
N ILE B 46 47.20 32.97 -24.07
CA ILE B 46 46.63 32.17 -25.14
C ILE B 46 46.89 30.73 -24.73
N GLN B 47 45.85 29.90 -24.74
CA GLN B 47 45.98 28.53 -24.25
C GLN B 47 45.69 27.56 -25.36
N ALA B 48 46.44 26.48 -25.38
CA ALA B 48 46.13 25.37 -26.25
C ALA B 48 46.04 24.11 -25.40
N SER B 49 44.92 23.40 -25.49
CA SER B 49 44.79 22.11 -24.84
C SER B 49 45.54 21.02 -25.62
N GLU B 50 45.66 19.83 -25.06
CA GLU B 50 46.36 18.75 -25.75
C GLU B 50 45.59 18.36 -27.00
N GLY B 51 44.26 18.41 -26.92
CA GLY B 51 43.43 18.11 -28.06
C GLY B 51 43.57 19.14 -29.16
N ALA B 52 43.64 20.42 -28.78
CA ALA B 52 43.86 21.51 -29.72
C ALA B 52 45.21 21.34 -30.41
N ILE B 53 46.21 20.90 -29.65
CA ILE B 53 47.55 20.75 -30.21
C ILE B 53 47.56 19.60 -31.22
N LYS B 54 46.81 18.54 -30.94
CA LYS B 54 46.69 17.44 -31.87
C LYS B 54 46.00 17.88 -33.17
N TYR B 55 45.00 18.74 -33.04
CA TYR B 55 44.25 19.25 -34.19
C TYR B 55 45.12 20.12 -35.10
N MET B 56 45.85 21.05 -34.49
CA MET B 56 46.65 22.02 -35.23
C MET B 56 48.02 21.49 -35.62
N GLY B 57 48.58 20.64 -34.77
CA GLY B 57 50.01 20.35 -34.79
C GLY B 57 50.73 21.36 -33.90
N ILE B 58 51.61 20.91 -33.00
CA ILE B 58 52.22 21.82 -32.03
C ILE B 58 53.03 22.91 -32.73
N ASP B 59 53.66 22.54 -33.85
CA ASP B 59 54.39 23.47 -34.71
C ASP B 59 53.53 24.63 -35.23
N MET B 60 52.27 24.36 -35.56
CA MET B 60 51.39 25.38 -36.09
C MET B 60 50.82 26.22 -34.96
N ALA B 61 50.49 25.59 -33.83
CA ALA B 61 50.00 26.34 -32.68
C ALA B 61 51.02 27.41 -32.31
N VAL B 62 52.27 26.99 -32.07
CA VAL B 62 53.31 27.96 -31.69
C VAL B 62 53.58 28.95 -32.81
N GLY B 63 53.68 28.45 -34.05
CA GLY B 63 54.00 29.30 -35.18
C GLY B 63 53.00 30.42 -35.41
N MET B 64 51.71 30.11 -35.30
CA MET B 64 50.68 31.10 -35.52
C MET B 64 50.74 32.17 -34.42
N VAL B 65 50.98 31.73 -33.20
CA VAL B 65 51.06 32.67 -32.08
C VAL B 65 52.26 33.61 -32.23
N LYS B 66 53.40 33.08 -32.65
CA LYS B 66 54.56 33.95 -32.86
C LYS B 66 54.30 35.00 -33.94
N ILE B 67 53.60 34.61 -35.01
CA ILE B 67 53.24 35.56 -36.04
C ILE B 67 52.31 36.67 -35.49
N MET B 68 51.35 36.28 -34.67
CA MET B 68 50.41 37.24 -34.11
C MET B 68 51.14 38.18 -33.15
N CYS B 69 52.11 37.65 -32.40
CA CYS B 69 52.89 38.48 -31.47
C CYS B 69 53.72 39.50 -32.22
N GLU B 70 54.27 39.10 -33.37
CA GLU B 70 55.03 40.05 -34.17
C GLU B 70 54.10 41.09 -34.77
N ARG B 71 52.86 40.70 -35.01
CA ARG B 71 51.87 41.63 -35.54
C ARG B 71 51.46 42.65 -34.47
N TYR B 72 51.43 42.22 -33.21
CA TYR B 72 51.03 43.10 -32.10
C TYR B 72 52.08 43.07 -30.99
N PRO B 73 53.26 43.65 -31.25
CA PRO B 73 54.41 43.46 -30.34
C PRO B 73 54.25 44.16 -28.99
N HIS B 74 53.34 45.12 -28.90
CA HIS B 74 53.14 45.84 -27.65
C HIS B 74 52.27 45.07 -26.64
N ILE B 75 51.65 43.98 -27.10
CA ILE B 75 50.80 43.18 -26.20
C ILE B 75 51.62 42.07 -25.55
N PRO B 76 51.74 42.06 -24.20
CA PRO B 76 52.36 40.91 -23.54
C PRO B 76 51.47 39.67 -23.71
N VAL B 77 52.07 38.57 -24.13
CA VAL B 77 51.34 37.35 -24.43
C VAL B 77 52.10 36.16 -23.87
N ALA B 78 51.40 35.27 -23.17
CA ALA B 78 52.00 34.01 -22.78
C ALA B 78 51.28 32.91 -23.55
N LEU B 79 52.03 31.91 -23.99
CA LEU B 79 51.42 30.77 -24.69
C LEU B 79 51.46 29.57 -23.75
N HIS B 80 50.29 29.04 -23.42
CA HIS B 80 50.18 28.15 -22.27
C HIS B 80 49.56 26.82 -22.66
N LEU B 81 50.19 25.73 -22.23
CA LEU B 81 49.65 24.39 -22.43
C LEU B 81 48.62 24.12 -21.35
N ASP B 82 47.38 24.02 -21.77
CA ASP B 82 46.26 23.85 -20.86
C ASP B 82 46.07 22.35 -20.60
N HIS B 83 45.96 21.96 -19.33
CA HIS B 83 45.74 20.56 -18.93
C HIS B 83 46.71 19.57 -19.57
N GLY B 84 48.00 19.81 -19.37
CA GLY B 84 49.00 18.81 -19.71
C GLY B 84 48.83 17.62 -18.79
N THR B 85 48.91 16.42 -19.33
CA THR B 85 48.53 15.24 -18.55
C THR B 85 49.71 14.34 -18.21
N THR B 86 50.86 14.64 -18.78
CA THR B 86 52.07 13.87 -18.56
C THR B 86 53.29 14.77 -18.58
N PHE B 87 54.36 14.29 -17.99
CA PHE B 87 55.64 14.97 -18.05
C PHE B 87 56.06 15.18 -19.51
N GLU B 88 55.89 14.15 -20.33
CA GLU B 88 56.33 14.18 -21.73
C GLU B 88 55.58 15.26 -22.51
N SER B 89 54.30 15.43 -22.18
CA SER B 89 53.50 16.41 -22.89
C SER B 89 54.01 17.80 -22.56
N CYS B 90 54.31 18.04 -21.29
CA CYS B 90 54.85 19.33 -20.89
C CYS B 90 56.22 19.57 -21.53
N GLU B 91 57.02 18.51 -21.60
CA GLU B 91 58.35 18.60 -22.19
C GLU B 91 58.27 19.01 -23.65
N LYS B 92 57.33 18.42 -24.38
CA LYS B 92 57.16 18.73 -25.79
C LYS B 92 56.75 20.19 -25.99
N ALA B 93 55.89 20.69 -25.10
CA ALA B 93 55.41 22.07 -25.20
C ALA B 93 56.59 22.99 -24.93
N VAL B 94 57.42 22.66 -23.95
CA VAL B 94 58.58 23.49 -23.64
C VAL B 94 59.51 23.52 -24.86
N LYS B 95 59.77 22.37 -25.44
CA LYS B 95 60.64 22.28 -26.61
C LYS B 95 60.10 23.10 -27.80
N ALA B 96 58.78 23.14 -27.94
CA ALA B 96 58.15 23.78 -29.10
C ALA B 96 58.12 25.30 -28.97
N GLY B 97 58.28 25.82 -27.75
CA GLY B 97 58.29 27.25 -27.54
C GLY B 97 57.15 27.80 -26.70
N PHE B 98 56.38 26.93 -26.04
CA PHE B 98 55.39 27.42 -25.07
C PHE B 98 56.12 28.14 -23.95
N THR B 99 55.47 29.13 -23.35
CA THR B 99 56.11 29.90 -22.28
C THR B 99 55.45 29.64 -20.93
N SER B 100 54.46 28.75 -20.92
CA SER B 100 53.75 28.38 -19.70
C SER B 100 53.19 26.98 -19.92
N VAL B 101 53.26 26.11 -18.93
CA VAL B 101 52.59 24.80 -19.05
C VAL B 101 51.84 24.43 -17.78
N MET B 102 50.68 23.79 -17.93
CA MET B 102 50.00 23.24 -16.77
C MET B 102 50.25 21.74 -16.73
N ILE B 103 50.70 21.24 -15.59
CA ILE B 103 50.69 19.81 -15.35
C ILE B 103 49.53 19.51 -14.39
N ASP B 104 48.54 18.81 -14.91
CA ASP B 104 47.33 18.51 -14.18
C ASP B 104 47.34 17.08 -13.70
N ALA B 105 47.64 16.91 -12.42
CA ALA B 105 47.61 15.61 -11.79
C ALA B 105 46.71 15.69 -10.56
N SER B 106 45.64 16.47 -10.67
CA SER B 106 44.80 16.78 -9.51
C SER B 106 44.12 15.53 -8.94
N HIS B 107 43.91 14.53 -9.79
CA HIS B 107 43.21 13.32 -9.39
C HIS B 107 44.16 12.27 -8.84
N HIS B 108 45.46 12.56 -8.86
CA HIS B 108 46.42 11.69 -8.20
C HIS B 108 46.43 11.94 -6.69
N ALA B 109 46.92 10.99 -5.91
CA ALA B 109 47.16 11.24 -4.49
C ALA B 109 48.02 12.49 -4.36
N PHE B 110 47.88 13.20 -3.25
CA PHE B 110 48.65 14.43 -3.01
C PHE B 110 50.15 14.23 -3.30
N GLU B 111 50.75 13.19 -2.74
CA GLU B 111 52.20 13.04 -2.88
C GLU B 111 52.61 12.74 -4.32
N GLU B 112 51.75 12.07 -5.08
CA GLU B 112 52.06 11.76 -6.47
C GLU B 112 51.94 13.02 -7.32
N ASN B 113 50.93 13.84 -7.01
CA ASN B 113 50.71 15.09 -7.71
C ASN B 113 51.92 15.96 -7.48
N LEU B 114 52.36 16.01 -6.22
CA LEU B 114 53.48 16.87 -5.84
C LEU B 114 54.78 16.43 -6.51
N GLU B 115 55.04 15.12 -6.48
CA GLU B 115 56.23 14.58 -7.13
C GLU B 115 56.28 14.89 -8.64
N LEU B 116 55.20 14.60 -9.35
CA LEU B 116 55.14 14.85 -10.79
C LEU B 116 55.24 16.35 -11.11
N THR B 117 54.52 17.17 -10.35
CA THR B 117 54.58 18.61 -10.55
C THR B 117 56.01 19.12 -10.33
N SER B 118 56.69 18.62 -9.29
CA SER B 118 58.05 19.06 -8.99
C SER B 118 58.99 18.68 -10.14
N LYS B 119 58.72 17.54 -10.75
CA LYS B 119 59.53 17.05 -11.85
C LYS B 119 59.34 17.94 -13.10
N VAL B 120 58.10 18.29 -13.39
CA VAL B 120 57.79 19.23 -14.44
C VAL B 120 58.42 20.61 -14.15
N VAL B 121 58.35 21.07 -12.90
CA VAL B 121 58.90 22.39 -12.56
C VAL B 121 60.40 22.45 -12.80
N LYS B 122 61.12 21.39 -12.43
CA LYS B 122 62.56 21.38 -12.60
C LYS B 122 62.89 21.52 -14.09
N MET B 123 62.16 20.79 -14.93
CA MET B 123 62.38 20.80 -16.37
C MET B 123 61.99 22.15 -16.98
N ALA B 124 60.84 22.67 -16.57
CA ALA B 124 60.33 23.90 -17.16
C ALA B 124 61.19 25.10 -16.73
N HIS B 125 61.55 25.15 -15.46
CA HIS B 125 62.33 26.29 -14.96
C HIS B 125 63.71 26.31 -15.60
N ASN B 126 64.25 25.13 -15.89
CA ASN B 126 65.51 25.05 -16.61
C ASN B 126 65.43 25.74 -17.97
N ALA B 127 64.23 25.76 -18.55
CA ALA B 127 64.03 26.35 -19.87
C ALA B 127 63.38 27.74 -19.85
N GLY B 128 63.24 28.33 -18.66
CA GLY B 128 62.64 29.65 -18.56
C GLY B 128 61.14 29.65 -18.83
N VAL B 129 60.47 28.54 -18.48
CA VAL B 129 59.03 28.37 -18.69
C VAL B 129 58.31 28.28 -17.35
N SER B 130 57.13 28.91 -17.24
CA SER B 130 56.38 28.91 -15.98
C SER B 130 55.46 27.70 -15.91
N VAL B 131 55.04 27.32 -14.71
CA VAL B 131 54.25 26.09 -14.54
C VAL B 131 53.04 26.34 -13.66
N GLU B 132 51.93 25.73 -14.03
CA GLU B 132 50.69 25.76 -13.27
C GLU B 132 50.39 24.33 -12.83
N ALA B 133 49.82 24.15 -11.64
CA ALA B 133 49.36 22.82 -11.21
C ALA B 133 48.01 22.98 -10.54
N GLU B 134 47.40 21.86 -10.14
CA GLU B 134 46.01 21.89 -9.67
C GLU B 134 45.84 21.08 -8.39
N LEU B 135 45.03 21.60 -7.47
CA LEU B 135 44.65 20.86 -6.27
C LEU B 135 43.14 20.92 -6.09
N GLY B 136 42.55 19.82 -5.64
CA GLY B 136 41.12 19.76 -5.46
C GLY B 136 40.46 19.24 -6.71
N ARG B 137 39.17 18.97 -6.60
CA ARG B 137 38.42 18.40 -7.69
C ARG B 137 37.44 19.43 -8.22
N LEU B 138 37.52 19.70 -9.52
CA LEU B 138 36.69 20.70 -10.15
C LEU B 138 35.26 20.19 -10.32
N MET B 139 34.39 20.51 -9.37
CA MET B 139 32.97 20.19 -9.49
C MET B 139 32.17 21.13 -8.61
N GLY B 140 30.86 21.14 -8.81
CA GLY B 140 29.97 21.96 -8.01
C GLY B 140 29.90 21.53 -6.56
N ILE B 141 29.68 22.51 -5.69
CA ILE B 141 29.54 22.29 -4.25
C ILE B 141 28.20 21.64 -3.94
N ALA B 152 38.99 17.20 0.94
CA ALA B 152 38.07 16.23 0.35
C ALA B 152 37.85 16.53 -1.14
N VAL B 153 36.69 17.12 -1.44
CA VAL B 153 36.38 17.50 -2.81
C VAL B 153 37.22 18.73 -3.19
N LEU B 154 37.01 19.81 -2.46
CA LEU B 154 37.61 21.10 -2.83
C LEU B 154 39.06 21.20 -2.36
N VAL B 155 39.76 22.24 -2.80
CA VAL B 155 41.15 22.42 -2.41
C VAL B 155 41.27 22.44 -0.89
N ASN B 156 42.31 21.79 -0.39
CA ASN B 156 42.65 21.82 1.03
C ASN B 156 43.76 22.86 1.21
N PRO B 157 43.45 24.01 1.83
CA PRO B 157 44.40 25.13 1.89
C PRO B 157 45.75 24.77 2.49
N LYS B 158 45.79 23.83 3.44
CA LYS B 158 47.06 23.43 4.04
C LYS B 158 47.89 22.50 3.13
N GLU B 159 47.22 21.65 2.36
CA GLU B 159 47.89 20.92 1.27
C GLU B 159 48.46 21.92 0.28
N ALA B 160 47.67 22.94 -0.05
CA ALA B 160 48.10 23.94 -1.02
C ALA B 160 49.36 24.64 -0.54
N GLU B 161 49.37 25.02 0.72
CA GLU B 161 50.52 25.69 1.31
C GLU B 161 51.78 24.84 1.12
N GLN B 162 51.70 23.56 1.46
CA GLN B 162 52.88 22.69 1.40
C GLN B 162 53.27 22.39 -0.03
N PHE B 163 52.25 22.24 -0.87
CA PHE B 163 52.44 21.89 -2.28
C PHE B 163 53.22 23.01 -2.95
N VAL B 164 52.83 24.24 -2.68
CA VAL B 164 53.42 25.37 -3.38
C VAL B 164 54.86 25.55 -2.92
N LYS B 165 55.08 25.42 -1.63
CA LYS B 165 56.42 25.59 -1.08
C LYS B 165 57.39 24.52 -1.58
N GLU B 166 56.95 23.27 -1.64
CA GLU B 166 57.85 22.18 -1.98
C GLU B 166 58.07 22.02 -3.49
N SER B 167 57.06 22.36 -4.29
CA SER B 167 57.16 22.20 -5.74
C SER B 167 57.77 23.43 -6.43
N GLN B 168 57.61 24.59 -5.81
CA GLN B 168 57.96 25.87 -6.42
C GLN B 168 57.20 26.16 -7.70
N VAL B 169 56.04 25.56 -7.85
CA VAL B 169 55.16 25.85 -8.97
C VAL B 169 54.85 27.36 -9.00
N ASP B 170 54.66 27.91 -10.19
CA ASP B 170 54.48 29.36 -10.34
C ASP B 170 53.07 29.84 -10.03
N TYR B 171 52.08 29.07 -10.44
CA TYR B 171 50.69 29.39 -10.12
C TYR B 171 49.92 28.12 -9.84
N LEU B 172 48.83 28.26 -9.10
CA LEU B 172 48.07 27.08 -8.67
C LEU B 172 46.61 27.27 -9.03
N ALA B 173 45.95 26.20 -9.44
CA ALA B 173 44.53 26.24 -9.74
C ALA B 173 43.80 25.51 -8.63
N PRO B 174 43.18 26.26 -7.69
CA PRO B 174 42.48 25.64 -6.57
C PRO B 174 41.01 25.43 -6.89
N ALA B 175 40.51 24.22 -6.65
CA ALA B 175 39.10 23.92 -6.87
C ALA B 175 38.27 24.61 -5.79
N ILE B 176 37.41 25.53 -6.20
CA ILE B 176 36.52 26.20 -5.25
C ILE B 176 35.04 26.14 -5.64
N GLY B 177 34.69 25.29 -6.61
CA GLY B 177 33.29 25.05 -6.93
C GLY B 177 32.88 25.29 -8.39
N THR B 178 33.82 25.67 -9.25
CA THR B 178 33.52 25.74 -10.69
C THR B 178 33.70 24.37 -11.32
N SER B 179 33.32 24.27 -12.59
CA SER B 179 33.51 23.04 -13.34
C SER B 179 33.58 23.41 -14.80
N HIS B 180 34.15 22.53 -15.61
CA HIS B 180 34.28 22.80 -17.02
C HIS B 180 32.96 22.73 -17.76
N GLY B 181 32.83 23.53 -18.81
CA GLY B 181 31.72 23.39 -19.74
C GLY B 181 30.51 24.25 -19.41
N ALA B 182 29.46 24.08 -20.20
CA ALA B 182 28.31 24.98 -20.14
C ALA B 182 27.30 24.68 -19.03
N PHE B 183 27.50 23.60 -18.27
CA PHE B 183 26.49 23.15 -17.31
C PHE B 183 27.07 23.13 -15.90
N LYS B 184 27.39 24.31 -15.38
CA LYS B 184 28.19 24.38 -14.15
C LYS B 184 27.35 24.23 -12.89
N PHE B 185 26.09 24.61 -12.97
CA PHE B 185 25.28 24.64 -11.76
C PHE B 185 23.87 24.14 -12.00
N LYS B 186 23.46 23.19 -11.17
CA LYS B 186 22.04 22.90 -10.97
C LYS B 186 21.62 23.73 -9.77
N GLY B 187 20.65 24.61 -9.94
CA GLY B 187 20.29 25.51 -8.87
C GLY B 187 21.27 26.68 -8.81
N GLU B 188 21.26 27.41 -7.71
CA GLU B 188 21.93 28.71 -7.64
C GLU B 188 23.44 28.61 -7.62
N PRO B 189 24.11 29.39 -8.47
CA PRO B 189 25.57 29.36 -8.47
C PRO B 189 26.13 29.63 -7.07
N LYS B 190 27.18 28.92 -6.71
CA LYS B 190 27.81 29.08 -5.40
C LYS B 190 29.28 28.73 -5.52
N LEU B 191 30.16 29.54 -4.94
CA LEU B 191 31.59 29.25 -4.92
C LEU B 191 32.11 29.42 -3.50
N ASP B 192 33.19 28.73 -3.16
CA ASP B 192 33.72 28.81 -1.80
C ASP B 192 34.80 29.90 -1.75
N PHE B 193 34.35 31.15 -1.57
CA PHE B 193 35.30 32.27 -1.58
C PHE B 193 36.15 32.33 -0.31
N GLU B 194 35.62 31.82 0.80
CA GLU B 194 36.38 31.84 2.05
C GLU B 194 37.59 30.92 1.87
N ARG B 195 37.35 29.79 1.21
CA ARG B 195 38.40 28.83 0.90
C ARG B 195 39.44 29.43 -0.05
N LEU B 196 38.97 30.14 -1.07
CA LEU B 196 39.87 30.83 -2.00
C LEU B 196 40.79 31.77 -1.25
N GLN B 197 40.23 32.57 -0.35
CA GLN B 197 41.02 33.58 0.36
C GLN B 197 42.08 32.93 1.25
N GLU B 198 41.75 31.79 1.83
CA GLU B 198 42.71 31.10 2.70
C GLU B 198 43.88 30.50 1.87
N VAL B 199 43.57 29.90 0.73
CA VAL B 199 44.63 29.43 -0.17
C VAL B 199 45.53 30.61 -0.60
N LYS B 200 44.93 31.73 -0.97
CA LYS B 200 45.71 32.89 -1.39
C LYS B 200 46.65 33.36 -0.27
N ARG B 201 46.15 33.42 0.96
CA ARG B 201 46.97 33.85 2.09
C ARG B 201 48.14 32.90 2.31
N LEU B 202 47.88 31.60 2.22
CA LEU B 202 48.88 30.59 2.53
C LEU B 202 49.91 30.37 1.42
N THR B 203 49.56 30.70 0.19
CA THR B 203 50.47 30.45 -0.93
C THR B 203 51.11 31.74 -1.44
N ASN B 204 50.36 32.84 -1.40
CA ASN B 204 50.85 34.11 -1.89
C ASN B 204 51.47 34.02 -3.29
N ILE B 205 50.81 33.30 -4.19
CA ILE B 205 51.21 33.27 -5.59
C ILE B 205 49.98 33.52 -6.43
N PRO B 206 50.18 33.73 -7.74
CA PRO B 206 49.03 33.86 -8.65
C PRO B 206 48.21 32.60 -8.65
N LEU B 207 46.89 32.77 -8.63
CA LEU B 207 45.98 31.63 -8.61
C LEU B 207 45.16 31.58 -9.90
N VAL B 208 44.68 30.39 -10.23
CA VAL B 208 44.05 30.14 -11.52
C VAL B 208 42.63 29.59 -11.34
N LEU B 209 41.65 30.19 -12.01
CA LEU B 209 40.27 29.68 -11.94
C LEU B 209 39.93 28.95 -13.23
N HIS B 210 39.71 27.64 -13.12
CA HIS B 210 39.29 26.85 -14.29
C HIS B 210 37.78 26.91 -14.36
N GLY B 211 37.22 26.56 -15.52
CA GLY B 211 35.77 26.49 -15.68
C GLY B 211 35.11 27.83 -15.44
N ALA B 212 35.73 28.89 -15.95
CA ALA B 212 35.32 30.26 -15.62
C ALA B 212 34.41 30.93 -16.65
N SER B 213 33.88 30.19 -17.63
CA SER B 213 32.96 30.79 -18.59
C SER B 213 31.70 31.27 -17.88
N ALA B 214 31.11 32.35 -18.39
CA ALA B 214 29.94 32.97 -17.79
C ALA B 214 28.62 32.61 -18.48
N ILE B 215 28.71 32.15 -19.72
CA ILE B 215 27.57 32.05 -20.63
C ILE B 215 26.67 33.28 -20.54
N PRO B 216 27.14 34.41 -21.09
CA PRO B 216 26.40 35.67 -20.98
C PRO B 216 25.05 35.64 -21.66
N ASP B 217 24.13 36.48 -21.21
CA ASP B 217 22.78 36.53 -21.78
C ASP B 217 22.79 36.79 -23.29
N ASN B 218 23.57 37.76 -23.76
CA ASN B 218 23.58 38.08 -25.19
C ASN B 218 24.12 36.90 -26.02
N VAL B 219 25.11 36.20 -25.49
CA VAL B 219 25.68 35.03 -26.18
C VAL B 219 24.68 33.86 -26.20
N ARG B 220 24.04 33.60 -25.06
CA ARG B 220 22.97 32.60 -25.01
C ARG B 220 21.87 32.93 -26.01
N LYS B 221 21.47 34.20 -26.05
CA LYS B 221 20.39 34.64 -26.95
C LYS B 221 20.79 34.45 -28.41
N SER B 222 22.03 34.80 -28.75
CA SER B 222 22.52 34.62 -30.11
C SER B 222 22.49 33.15 -30.52
N TYR B 223 22.90 32.28 -29.61
CA TYR B 223 22.96 30.86 -29.92
C TYR B 223 21.53 30.31 -30.06
N LEU B 224 20.64 30.69 -29.16
CA LEU B 224 19.27 30.20 -29.19
C LEU B 224 18.54 30.70 -30.44
N ASP B 225 18.72 31.97 -30.77
CA ASP B 225 18.10 32.57 -31.94
C ASP B 225 18.51 31.82 -33.22
N ALA B 226 19.74 31.31 -33.25
CA ALA B 226 20.24 30.63 -34.43
C ALA B 226 19.84 29.16 -34.44
N GLY B 227 18.91 28.79 -33.56
CA GLY B 227 18.40 27.44 -33.53
C GLY B 227 19.17 26.48 -32.64
N GLY B 228 20.16 26.99 -31.91
CA GLY B 228 20.97 26.15 -31.03
C GLY B 228 20.22 25.70 -29.80
N ASP B 229 20.74 24.67 -29.13
CA ASP B 229 20.17 24.16 -27.89
C ASP B 229 21.14 24.33 -26.72
N LEU B 230 20.72 25.10 -25.72
CA LEU B 230 21.52 25.29 -24.51
C LEU B 230 20.71 24.95 -23.25
N LYS B 231 19.72 24.08 -23.38
CA LYS B 231 18.86 23.78 -22.25
C LYS B 231 19.66 23.38 -21.02
N GLY B 232 19.41 24.06 -19.90
CA GLY B 232 20.01 23.70 -18.63
C GLY B 232 21.36 24.37 -18.35
N SER B 233 21.89 25.08 -19.34
CA SER B 233 23.24 25.63 -19.21
C SER B 233 23.26 26.80 -18.22
N LYS B 234 24.32 26.87 -17.43
CA LYS B 234 24.51 27.97 -16.49
C LYS B 234 26.02 28.18 -16.29
N GLY B 235 26.49 29.41 -16.45
CA GLY B 235 27.90 29.73 -16.28
C GLY B 235 28.13 30.44 -14.95
N VAL B 236 29.37 30.87 -14.69
CA VAL B 236 29.68 31.63 -13.49
C VAL B 236 29.19 33.06 -13.68
N PRO B 237 28.37 33.57 -12.74
CA PRO B 237 27.92 34.96 -12.80
C PRO B 237 29.08 35.94 -12.89
N PHE B 238 28.90 37.02 -13.65
CA PHE B 238 29.92 38.06 -13.76
C PHE B 238 30.39 38.51 -12.36
N GLU B 239 29.45 38.74 -11.46
CA GLU B 239 29.81 39.22 -10.13
C GLU B 239 30.68 38.22 -9.38
N PHE B 240 30.52 36.93 -9.65
CA PHE B 240 31.34 35.92 -9.00
C PHE B 240 32.73 35.90 -9.59
N LEU B 241 32.84 36.17 -10.89
CA LEU B 241 34.17 36.26 -11.51
C LEU B 241 34.90 37.43 -10.86
N GLN B 242 34.21 38.55 -10.70
CA GLN B 242 34.80 39.73 -10.07
C GLN B 242 35.24 39.44 -8.63
N GLU B 243 34.38 38.74 -7.87
CA GLU B 243 34.71 38.35 -6.50
C GLU B 243 35.90 37.40 -6.47
N SER B 244 36.00 36.53 -7.46
CA SER B 244 37.12 35.59 -7.52
C SER B 244 38.42 36.37 -7.65
N VAL B 245 38.41 37.39 -8.52
CA VAL B 245 39.60 38.23 -8.73
C VAL B 245 39.95 38.98 -7.44
N LYS B 246 38.95 39.52 -6.76
CA LYS B 246 39.22 40.19 -5.50
C LYS B 246 39.83 39.22 -4.47
N GLY B 247 39.43 37.95 -4.54
CA GLY B 247 39.93 36.95 -3.62
C GLY B 247 41.30 36.39 -4.00
N GLY B 248 41.82 36.80 -5.16
CA GLY B 248 43.18 36.43 -5.53
C GLY B 248 43.34 35.59 -6.80
N ILE B 249 42.26 35.33 -7.53
CA ILE B 249 42.38 34.73 -8.86
C ILE B 249 43.02 35.71 -9.85
N ASN B 250 44.07 35.29 -10.56
CA ASN B 250 44.75 36.17 -11.51
C ASN B 250 44.76 35.64 -12.94
N LYS B 251 44.38 34.38 -13.11
CA LYS B 251 44.29 33.78 -14.44
C LYS B 251 42.92 33.12 -14.52
N VAL B 252 42.13 33.48 -15.52
CA VAL B 252 40.75 33.06 -15.58
C VAL B 252 40.51 32.31 -16.89
N ASN B 253 40.48 30.99 -16.83
CA ASN B 253 40.34 30.14 -18.02
C ASN B 253 38.97 30.23 -18.65
N THR B 254 38.93 30.54 -19.94
CA THR B 254 37.69 30.86 -20.61
C THR B 254 37.74 30.26 -22.01
N ASP B 255 36.83 29.31 -22.28
CA ASP B 255 36.81 28.60 -23.54
C ASP B 255 35.38 28.44 -24.06
N THR B 256 34.50 27.85 -23.26
CA THR B 256 33.10 27.65 -23.65
C THR B 256 32.40 28.91 -24.17
N ASP B 257 32.56 30.03 -23.48
CA ASP B 257 31.93 31.27 -23.93
C ASP B 257 32.35 31.59 -25.34
N LEU B 258 33.64 31.40 -25.62
CA LEU B 258 34.20 31.68 -26.92
C LEU B 258 33.58 30.82 -28.01
N ARG B 259 33.42 29.52 -27.73
CA ARG B 259 32.86 28.58 -28.70
C ARG B 259 31.39 28.91 -29.01
N ILE B 260 30.60 29.16 -27.97
CA ILE B 260 29.19 29.41 -28.17
C ILE B 260 29.00 30.65 -29.05
N ALA B 261 29.76 31.71 -28.75
CA ALA B 261 29.60 32.97 -29.48
C ALA B 261 29.93 32.79 -30.95
N PHE B 262 31.02 32.06 -31.19
CA PHE B 262 31.52 31.83 -32.54
C PHE B 262 30.52 30.99 -33.33
N ILE B 263 30.13 29.86 -32.77
CA ILE B 263 29.27 28.92 -33.48
C ILE B 263 27.87 29.48 -33.68
N ALA B 264 27.42 30.33 -32.77
CA ALA B 264 26.14 31.00 -32.96
C ALA B 264 26.12 31.72 -34.30
N GLU B 265 27.23 32.39 -34.64
CA GLU B 265 27.27 33.18 -35.86
C GLU B 265 27.36 32.28 -37.09
N VAL B 266 28.12 31.19 -36.96
CA VAL B 266 28.22 30.19 -38.02
C VAL B 266 26.83 29.61 -38.31
N ARG B 267 26.10 29.27 -37.25
CA ARG B 267 24.75 28.72 -37.40
C ARG B 267 23.83 29.71 -38.11
N LYS B 268 23.95 30.99 -37.74
CA LYS B 268 23.06 32.00 -38.28
C LYS B 268 23.31 32.18 -39.77
N VAL B 269 24.58 32.30 -40.17
CA VAL B 269 24.90 32.46 -41.57
C VAL B 269 24.38 31.27 -42.38
N ALA B 270 24.57 30.06 -41.85
CA ALA B 270 24.08 28.84 -42.51
C ALA B 270 22.56 28.89 -42.66
N ASN B 271 21.89 29.40 -41.64
CA ASN B 271 20.43 29.47 -41.62
C ASN B 271 19.86 30.44 -42.63
N GLU B 272 20.53 31.58 -42.78
CA GLU B 272 19.94 32.71 -43.45
C GLU B 272 20.32 32.83 -44.93
N ASP B 273 21.21 31.96 -45.40
CA ASP B 273 21.56 31.96 -46.82
C ASP B 273 22.02 30.57 -47.22
N LYS B 274 21.13 29.80 -47.82
CA LYS B 274 21.44 28.42 -48.13
C LYS B 274 22.47 28.29 -49.26
N SER B 275 22.65 29.35 -50.04
CA SER B 275 23.62 29.33 -51.15
C SER B 275 25.01 29.78 -50.72
N GLN B 276 25.20 30.11 -49.44
CA GLN B 276 26.45 30.70 -49.00
C GLN B 276 27.52 29.64 -48.74
N PHE B 277 28.67 29.75 -49.42
CA PHE B 277 29.78 28.85 -49.10
C PHE B 277 31.16 29.51 -49.14
N ASP B 278 31.18 30.83 -49.14
CA ASP B 278 32.41 31.58 -48.89
C ASP B 278 32.70 31.43 -47.39
N LEU B 279 33.83 30.78 -47.05
CA LEU B 279 34.17 30.58 -45.64
C LEU B 279 34.25 31.89 -44.88
N ARG B 280 34.74 32.94 -45.53
CA ARG B 280 34.89 34.23 -44.87
C ARG B 280 33.54 34.81 -44.43
N LYS B 281 32.47 34.48 -45.14
CA LYS B 281 31.13 34.99 -44.79
C LYS B 281 30.61 34.32 -43.53
N PHE B 282 31.08 33.12 -43.26
CA PHE B 282 30.76 32.44 -42.02
C PHE B 282 31.63 32.92 -40.87
N PHE B 283 32.93 33.07 -41.11
CA PHE B 283 33.88 33.24 -40.02
C PHE B 283 34.22 34.68 -39.64
N SER B 284 33.91 35.65 -40.49
CA SER B 284 34.12 37.04 -40.11
C SER B 284 33.13 37.44 -39.01
N PRO B 285 31.82 37.19 -39.21
CA PRO B 285 30.88 37.47 -38.12
C PRO B 285 31.20 36.66 -36.88
N ALA B 286 31.59 35.40 -37.07
CA ALA B 286 31.94 34.56 -35.94
C ALA B 286 33.12 35.14 -35.17
N GLN B 287 34.14 35.63 -35.88
CA GLN B 287 35.28 36.28 -35.23
C GLN B 287 34.86 37.52 -34.44
N LEU B 288 34.01 38.34 -35.05
CA LEU B 288 33.54 39.55 -34.38
C LEU B 288 32.84 39.20 -33.06
N ALA B 289 31.97 38.19 -33.09
CA ALA B 289 31.23 37.84 -31.88
C ALA B 289 32.20 37.34 -30.81
N LEU B 290 33.17 36.52 -31.21
CA LEU B 290 34.16 36.00 -30.26
C LEU B 290 34.99 37.16 -29.70
N LYS B 291 35.46 38.03 -30.58
CA LYS B 291 36.27 39.18 -30.17
C LYS B 291 35.50 39.97 -29.11
N ASN B 292 34.21 40.19 -29.34
CA ASN B 292 33.43 41.02 -28.40
C ASN B 292 33.26 40.35 -27.03
N VAL B 293 33.09 39.04 -27.01
CA VAL B 293 33.04 38.32 -25.73
C VAL B 293 34.34 38.53 -24.95
N VAL B 294 35.47 38.42 -25.65
CA VAL B 294 36.78 38.56 -25.00
C VAL B 294 36.99 40.01 -24.52
N LYS B 295 36.65 40.99 -25.35
CA LYS B 295 36.79 42.38 -24.94
C LYS B 295 35.99 42.68 -23.66
N GLU B 296 34.73 42.23 -23.60
CA GLU B 296 33.94 42.47 -22.40
C GLU B 296 34.54 41.75 -21.20
N ARG B 297 35.06 40.55 -21.42
CA ARG B 297 35.68 39.80 -20.33
C ARG B 297 36.95 40.49 -19.83
N MET B 298 37.76 41.05 -20.72
CA MET B 298 38.95 41.79 -20.27
C MET B 298 38.56 42.98 -19.36
N LYS B 299 37.51 43.71 -19.72
CA LYS B 299 37.08 44.83 -18.89
C LYS B 299 36.58 44.33 -17.53
N LEU B 300 35.81 43.26 -17.52
CA LEU B 300 35.28 42.70 -16.30
C LEU B 300 36.37 42.25 -15.33
N LEU B 301 37.38 41.55 -15.84
CA LEU B 301 38.40 40.97 -14.98
C LEU B 301 39.45 41.98 -14.56
N GLY B 302 39.51 43.11 -15.26
CA GLY B 302 40.40 44.21 -14.90
C GLY B 302 41.72 44.28 -15.66
N SER B 303 41.91 43.40 -16.64
CA SER B 303 43.14 43.42 -17.42
C SER B 303 43.09 44.48 -18.52
N ALA B 304 41.90 45.01 -18.82
CA ALA B 304 41.80 46.13 -19.77
C ALA B 304 42.66 47.28 -19.29
N ASN B 305 43.41 47.87 -20.22
CA ASN B 305 44.21 49.07 -19.96
C ASN B 305 45.34 48.80 -18.98
N LYS B 306 45.93 47.61 -19.10
CA LYS B 306 47.05 47.24 -18.25
C LYS B 306 48.35 47.08 -19.04
N ILE B 307 48.36 47.49 -20.31
CA ILE B 307 49.60 47.53 -21.07
C ILE B 307 50.29 48.87 -20.85
N MET C 1 18.72 -9.54 0.59
CA MET C 1 18.12 -10.62 -0.23
C MET C 1 18.52 -10.42 -1.69
N LEU C 2 18.13 -11.35 -2.55
CA LEU C 2 18.38 -11.25 -3.99
C LEU C 2 17.41 -10.25 -4.63
N VAL C 3 17.95 -9.19 -5.23
CA VAL C 3 17.14 -8.09 -5.73
C VAL C 3 17.58 -7.68 -7.13
N LYS C 4 16.73 -6.98 -7.87
CA LYS C 4 17.11 -6.63 -9.22
C LYS C 4 18.26 -5.62 -9.17
N GLY C 5 19.13 -5.69 -10.17
CA GLY C 5 20.37 -4.92 -10.15
C GLY C 5 20.14 -3.44 -9.90
N ASN C 6 19.11 -2.90 -10.52
CA ASN C 6 18.85 -1.45 -10.47
C ASN C 6 18.54 -0.97 -9.05
N GLU C 7 18.06 -1.87 -8.20
CA GLU C 7 17.75 -1.43 -6.83
C GLU C 7 19.04 -1.07 -6.11
N ILE C 8 20.08 -1.86 -6.32
CA ILE C 8 21.34 -1.60 -5.66
C ILE C 8 22.06 -0.42 -6.32
N LEU C 9 22.08 -0.38 -7.65
CA LEU C 9 22.83 0.68 -8.32
C LEU C 9 22.14 2.04 -8.29
N LEU C 10 20.81 2.08 -8.16
CA LEU C 10 20.16 3.39 -8.10
C LEU C 10 20.45 4.06 -6.76
N LYS C 11 20.53 3.26 -5.69
CA LYS C 11 20.96 3.79 -4.39
C LYS C 11 22.39 4.32 -4.46
N ALA C 12 23.30 3.57 -5.08
CA ALA C 12 24.68 4.02 -5.19
C ALA C 12 24.78 5.28 -6.04
N HIS C 13 23.95 5.36 -7.07
CA HIS C 13 23.87 6.54 -7.95
C HIS C 13 23.42 7.78 -7.18
N LYS C 14 22.42 7.60 -6.33
CA LYS C 14 21.84 8.69 -5.54
C LYS C 14 22.82 9.18 -4.49
N GLU C 15 23.55 8.25 -3.89
CA GLU C 15 24.42 8.57 -2.76
C GLU C 15 25.87 8.79 -3.17
N GLY C 16 26.20 8.50 -4.43
CA GLY C 16 27.54 8.73 -4.95
C GLY C 16 28.58 7.77 -4.40
N TYR C 17 28.28 6.48 -4.37
CA TYR C 17 29.32 5.48 -4.08
C TYR C 17 29.33 4.43 -5.17
N GLY C 18 30.36 3.60 -5.18
CA GLY C 18 30.43 2.52 -6.13
C GLY C 18 30.27 1.18 -5.44
N VAL C 19 29.71 0.21 -6.16
CA VAL C 19 29.47 -1.13 -5.62
C VAL C 19 30.34 -2.10 -6.41
N GLY C 20 31.21 -2.83 -5.73
CA GLY C 20 32.04 -3.82 -6.38
C GLY C 20 31.17 -4.90 -6.99
N ALA C 21 31.49 -5.33 -8.21
CA ALA C 21 30.78 -6.42 -8.85
C ALA C 21 31.81 -7.50 -9.05
N PHE C 22 31.68 -8.58 -8.28
CA PHE C 22 32.74 -9.55 -8.16
C PHE C 22 32.37 -10.85 -8.85
N ASN C 23 33.24 -11.32 -9.72
CA ASN C 23 33.03 -12.58 -10.42
C ASN C 23 33.31 -13.78 -9.54
N PHE C 24 32.52 -14.84 -9.74
CA PHE C 24 32.81 -16.11 -9.07
C PHE C 24 32.72 -17.25 -10.07
N VAL C 25 33.42 -18.34 -9.80
CA VAL C 25 33.28 -19.52 -10.63
C VAL C 25 33.06 -20.79 -9.80
N ASN C 26 33.03 -20.64 -8.49
CA ASN C 26 32.80 -21.79 -7.62
C ASN C 26 32.42 -21.40 -6.21
N PHE C 27 32.26 -22.40 -5.34
CA PHE C 27 31.80 -22.13 -3.99
C PHE C 27 32.79 -21.27 -3.20
N GLU C 28 34.08 -21.58 -3.30
CA GLU C 28 35.06 -20.85 -2.50
C GLU C 28 35.04 -19.35 -2.78
N MET C 29 34.98 -18.97 -4.06
CA MET C 29 34.96 -17.55 -4.40
C MET C 29 33.69 -16.92 -3.85
N LEU C 30 32.56 -17.58 -4.08
CA LEU C 30 31.28 -17.04 -3.68
C LEU C 30 31.21 -16.83 -2.17
N ASN C 31 31.67 -17.79 -1.40
CA ASN C 31 31.61 -17.71 0.06
C ASN C 31 32.44 -16.53 0.57
N ALA C 32 33.66 -16.41 0.05
CA ALA C 32 34.57 -15.34 0.46
C ALA C 32 33.94 -13.96 0.17
N ILE C 33 33.28 -13.83 -0.98
CA ILE C 33 32.64 -12.57 -1.37
C ILE C 33 31.51 -12.24 -0.42
N PHE C 34 30.69 -13.22 -0.10
CA PHE C 34 29.60 -12.99 0.84
C PHE C 34 30.09 -12.67 2.26
N GLU C 35 31.14 -13.33 2.72
CA GLU C 35 31.64 -13.05 4.06
C GLU C 35 32.20 -11.63 4.10
N ALA C 36 32.82 -11.20 3.00
CA ALA C 36 33.29 -9.83 2.89
C ALA C 36 32.13 -8.85 3.02
N GLY C 37 31.06 -9.08 2.28
CA GLY C 37 29.92 -8.19 2.31
C GLY C 37 29.29 -8.15 3.69
N ASN C 38 29.24 -9.29 4.35
CA ASN C 38 28.70 -9.36 5.71
C ASN C 38 29.57 -8.59 6.69
N GLU C 39 30.88 -8.69 6.52
CA GLU C 39 31.80 -8.11 7.49
C GLU C 39 31.96 -6.61 7.29
N GLU C 40 31.69 -6.13 6.08
CA GLU C 40 31.80 -4.69 5.80
C GLU C 40 30.44 -4.02 5.63
N ASN C 41 29.35 -4.76 5.89
CA ASN C 41 28.01 -4.19 5.77
C ASN C 41 27.77 -3.58 4.40
N SER C 42 28.14 -4.31 3.35
CA SER C 42 28.08 -3.81 1.99
C SER C 42 27.13 -4.63 1.12
N PRO C 43 26.35 -3.94 0.28
CA PRO C 43 25.64 -4.63 -0.80
C PRO C 43 26.62 -5.25 -1.79
N LEU C 44 26.15 -6.19 -2.59
CA LEU C 44 27.03 -6.99 -3.45
C LEU C 44 26.43 -7.16 -4.83
N PHE C 45 27.21 -6.96 -5.88
CA PHE C 45 26.90 -7.53 -7.18
C PHE C 45 27.74 -8.77 -7.29
N ILE C 46 27.11 -9.90 -7.53
CA ILE C 46 27.83 -11.13 -7.81
C ILE C 46 27.64 -11.39 -9.31
N GLN C 47 28.75 -11.66 -10.00
CA GLN C 47 28.74 -11.77 -11.47
C GLN C 47 29.16 -13.14 -11.91
N ALA C 48 28.49 -13.65 -12.94
CA ALA C 48 28.91 -14.88 -13.60
C ALA C 48 29.10 -14.58 -15.08
N SER C 49 30.29 -14.86 -15.60
CA SER C 49 30.53 -14.74 -17.03
C SER C 49 29.92 -15.95 -17.76
N GLU C 50 29.86 -15.88 -19.08
CA GLU C 50 29.31 -17.01 -19.83
C GLU C 50 30.19 -18.24 -19.63
N GLY C 51 31.50 -18.01 -19.52
CA GLY C 51 32.43 -19.10 -19.31
C GLY C 51 32.25 -19.71 -17.92
N ALA C 52 31.97 -18.86 -16.94
CA ALA C 52 31.73 -19.32 -15.59
C ALA C 52 30.44 -20.16 -15.53
N ILE C 53 29.44 -19.74 -16.30
CA ILE C 53 28.17 -20.45 -16.31
C ILE C 53 28.34 -21.81 -16.97
N LYS C 54 29.16 -21.87 -18.00
CA LYS C 54 29.46 -23.16 -18.63
C LYS C 54 30.19 -24.09 -17.63
N TYR C 55 31.10 -23.52 -16.86
CA TYR C 55 31.85 -24.29 -15.86
C TYR C 55 30.96 -24.87 -14.75
N MET C 56 30.10 -24.02 -14.19
CA MET C 56 29.27 -24.41 -13.06
C MET C 56 27.99 -25.08 -13.47
N GLY C 57 27.45 -24.68 -14.62
CA GLY C 57 26.07 -24.96 -14.97
C GLY C 57 25.20 -23.83 -14.43
N ILE C 58 24.30 -23.29 -15.25
CA ILE C 58 23.58 -22.09 -14.87
C ILE C 58 22.72 -22.37 -13.63
N ASP C 59 22.23 -23.60 -13.54
CA ASP C 59 21.46 -24.09 -12.38
C ASP C 59 22.23 -24.00 -11.06
N MET C 60 23.51 -24.34 -11.10
CA MET C 60 24.32 -24.35 -9.90
C MET C 60 24.74 -22.92 -9.56
N ALA C 61 25.00 -22.10 -10.58
CA ALA C 61 25.38 -20.71 -10.36
C ALA C 61 24.25 -20.00 -9.57
N VAL C 62 23.03 -20.05 -10.11
CA VAL C 62 21.89 -19.41 -9.42
C VAL C 62 21.61 -20.09 -8.09
N GLY C 63 21.60 -21.43 -8.07
CA GLY C 63 21.29 -22.17 -6.86
C GLY C 63 22.20 -21.86 -5.68
N MET C 64 23.50 -21.78 -5.93
CA MET C 64 24.46 -21.48 -4.87
C MET C 64 24.25 -20.05 -4.35
N VAL C 65 23.94 -19.15 -5.27
CA VAL C 65 23.74 -17.76 -4.87
C VAL C 65 22.48 -17.64 -4.02
N LYS C 66 21.43 -18.36 -4.40
CA LYS C 66 20.20 -18.27 -3.60
C LYS C 66 20.43 -18.81 -2.19
N ILE C 67 21.24 -19.85 -2.08
CA ILE C 67 21.54 -20.42 -0.78
C ILE C 67 22.34 -19.41 0.06
N MET C 68 23.32 -18.77 -0.55
CA MET C 68 24.10 -17.78 0.16
C MET C 68 23.23 -16.60 0.59
N CYS C 69 22.27 -16.22 -0.25
CA CYS C 69 21.35 -15.11 0.07
C CYS C 69 20.46 -15.45 1.26
N GLU C 70 20.03 -16.70 1.35
CA GLU C 70 19.25 -17.14 2.51
C GLU C 70 20.13 -17.13 3.76
N ARG C 71 21.42 -17.40 3.59
CA ARG C 71 22.35 -17.43 4.69
C ARG C 71 22.61 -16.01 5.23
N TYR C 72 22.59 -15.02 4.33
CA TYR C 72 22.82 -13.62 4.70
C TYR C 72 21.71 -12.71 4.18
N PRO C 73 20.49 -12.85 4.73
CA PRO C 73 19.31 -12.17 4.18
C PRO C 73 19.37 -10.64 4.25
N HIS C 74 20.15 -10.09 5.17
CA HIS C 74 20.24 -8.65 5.31
C HIS C 74 21.11 -7.98 4.23
N ILE C 75 21.84 -8.77 3.45
CA ILE C 75 22.70 -8.18 2.42
C ILE C 75 21.96 -8.10 1.09
N PRO C 76 21.77 -6.88 0.56
CA PRO C 76 21.19 -6.78 -0.80
C PRO C 76 22.18 -7.38 -1.80
N VAL C 77 21.71 -8.25 -2.67
CA VAL C 77 22.60 -8.93 -3.61
C VAL C 77 21.93 -8.98 -4.97
N ALA C 78 22.66 -8.62 -6.02
CA ALA C 78 22.14 -8.82 -7.37
C ALA C 78 22.99 -9.86 -8.04
N LEU C 79 22.37 -10.74 -8.81
CA LEU C 79 23.11 -11.76 -9.56
C LEU C 79 23.13 -11.36 -11.04
N HIS C 80 24.31 -11.18 -11.60
CA HIS C 80 24.46 -10.46 -12.85
C HIS C 80 25.20 -11.28 -13.89
N LEU C 81 24.63 -11.38 -15.08
CA LEU C 81 25.30 -12.04 -16.20
C LEU C 81 26.30 -11.08 -16.80
N ASP C 82 27.58 -11.39 -16.65
CA ASP C 82 28.64 -10.54 -17.11
C ASP C 82 28.94 -10.89 -18.58
N HIS C 83 29.06 -9.87 -19.42
CA HIS C 83 29.36 -10.01 -20.84
C HIS C 83 28.51 -11.07 -21.57
N GLY C 84 27.19 -10.90 -21.50
CA GLY C 84 26.30 -11.69 -22.33
C GLY C 84 26.52 -11.30 -23.78
N THR C 85 26.59 -12.29 -24.67
CA THR C 85 27.01 -12.02 -26.04
C THR C 85 25.89 -12.19 -27.05
N THR C 86 24.76 -12.74 -26.62
CA THR C 86 23.62 -12.91 -27.50
C THR C 86 22.34 -12.65 -26.72
N PHE C 87 21.27 -12.41 -27.46
CA PHE C 87 19.95 -12.29 -26.88
C PHE C 87 19.61 -13.58 -26.14
N GLU C 88 19.91 -14.71 -26.75
CA GLU C 88 19.55 -16.01 -26.19
C GLU C 88 20.28 -16.27 -24.89
N SER C 89 21.50 -15.76 -24.77
CA SER C 89 22.26 -15.95 -23.53
C SER C 89 21.58 -15.17 -22.41
N CYS C 90 21.16 -13.95 -22.74
CA CYS C 90 20.48 -13.10 -21.75
C CYS C 90 19.13 -13.72 -21.39
N GLU C 91 18.43 -14.25 -22.37
CA GLU C 91 17.14 -14.88 -22.14
C GLU C 91 17.30 -16.04 -21.17
N LYS C 92 18.35 -16.84 -21.34
CA LYS C 92 18.58 -18.00 -20.48
C LYS C 92 18.87 -17.58 -19.05
N ALA C 93 19.60 -16.48 -18.88
CA ALA C 93 19.95 -16.02 -17.55
C ALA C 93 18.67 -15.51 -16.87
N VAL C 94 17.84 -14.78 -17.62
CA VAL C 94 16.59 -14.28 -17.05
C VAL C 94 15.75 -15.48 -16.59
N LYS C 95 15.65 -16.48 -17.45
CA LYS C 95 14.85 -17.66 -17.12
C LYS C 95 15.36 -18.38 -15.86
N ALA C 96 16.68 -18.41 -15.69
CA ALA C 96 17.30 -19.18 -14.60
C ALA C 96 17.20 -18.45 -13.25
N GLY C 97 16.99 -17.14 -13.28
CA GLY C 97 16.82 -16.39 -12.05
C GLY C 97 17.84 -15.28 -11.82
N PHE C 98 18.63 -14.93 -12.82
CA PHE C 98 19.51 -13.76 -12.69
C PHE C 98 18.66 -12.52 -12.52
N THR C 99 19.18 -11.52 -11.80
CA THR C 99 18.41 -10.30 -11.58
C THR C 99 19.02 -9.12 -12.33
N SER C 100 20.10 -9.36 -13.07
CA SER C 100 20.71 -8.35 -13.90
C SER C 100 21.40 -9.07 -15.06
N VAL C 101 21.37 -8.50 -16.26
CA VAL C 101 22.19 -9.07 -17.36
C VAL C 101 22.88 -7.98 -18.15
N MET C 102 24.08 -8.27 -18.64
CA MET C 102 24.76 -7.36 -19.53
C MET C 102 24.62 -7.92 -20.93
N ILE C 103 24.15 -7.11 -21.86
CA ILE C 103 24.28 -7.44 -23.27
C ILE C 103 25.42 -6.59 -23.86
N ASP C 104 26.50 -7.26 -24.23
CA ASP C 104 27.69 -6.59 -24.73
C ASP C 104 27.77 -6.74 -26.23
N ALA C 105 27.43 -5.66 -26.92
CA ALA C 105 27.53 -5.61 -28.36
C ALA C 105 28.34 -4.36 -28.72
N SER C 106 29.33 -4.06 -27.90
CA SER C 106 30.06 -2.80 -28.03
C SER C 106 30.81 -2.71 -29.35
N HIS C 107 31.16 -3.87 -29.90
CA HIS C 107 31.96 -3.90 -31.12
C HIS C 107 31.10 -3.89 -32.38
N HIS C 108 29.77 -3.91 -32.22
CA HIS C 108 28.88 -3.79 -33.37
C HIS C 108 28.74 -2.31 -33.72
N ALA C 109 28.24 -2.01 -34.92
CA ALA C 109 27.89 -0.63 -35.27
C ALA C 109 26.92 -0.09 -34.24
N PHE C 110 26.95 1.23 -34.03
CA PHE C 110 26.08 1.87 -33.04
C PHE C 110 24.63 1.41 -33.19
N GLU C 111 24.11 1.46 -34.41
CA GLU C 111 22.70 1.15 -34.61
C GLU C 111 22.38 -0.32 -34.32
N GLU C 112 23.33 -1.20 -34.55
CA GLU C 112 23.13 -2.62 -34.30
C GLU C 112 23.20 -2.90 -32.79
N ASN C 113 24.13 -2.23 -32.11
CA ASN C 113 24.24 -2.33 -30.65
C ASN C 113 22.92 -1.86 -30.04
N LEU C 114 22.42 -0.74 -30.52
CA LEU C 114 21.21 -0.16 -29.97
C LEU C 114 20.00 -1.09 -30.17
N GLU C 115 19.87 -1.63 -31.39
CA GLU C 115 18.76 -2.54 -31.70
C GLU C 115 18.76 -3.82 -30.84
N LEU C 116 19.91 -4.47 -30.72
CA LEU C 116 20.03 -5.68 -29.92
C LEU C 116 19.82 -5.39 -28.44
N THR C 117 20.43 -4.32 -27.95
CA THR C 117 20.23 -3.91 -26.57
C THR C 117 18.75 -3.65 -26.26
N SER C 118 18.06 -2.97 -27.17
CA SER C 118 16.64 -2.64 -26.95
C SER C 118 15.80 -3.92 -26.89
N LYS C 119 16.21 -4.90 -27.68
CA LYS C 119 15.52 -6.19 -27.72
C LYS C 119 15.72 -6.94 -26.42
N VAL C 120 16.94 -6.90 -25.88
CA VAL C 120 17.22 -7.49 -24.58
C VAL C 120 16.46 -6.75 -23.46
N VAL C 121 16.42 -5.42 -23.54
CA VAL C 121 15.75 -4.65 -22.50
C VAL C 121 14.27 -4.99 -22.46
N LYS C 122 13.68 -5.16 -23.63
CA LYS C 122 12.25 -5.43 -23.66
C LYS C 122 11.97 -6.74 -22.94
N MET C 123 12.78 -7.76 -23.23
CA MET C 123 12.63 -9.09 -22.63
C MET C 123 12.92 -9.05 -21.12
N ALA C 124 14.01 -8.40 -20.73
CA ALA C 124 14.43 -8.40 -19.34
C ALA C 124 13.46 -7.59 -18.47
N HIS C 125 13.01 -6.45 -18.98
CA HIS C 125 12.09 -5.61 -18.21
C HIS C 125 10.77 -6.32 -18.00
N ASN C 126 10.34 -7.07 -19.00
CA ASN C 126 9.15 -7.90 -18.86
C ASN C 126 9.26 -8.88 -17.69
N ALA C 127 10.48 -9.30 -17.37
CA ALA C 127 10.72 -10.26 -16.30
C ALA C 127 11.21 -9.63 -14.98
N GLY C 128 11.23 -8.30 -14.91
CA GLY C 128 11.70 -7.64 -13.70
C GLY C 128 13.20 -7.74 -13.52
N VAL C 129 13.92 -7.74 -14.64
CA VAL C 129 15.38 -7.89 -14.62
C VAL C 129 16.04 -6.65 -15.20
N SER C 130 17.14 -6.19 -14.59
CA SER C 130 17.83 -4.97 -15.02
C SER C 130 18.83 -5.31 -16.11
N VAL C 131 19.20 -4.31 -16.92
CA VAL C 131 20.08 -4.56 -18.07
C VAL C 131 21.23 -3.56 -18.13
N GLU C 132 22.41 -4.06 -18.46
CA GLU C 132 23.61 -3.25 -18.69
C GLU C 132 24.02 -3.40 -20.16
N ALA C 133 24.51 -2.32 -20.76
CA ALA C 133 25.06 -2.41 -22.10
C ALA C 133 26.36 -1.60 -22.13
N GLU C 134 27.06 -1.62 -23.26
CA GLU C 134 28.41 -1.04 -23.34
C GLU C 134 28.58 -0.18 -24.59
N LEU C 135 29.31 0.92 -24.46
CA LEU C 135 29.67 1.76 -25.61
C LEU C 135 31.14 2.12 -25.54
N GLY C 136 31.80 2.14 -26.69
CA GLY C 136 33.22 2.42 -26.73
C GLY C 136 34.02 1.15 -26.68
N ARG C 137 35.32 1.28 -26.90
CA ARG C 137 36.19 0.13 -26.92
C ARG C 137 37.09 0.13 -25.71
N LEU C 138 37.03 -0.95 -24.94
CA LEU C 138 37.86 -1.10 -23.75
C LEU C 138 39.33 -1.32 -24.11
N MET C 139 40.10 -0.24 -24.13
CA MET C 139 41.55 -0.33 -24.28
C MET C 139 42.20 0.90 -23.69
N GLY C 140 43.51 0.85 -23.52
CA GLY C 140 44.26 2.00 -23.00
C GLY C 140 44.24 3.18 -23.94
N ILE C 141 44.42 4.37 -23.36
CA ILE C 141 44.48 5.61 -24.12
C ILE C 141 45.88 5.77 -24.73
N ALA C 152 34.74 8.04 -31.05
CA ALA C 152 35.72 7.35 -31.88
C ALA C 152 36.09 5.98 -31.31
N VAL C 153 37.14 5.95 -30.49
CA VAL C 153 37.57 4.73 -29.83
C VAL C 153 36.88 4.61 -28.48
N LEU C 154 37.08 5.62 -27.64
CA LEU C 154 36.44 5.67 -26.32
C LEU C 154 34.97 6.00 -26.50
N VAL C 155 34.19 5.94 -25.42
CA VAL C 155 32.78 6.22 -25.53
C VAL C 155 32.56 7.61 -26.12
N ASN C 156 31.55 7.73 -26.98
CA ASN C 156 31.15 9.02 -27.53
C ASN C 156 29.95 9.51 -26.72
N PRO C 157 30.11 10.57 -25.93
CA PRO C 157 29.03 10.93 -25.00
C PRO C 157 27.67 11.21 -25.65
N LYS C 158 27.67 11.79 -26.86
CA LYS C 158 26.41 12.05 -27.54
C LYS C 158 25.75 10.75 -28.04
N GLU C 159 26.57 9.76 -28.43
CA GLU C 159 26.02 8.42 -28.70
C GLU C 159 25.41 7.87 -27.42
N ALA C 160 26.13 8.01 -26.31
CA ALA C 160 25.65 7.44 -25.05
C ALA C 160 24.32 8.07 -24.69
N GLU C 161 24.19 9.38 -24.91
CA GLU C 161 22.95 10.07 -24.56
C GLU C 161 21.78 9.49 -25.32
N GLN C 162 21.96 9.31 -26.64
CA GLN C 162 20.90 8.79 -27.48
C GLN C 162 20.62 7.32 -27.19
N PHE C 163 21.69 6.57 -26.96
CA PHE C 163 21.59 5.13 -26.74
C PHE C 163 20.76 4.86 -25.48
N VAL C 164 21.04 5.61 -24.43
CA VAL C 164 20.38 5.38 -23.16
C VAL C 164 18.90 5.76 -23.25
N LYS C 165 18.61 6.90 -23.87
CA LYS C 165 17.24 7.36 -24.02
C LYS C 165 16.41 6.38 -24.84
N GLU C 166 16.95 5.86 -25.94
CA GLU C 166 16.14 5.05 -26.86
C GLU C 166 16.02 3.59 -26.43
N SER C 167 17.04 3.08 -25.74
CA SER C 167 17.04 1.67 -25.34
C SER C 167 16.38 1.46 -23.98
N GLN C 168 16.40 2.49 -23.14
CA GLN C 168 15.97 2.39 -21.74
C GLN C 168 16.79 1.41 -20.93
N VAL C 169 18.03 1.19 -21.34
CA VAL C 169 18.92 0.33 -20.57
C VAL C 169 19.08 0.93 -19.17
N ASP C 170 19.29 0.08 -18.16
CA ASP C 170 19.33 0.54 -16.78
C ASP C 170 20.68 1.13 -16.38
N TYR C 171 21.76 0.54 -16.86
CA TYR C 171 23.08 1.09 -16.61
C TYR C 171 23.98 0.90 -17.82
N LEU C 172 24.98 1.75 -17.96
CA LEU C 172 25.82 1.75 -19.15
C LEU C 172 27.29 1.64 -18.75
N ALA C 173 28.06 0.89 -19.52
CA ALA C 173 29.49 0.75 -19.30
C ALA C 173 30.21 1.56 -20.38
N PRO C 174 30.70 2.75 -20.03
CA PRO C 174 31.40 3.62 -21.00
C PRO C 174 32.90 3.35 -20.96
N ALA C 175 33.49 3.09 -22.12
CA ALA C 175 34.94 2.92 -22.21
C ALA C 175 35.66 4.26 -21.99
N ILE C 176 36.48 4.34 -20.95
CA ILE C 176 37.23 5.56 -20.67
C ILE C 176 38.73 5.31 -20.46
N GLY C 177 39.20 4.12 -20.80
CA GLY C 177 40.63 3.85 -20.81
C GLY C 177 41.11 2.66 -20.00
N THR C 178 40.19 1.93 -19.34
CA THR C 178 40.55 0.68 -18.68
C THR C 178 40.53 -0.45 -19.71
N SER C 179 40.97 -1.63 -19.28
CA SER C 179 40.91 -2.82 -20.12
C SER C 179 40.94 -4.04 -19.21
N HIS C 180 40.54 -5.17 -19.74
CA HIS C 180 40.45 -6.38 -18.94
C HIS C 180 41.82 -6.97 -18.64
N GLY C 181 41.94 -7.62 -17.48
CA GLY C 181 43.14 -8.40 -17.18
C GLY C 181 44.21 -7.65 -16.41
N ALA C 182 45.34 -8.31 -16.18
CA ALA C 182 46.37 -7.80 -15.27
C ALA C 182 47.35 -6.81 -15.94
N PHE C 183 47.20 -6.57 -17.24
CA PHE C 183 48.16 -5.76 -17.98
C PHE C 183 47.50 -4.56 -18.63
N LYS C 184 47.03 -3.64 -17.78
CA LYS C 184 46.16 -2.58 -18.27
C LYS C 184 46.91 -1.39 -18.86
N PHE C 185 48.15 -1.17 -18.41
CA PHE C 185 48.87 0.03 -18.80
C PHE C 185 50.35 -0.24 -19.07
N LYS C 186 50.80 0.16 -20.25
CA LYS C 186 52.23 0.35 -20.48
C LYS C 186 52.50 1.81 -20.17
N GLY C 187 53.41 2.08 -19.25
CA GLY C 187 53.63 3.45 -18.83
C GLY C 187 52.56 3.86 -17.83
N GLU C 188 52.43 5.17 -17.61
CA GLU C 188 51.63 5.69 -16.49
C GLU C 188 50.13 5.52 -16.72
N PRO C 189 49.44 4.99 -15.70
CA PRO C 189 47.98 4.86 -15.83
C PRO C 189 47.33 6.18 -16.19
N LYS C 190 46.34 6.14 -17.08
CA LYS C 190 45.60 7.34 -17.47
C LYS C 190 44.18 6.96 -17.82
N LEU C 191 43.20 7.70 -17.29
CA LEU C 191 41.80 7.49 -17.66
C LEU C 191 41.18 8.82 -18.08
N ASP C 192 40.11 8.76 -18.88
CA ASP C 192 39.53 9.98 -19.41
C ASP C 192 38.37 10.37 -18.53
N PHE C 193 38.68 11.05 -17.42
CA PHE C 193 37.63 11.39 -16.46
C PHE C 193 36.72 12.50 -16.96
N GLU C 194 37.23 13.36 -17.86
CA GLU C 194 36.38 14.43 -18.40
C GLU C 194 35.28 13.79 -19.24
N ARG C 195 35.66 12.77 -20.00
CA ARG C 195 34.72 12.06 -20.84
C ARG C 195 33.69 11.33 -19.98
N LEU C 196 34.15 10.74 -18.88
CA LEU C 196 33.25 10.06 -17.95
C LEU C 196 32.20 11.02 -17.41
N GLN C 197 32.65 12.20 -16.99
CA GLN C 197 31.73 13.18 -16.39
C GLN C 197 30.69 13.66 -17.39
N GLU C 198 31.07 13.75 -18.66
CA GLU C 198 30.13 14.18 -19.68
C GLU C 198 29.10 13.07 -19.98
N VAL C 199 29.55 11.81 -20.03
CA VAL C 199 28.60 10.72 -20.18
C VAL C 199 27.62 10.72 -19.01
N LYS C 200 28.11 10.94 -17.80
CA LYS C 200 27.25 10.90 -16.62
C LYS C 200 26.20 11.99 -16.67
N ARG C 201 26.62 13.20 -17.05
CA ARG C 201 25.70 14.35 -17.16
C ARG C 201 24.61 14.06 -18.18
N LEU C 202 24.99 13.48 -19.30
CA LEU C 202 24.06 13.29 -20.42
C LEU C 202 23.12 12.10 -20.24
N THR C 203 23.52 11.12 -19.44
CA THR C 203 22.72 9.93 -19.29
C THR C 203 21.97 9.94 -17.95
N ASN C 204 22.59 10.47 -16.92
CA ASN C 204 22.02 10.47 -15.57
C ASN C 204 21.50 9.09 -15.15
N ILE C 205 22.28 8.05 -15.42
CA ILE C 205 21.97 6.72 -14.92
C ILE C 205 23.23 6.14 -14.29
N PRO C 206 23.09 5.01 -13.58
CA PRO C 206 24.28 4.37 -13.02
C PRO C 206 25.23 3.94 -14.13
N LEU C 207 26.52 4.12 -13.90
CA LEU C 207 27.53 3.77 -14.87
C LEU C 207 28.42 2.66 -14.36
N VAL C 208 29.03 1.93 -15.30
CA VAL C 208 29.74 0.71 -14.99
C VAL C 208 31.18 0.78 -15.49
N LEU C 209 32.14 0.47 -14.63
CA LEU C 209 33.54 0.51 -15.04
C LEU C 209 34.02 -0.92 -15.16
N HIS C 210 34.34 -1.34 -16.39
CA HIS C 210 34.93 -2.66 -16.60
C HIS C 210 36.43 -2.62 -16.41
N GLY C 211 37.05 -3.77 -16.19
CA GLY C 211 38.50 -3.86 -16.13
C GLY C 211 39.04 -3.02 -14.98
N ALA C 212 38.37 -3.11 -13.83
CA ALA C 212 38.66 -2.20 -12.71
C ALA C 212 39.57 -2.78 -11.62
N SER C 213 40.19 -3.93 -11.86
CA SER C 213 41.11 -4.50 -10.87
C SER C 213 42.30 -3.56 -10.66
N ALA C 214 42.82 -3.55 -9.43
CA ALA C 214 43.91 -2.64 -9.02
C ALA C 214 45.28 -3.31 -9.01
N ILE C 215 45.30 -4.63 -8.88
CA ILE C 215 46.50 -5.39 -8.56
C ILE C 215 47.26 -4.74 -7.40
N PRO C 216 46.70 -4.85 -6.19
CA PRO C 216 47.28 -4.17 -5.03
C PRO C 216 48.68 -4.67 -4.70
N ASP C 217 49.48 -3.84 -4.04
CA ASP C 217 50.86 -4.22 -3.71
C ASP C 217 50.92 -5.50 -2.89
N ASN C 218 50.09 -5.62 -1.87
CA ASN C 218 50.15 -6.79 -1.01
C ASN C 218 49.79 -8.07 -1.78
N VAL C 219 48.84 -7.96 -2.70
CA VAL C 219 48.41 -9.09 -3.52
C VAL C 219 49.50 -9.52 -4.51
N ARG C 220 50.12 -8.55 -5.17
CA ARG C 220 51.24 -8.82 -6.08
C ARG C 220 52.38 -9.49 -5.32
N LYS C 221 52.68 -9.00 -4.14
CA LYS C 221 53.77 -9.54 -3.33
C LYS C 221 53.48 -10.98 -2.92
N SER C 222 52.24 -11.24 -2.52
CA SER C 222 51.85 -12.60 -2.15
C SER C 222 52.02 -13.54 -3.33
N TYR C 223 51.63 -13.08 -4.51
CA TYR C 223 51.71 -13.92 -5.69
C TYR C 223 53.17 -14.17 -6.06
N LEU C 224 54.00 -13.13 -6.01
CA LEU C 224 55.41 -13.28 -6.39
C LEU C 224 56.18 -14.11 -5.37
N ASP C 225 55.87 -13.94 -4.10
CA ASP C 225 56.51 -14.70 -3.03
C ASP C 225 56.22 -16.18 -3.19
N ALA C 226 55.08 -16.49 -3.79
CA ALA C 226 54.67 -17.88 -3.96
C ALA C 226 55.23 -18.45 -5.26
N GLY C 227 56.12 -17.72 -5.90
CA GLY C 227 56.78 -18.18 -7.11
C GLY C 227 56.05 -17.79 -8.38
N GLY C 228 54.95 -17.04 -8.26
CA GLY C 228 54.18 -16.62 -9.40
C GLY C 228 54.91 -15.61 -10.28
N ASP C 229 54.40 -15.42 -11.49
CA ASP C 229 54.95 -14.46 -12.44
C ASP C 229 53.91 -13.42 -12.84
N LEU C 230 54.19 -12.15 -12.57
CA LEU C 230 53.30 -11.06 -12.96
C LEU C 230 54.09 -9.96 -13.66
N LYS C 231 55.16 -10.31 -14.37
CA LYS C 231 55.99 -9.29 -15.00
C LYS C 231 55.16 -8.39 -15.91
N GLY C 232 55.30 -7.08 -15.72
CA GLY C 232 54.64 -6.12 -16.59
C GLY C 232 53.21 -5.78 -16.18
N SER C 233 52.68 -6.42 -15.15
CA SER C 233 51.28 -6.18 -14.78
C SER C 233 51.11 -4.81 -14.12
N LYS C 234 50.01 -4.14 -14.43
CA LYS C 234 49.64 -2.90 -13.76
C LYS C 234 48.11 -2.81 -13.75
N GLY C 235 47.53 -2.50 -12.59
CA GLY C 235 46.09 -2.35 -12.47
C GLY C 235 45.71 -0.88 -12.37
N VAL C 236 44.43 -0.61 -12.12
CA VAL C 236 43.97 0.77 -11.93
C VAL C 236 44.34 1.23 -10.52
N PRO C 237 45.06 2.35 -10.41
CA PRO C 237 45.42 2.82 -9.07
C PRO C 237 44.19 3.07 -8.19
N PHE C 238 44.34 2.85 -6.90
CA PHE C 238 43.23 3.07 -5.95
C PHE C 238 42.62 4.46 -6.14
N GLU C 239 43.47 5.47 -6.27
CA GLU C 239 42.99 6.84 -6.38
C GLU C 239 42.16 7.02 -7.64
N PHE C 240 42.49 6.28 -8.69
CA PHE C 240 41.72 6.38 -9.93
C PHE C 240 40.36 5.71 -9.82
N LEU C 241 40.26 4.64 -9.04
CA LEU C 241 38.96 4.03 -8.79
C LEU C 241 38.09 5.02 -8.02
N GLN C 242 38.68 5.66 -7.01
CA GLN C 242 37.93 6.66 -6.23
C GLN C 242 37.47 7.82 -7.12
N GLU C 243 38.38 8.31 -7.96
CA GLU C 243 38.02 9.38 -8.89
C GLU C 243 36.90 8.93 -9.83
N SER C 244 36.93 7.66 -10.22
CA SER C 244 35.91 7.13 -11.11
C SER C 244 34.55 7.20 -10.43
N VAL C 245 34.51 6.81 -9.16
CA VAL C 245 33.25 6.82 -8.42
C VAL C 245 32.75 8.26 -8.29
N LYS C 246 33.65 9.20 -8.01
CA LYS C 246 33.24 10.59 -7.90
C LYS C 246 32.66 11.12 -9.22
N GLY C 247 33.15 10.59 -10.34
CA GLY C 247 32.70 11.05 -11.65
C GLY C 247 31.43 10.34 -12.12
N GLY C 248 30.97 9.37 -11.33
CA GLY C 248 29.68 8.75 -11.60
C GLY C 248 29.67 7.24 -11.86
N ILE C 249 30.80 6.57 -11.70
CA ILE C 249 30.81 5.10 -11.73
C ILE C 249 30.14 4.53 -10.47
N ASN C 250 29.18 3.61 -10.64
CA ASN C 250 28.47 3.02 -9.51
C ASN C 250 28.60 1.51 -9.42
N LYS C 251 29.09 0.88 -10.49
CA LYS C 251 29.33 -0.57 -10.45
C LYS C 251 30.76 -0.78 -10.94
N VAL C 252 31.55 -1.54 -10.19
CA VAL C 252 32.99 -1.60 -10.47
C VAL C 252 33.38 -3.05 -10.62
N ASN C 253 33.50 -3.50 -11.86
CA ASN C 253 33.80 -4.91 -12.16
C ASN C 253 35.22 -5.32 -11.77
N THR C 254 35.31 -6.36 -10.96
CA THR C 254 36.55 -6.75 -10.32
C THR C 254 36.63 -8.28 -10.29
N ASP C 255 37.60 -8.82 -11.01
CA ASP C 255 37.76 -10.27 -11.16
C ASP C 255 39.23 -10.66 -10.99
N THR C 256 40.11 -10.04 -11.76
CA THR C 256 41.54 -10.40 -11.73
C THR C 256 42.16 -10.30 -10.34
N ASP C 257 41.86 -9.25 -9.61
CA ASP C 257 42.39 -9.10 -8.26
C ASP C 257 42.05 -10.29 -7.41
N LEU C 258 40.80 -10.76 -7.55
CA LEU C 258 40.31 -11.88 -6.79
C LEU C 258 41.07 -13.16 -7.14
N ARG C 259 41.32 -13.37 -8.44
CA ARG C 259 41.99 -14.59 -8.88
C ARG C 259 43.42 -14.63 -8.35
N ILE C 260 44.15 -13.53 -8.53
CA ILE C 260 45.54 -13.49 -8.10
C ILE C 260 45.66 -13.77 -6.61
N ALA C 261 44.80 -13.14 -5.80
CA ALA C 261 44.89 -13.30 -4.35
C ALA C 261 44.64 -14.75 -3.96
N PHE C 262 43.64 -15.34 -4.59
CA PHE C 262 43.25 -16.72 -4.32
C PHE C 262 44.40 -17.67 -4.70
N ILE C 263 44.84 -17.58 -5.94
CA ILE C 263 45.82 -18.53 -6.44
C ILE C 263 47.18 -18.36 -5.74
N ALA C 264 47.49 -17.15 -5.29
CA ALA C 264 48.74 -16.97 -4.55
C ALA C 264 48.76 -17.92 -3.36
N GLU C 265 47.61 -18.04 -2.68
CA GLU C 265 47.57 -18.86 -1.45
C GLU C 265 47.63 -20.34 -1.79
N VAL C 266 47.01 -20.72 -2.91
CA VAL C 266 47.06 -22.09 -3.40
C VAL C 266 48.51 -22.46 -3.72
N ARG C 267 49.19 -21.55 -4.40
CA ARG C 267 50.59 -21.78 -4.76
C ARG C 267 51.43 -21.90 -3.51
N LYS C 268 51.12 -21.08 -2.50
CA LYS C 268 51.94 -21.10 -1.29
C LYS C 268 51.78 -22.44 -0.56
N VAL C 269 50.55 -22.90 -0.40
CA VAL C 269 50.33 -24.18 0.29
C VAL C 269 51.01 -25.32 -0.46
N ALA C 270 50.86 -25.34 -1.78
CA ALA C 270 51.55 -26.33 -2.62
C ALA C 270 53.07 -26.27 -2.39
N ASN C 271 53.61 -25.06 -2.29
CA ASN C 271 55.06 -24.86 -2.11
C ASN C 271 55.59 -25.34 -0.79
N GLU C 272 54.81 -25.16 0.26
CA GLU C 272 55.33 -25.29 1.61
C GLU C 272 55.08 -26.65 2.24
N ASP C 273 54.22 -27.46 1.63
CA ASP C 273 53.97 -28.80 2.17
C ASP C 273 53.66 -29.76 1.03
N LYS C 274 54.67 -30.50 0.57
CA LYS C 274 54.49 -31.37 -0.57
C LYS C 274 53.59 -32.57 -0.27
N SER C 275 53.39 -32.87 1.00
CA SER C 275 52.52 -33.99 1.39
C SER C 275 51.07 -33.56 1.55
N GLN C 276 50.76 -32.29 1.27
CA GLN C 276 49.42 -31.77 1.56
C GLN C 276 48.44 -32.04 0.42
N PHE C 277 47.32 -32.72 0.71
CA PHE C 277 46.29 -32.87 -0.31
C PHE C 277 44.86 -32.76 0.23
N ASP C 278 44.70 -32.21 1.43
CA ASP C 278 43.39 -31.83 1.93
C ASP C 278 42.99 -30.56 1.19
N LEU C 279 41.92 -30.62 0.41
CA LEU C 279 41.49 -29.46 -0.37
C LEU C 279 41.27 -28.24 0.50
N ARG C 280 40.73 -28.45 1.70
CA ARG C 280 40.41 -27.34 2.59
C ARG C 280 41.66 -26.61 3.04
N LYS C 281 42.80 -27.31 3.09
CA LYS C 281 44.06 -26.70 3.50
C LYS C 281 44.58 -25.73 2.45
N PHE C 282 44.23 -25.99 1.19
CA PHE C 282 44.56 -25.06 0.12
C PHE C 282 43.56 -23.91 0.06
N PHE C 283 42.28 -24.21 0.19
CA PHE C 283 41.26 -23.22 -0.13
C PHE C 283 40.77 -22.34 1.03
N SER C 284 41.03 -22.73 2.26
CA SER C 284 40.67 -21.85 3.38
C SER C 284 41.55 -20.60 3.38
N PRO C 285 42.89 -20.77 3.24
CA PRO C 285 43.72 -19.55 3.15
C PRO C 285 43.40 -18.77 1.89
N ALA C 286 43.12 -19.49 0.80
CA ALA C 286 42.79 -18.83 -0.46
C ALA C 286 41.51 -17.99 -0.30
N GLN C 287 40.51 -18.52 0.38
CA GLN C 287 39.27 -17.78 0.62
C GLN C 287 39.54 -16.54 1.46
N LEU C 288 40.38 -16.68 2.48
CA LEU C 288 40.67 -15.56 3.36
C LEU C 288 41.33 -14.42 2.56
N ALA C 289 42.27 -14.76 1.69
CA ALA C 289 42.99 -13.74 0.94
C ALA C 289 42.01 -13.02 -0.01
N LEU C 290 41.12 -13.80 -0.64
CA LEU C 290 40.14 -13.22 -1.56
C LEU C 290 39.18 -12.33 -0.78
N LYS C 291 38.70 -12.82 0.36
CA LYS C 291 37.78 -12.06 1.20
C LYS C 291 38.41 -10.71 1.57
N ASN C 292 39.68 -10.72 1.96
CA ASN C 292 40.32 -9.47 2.38
C ASN C 292 40.46 -8.47 1.22
N VAL C 293 40.76 -8.96 0.02
CA VAL C 293 40.78 -8.09 -1.14
C VAL C 293 39.41 -7.43 -1.36
N VAL C 294 38.34 -8.20 -1.24
CA VAL C 294 37.00 -7.67 -1.45
C VAL C 294 36.62 -6.69 -0.33
N LYS C 295 36.92 -7.02 0.92
CA LYS C 295 36.62 -6.08 2.02
C LYS C 295 37.31 -4.72 1.82
N GLU C 296 38.59 -4.73 1.46
CA GLU C 296 39.29 -3.47 1.25
C GLU C 296 38.69 -2.71 0.07
N ARG C 297 38.33 -3.42 -0.99
CA ARG C 297 37.69 -2.77 -2.14
C ARG C 297 36.34 -2.15 -1.78
N MET C 298 35.55 -2.82 -0.94
CA MET C 298 34.26 -2.25 -0.53
C MET C 298 34.46 -0.94 0.22
N LYS C 299 35.47 -0.89 1.07
CA LYS C 299 35.75 0.35 1.80
C LYS C 299 36.20 1.46 0.84
N LEU C 300 37.05 1.10 -0.10
CA LEU C 300 37.60 2.05 -1.04
C LEU C 300 36.51 2.67 -1.91
N LEU C 301 35.58 1.83 -2.38
CA LEU C 301 34.55 2.29 -3.31
C LEU C 301 33.41 3.00 -2.62
N GLY C 302 33.30 2.81 -1.29
CA GLY C 302 32.29 3.50 -0.51
C GLY C 302 31.01 2.71 -0.21
N SER C 303 30.97 1.45 -0.64
CA SER C 303 29.79 0.61 -0.41
C SER C 303 29.80 0.00 0.99
N ALA C 304 30.95 0.07 1.67
CA ALA C 304 31.01 -0.36 3.06
C ALA C 304 30.01 0.44 3.89
N ASN C 305 29.28 -0.25 4.76
CA ASN C 305 28.37 0.39 5.69
C ASN C 305 27.23 1.08 4.99
N LYS C 306 26.74 0.48 3.92
CA LYS C 306 25.61 1.04 3.19
C LYS C 306 24.38 0.13 3.30
N ILE C 307 24.45 -0.90 4.14
CA ILE C 307 23.28 -1.72 4.42
C ILE C 307 22.42 -1.07 5.48
N MET D 1 -30.41 -26.09 20.97
CA MET D 1 -30.91 -27.27 20.20
C MET D 1 -30.54 -27.12 18.73
N LEU D 2 -30.92 -28.08 17.89
CA LEU D 2 -30.68 -27.99 16.46
C LEU D 2 -31.69 -27.00 15.86
N VAL D 3 -31.20 -25.94 15.23
CA VAL D 3 -32.06 -24.86 14.75
C VAL D 3 -31.65 -24.44 13.32
N LYS D 4 -32.50 -23.73 12.61
CA LYS D 4 -32.17 -23.28 11.26
C LYS D 4 -30.94 -22.36 11.34
N GLY D 5 -30.09 -22.43 10.32
CA GLY D 5 -28.85 -21.67 10.33
C GLY D 5 -29.09 -20.18 10.53
N ASN D 6 -30.12 -19.65 9.89
CA ASN D 6 -30.40 -18.22 9.94
C ASN D 6 -30.72 -17.74 11.37
N GLU D 7 -31.21 -18.62 12.25
CA GLU D 7 -31.48 -18.16 13.62
C GLU D 7 -30.19 -17.80 14.32
N ILE D 8 -29.16 -18.62 14.13
CA ILE D 8 -27.88 -18.38 14.77
C ILE D 8 -27.20 -17.19 14.10
N LEU D 9 -27.23 -17.15 12.76
CA LEU D 9 -26.50 -16.08 12.08
C LEU D 9 -27.17 -14.72 12.13
N LEU D 10 -28.50 -14.66 12.27
CA LEU D 10 -29.15 -13.37 12.35
C LEU D 10 -28.83 -12.71 13.68
N LYS D 11 -28.68 -13.52 14.73
CA LYS D 11 -28.27 -12.99 16.03
C LYS D 11 -26.84 -12.47 15.94
N ALA D 12 -25.94 -13.24 15.33
CA ALA D 12 -24.56 -12.79 15.17
C ALA D 12 -24.51 -11.49 14.36
N HIS D 13 -25.34 -11.41 13.32
CA HIS D 13 -25.43 -10.23 12.46
C HIS D 13 -25.87 -8.99 13.25
N LYS D 14 -26.87 -9.17 14.11
CA LYS D 14 -27.43 -8.06 14.86
C LYS D 14 -26.45 -7.57 15.91
N GLU D 15 -25.71 -8.48 16.52
CA GLU D 15 -24.81 -8.14 17.62
C GLU D 15 -23.37 -7.91 17.18
N GLY D 16 -23.06 -8.27 15.93
CA GLY D 16 -21.73 -8.04 15.41
C GLY D 16 -20.68 -9.00 15.94
N TYR D 17 -20.99 -10.29 15.99
CA TYR D 17 -19.95 -11.27 16.24
C TYR D 17 -19.91 -12.30 15.13
N GLY D 18 -18.86 -13.10 15.11
CA GLY D 18 -18.76 -14.21 14.16
C GLY D 18 -18.94 -15.55 14.85
N VAL D 19 -19.52 -16.50 14.14
CA VAL D 19 -19.75 -17.84 14.69
C VAL D 19 -18.90 -18.80 13.88
N GLY D 20 -18.01 -19.51 14.54
CA GLY D 20 -17.16 -20.48 13.86
C GLY D 20 -18.03 -21.56 13.27
N ALA D 21 -17.68 -22.01 12.06
CA ALA D 21 -18.38 -23.13 11.42
C ALA D 21 -17.33 -24.21 11.21
N PHE D 22 -17.45 -25.28 11.98
CA PHE D 22 -16.39 -26.26 12.07
C PHE D 22 -16.76 -27.55 11.36
N ASN D 23 -15.88 -28.03 10.47
CA ASN D 23 -16.12 -29.29 9.78
C ASN D 23 -15.83 -30.48 10.66
N PHE D 24 -16.59 -31.56 10.46
CA PHE D 24 -16.29 -32.81 11.11
C PHE D 24 -16.38 -33.98 10.11
N VAL D 25 -15.65 -35.05 10.40
CA VAL D 25 -15.72 -36.26 9.58
C VAL D 25 -15.97 -37.51 10.41
N ASN D 26 -15.96 -37.37 11.73
CA ASN D 26 -16.20 -38.53 12.60
C ASN D 26 -16.56 -38.15 14.03
N PHE D 27 -16.69 -39.14 14.90
CA PHE D 27 -17.14 -38.88 16.26
C PHE D 27 -16.16 -38.00 17.02
N GLU D 28 -14.86 -38.30 16.91
CA GLU D 28 -13.85 -37.56 17.67
C GLU D 28 -13.89 -36.05 17.37
N MET D 29 -13.97 -35.68 16.10
CA MET D 29 -14.00 -34.25 15.77
C MET D 29 -15.26 -33.64 16.33
N LEU D 30 -16.39 -34.34 16.16
CA LEU D 30 -17.67 -33.81 16.58
C LEU D 30 -17.75 -33.58 18.08
N ASN D 31 -17.26 -34.54 18.85
CA ASN D 31 -17.26 -34.44 20.30
C ASN D 31 -16.43 -33.25 20.78
N ALA D 32 -15.22 -33.10 20.23
CA ALA D 32 -14.35 -32.01 20.62
C ALA D 32 -15.00 -30.64 20.36
N ILE D 33 -15.63 -30.50 19.21
CA ILE D 33 -16.30 -29.26 18.82
C ILE D 33 -17.46 -28.93 19.78
N PHE D 34 -18.30 -29.91 20.09
CA PHE D 34 -19.38 -29.69 21.05
C PHE D 34 -18.86 -29.38 22.46
N GLU D 35 -17.78 -30.04 22.88
CA GLU D 35 -17.26 -29.76 24.21
C GLU D 35 -16.70 -28.34 24.27
N ALA D 36 -16.10 -27.89 23.17
CA ALA D 36 -15.61 -26.51 23.09
C ALA D 36 -16.78 -25.54 23.25
N GLY D 37 -17.84 -25.76 22.48
CA GLY D 37 -19.02 -24.91 22.55
C GLY D 37 -19.62 -24.91 23.94
N ASN D 38 -19.62 -26.06 24.58
CA ASN D 38 -20.16 -26.14 25.94
C ASN D 38 -19.30 -25.35 26.92
N GLU D 39 -17.98 -25.44 26.76
CA GLU D 39 -17.07 -24.81 27.70
C GLU D 39 -16.96 -23.31 27.48
N GLU D 40 -17.22 -22.85 26.26
CA GLU D 40 -17.14 -21.42 25.99
C GLU D 40 -18.51 -20.75 25.88
N ASN D 41 -19.59 -21.50 26.14
CA ASN D 41 -20.94 -20.94 26.07
C ASN D 41 -21.21 -20.34 24.69
N SER D 42 -20.88 -21.10 23.66
CA SER D 42 -20.93 -20.58 22.29
C SER D 42 -21.90 -21.36 21.42
N PRO D 43 -22.69 -20.67 20.60
CA PRO D 43 -23.42 -21.39 19.56
C PRO D 43 -22.47 -22.01 18.52
N LEU D 44 -22.96 -22.99 17.78
CA LEU D 44 -22.11 -23.77 16.87
C LEU D 44 -22.75 -23.91 15.50
N PHE D 45 -21.99 -23.69 14.43
CA PHE D 45 -22.33 -24.27 13.13
C PHE D 45 -21.44 -25.48 12.99
N ILE D 46 -22.05 -26.64 12.77
CA ILE D 46 -21.31 -27.87 12.53
C ILE D 46 -21.48 -28.17 11.03
N GLN D 47 -20.38 -28.43 10.33
CA GLN D 47 -20.42 -28.53 8.87
C GLN D 47 -19.97 -29.88 8.41
N ALA D 48 -20.64 -30.39 7.39
CA ALA D 48 -20.19 -31.61 6.73
C ALA D 48 -20.11 -31.30 5.24
N SER D 49 -18.94 -31.53 4.66
CA SER D 49 -18.77 -31.41 3.22
C SER D 49 -19.37 -32.63 2.51
N GLU D 50 -19.43 -32.60 1.19
CA GLU D 50 -19.96 -33.74 0.45
C GLU D 50 -19.07 -34.94 0.64
N GLY D 51 -17.77 -34.69 0.73
CA GLY D 51 -16.81 -35.75 0.96
C GLY D 51 -16.97 -36.37 2.34
N ALA D 52 -17.21 -35.52 3.35
CA ALA D 52 -17.44 -36.01 4.71
C ALA D 52 -18.71 -36.84 4.76
N ILE D 53 -19.74 -36.43 4.02
CA ILE D 53 -21.00 -37.15 4.04
C ILE D 53 -20.84 -38.51 3.36
N LYS D 54 -20.02 -38.59 2.33
CA LYS D 54 -19.78 -39.87 1.69
C LYS D 54 -19.02 -40.81 2.64
N TYR D 55 -18.10 -40.25 3.40
CA TYR D 55 -17.28 -41.04 4.31
C TYR D 55 -18.15 -41.60 5.45
N MET D 56 -19.01 -40.75 6.01
CA MET D 56 -19.80 -41.13 7.18
C MET D 56 -21.09 -41.83 6.81
N GLY D 57 -21.67 -41.44 5.67
CA GLY D 57 -23.07 -41.72 5.37
C GLY D 57 -23.91 -40.59 5.93
N ILE D 58 -24.83 -40.05 5.15
CA ILE D 58 -25.56 -38.85 5.55
C ILE D 58 -26.42 -39.17 6.77
N ASP D 59 -26.87 -40.42 6.86
CA ASP D 59 -27.62 -40.91 8.01
C ASP D 59 -26.81 -40.82 9.31
N MET D 60 -25.53 -41.15 9.24
CA MET D 60 -24.69 -41.12 10.44
C MET D 60 -24.28 -39.68 10.78
N ALA D 61 -24.03 -38.87 9.76
CA ALA D 61 -23.69 -37.46 9.98
C ALA D 61 -24.81 -36.77 10.78
N VAL D 62 -26.05 -36.87 10.30
CA VAL D 62 -27.17 -36.24 11.00
C VAL D 62 -27.43 -36.91 12.34
N GLY D 63 -27.42 -38.24 12.35
CA GLY D 63 -27.66 -39.00 13.55
C GLY D 63 -26.72 -38.65 14.70
N MET D 64 -25.42 -38.56 14.41
CA MET D 64 -24.46 -38.26 15.46
C MET D 64 -24.69 -36.84 15.99
N VAL D 65 -25.04 -35.93 15.08
CA VAL D 65 -25.26 -34.56 15.49
C VAL D 65 -26.51 -34.43 16.37
N LYS D 66 -27.58 -35.14 16.02
CA LYS D 66 -28.79 -35.12 16.83
C LYS D 66 -28.52 -35.67 18.24
N ILE D 67 -27.69 -36.70 18.35
CA ILE D 67 -27.33 -37.26 19.64
C ILE D 67 -26.55 -36.22 20.46
N MET D 68 -25.60 -35.55 19.84
CA MET D 68 -24.80 -34.55 20.56
C MET D 68 -25.68 -33.37 21.00
N CYS D 69 -26.65 -33.00 20.17
CA CYS D 69 -27.56 -31.90 20.51
C CYS D 69 -28.39 -32.25 21.73
N GLU D 70 -28.78 -33.51 21.86
CA GLU D 70 -29.53 -33.94 23.03
C GLU D 70 -28.64 -33.96 24.27
N ARG D 71 -27.36 -34.26 24.06
CA ARG D 71 -26.38 -34.25 25.16
C ARG D 71 -26.17 -32.81 25.67
N TYR D 72 -26.25 -31.84 24.76
CA TYR D 72 -26.04 -30.44 25.11
C TYR D 72 -27.17 -29.55 24.57
N PRO D 73 -28.38 -29.68 25.13
CA PRO D 73 -29.56 -29.01 24.59
C PRO D 73 -29.52 -27.49 24.69
N HIS D 74 -28.73 -26.95 25.59
CA HIS D 74 -28.67 -25.49 25.74
C HIS D 74 -27.86 -24.81 24.64
N ILE D 75 -27.09 -25.57 23.87
CA ILE D 75 -26.28 -24.98 22.81
C ILE D 75 -27.05 -24.90 21.49
N PRO D 76 -27.26 -23.69 20.96
CA PRO D 76 -27.86 -23.56 19.61
C PRO D 76 -26.91 -24.12 18.55
N VAL D 77 -27.40 -25.02 17.71
CA VAL D 77 -26.52 -25.69 16.74
C VAL D 77 -27.21 -25.72 15.39
N ALA D 78 -26.50 -25.34 14.34
CA ALA D 78 -27.01 -25.54 13.00
C ALA D 78 -26.17 -26.62 12.32
N LEU D 79 -26.83 -27.52 11.59
CA LEU D 79 -26.12 -28.55 10.84
C LEU D 79 -26.12 -28.13 9.37
N HIS D 80 -24.93 -27.95 8.82
CA HIS D 80 -24.79 -27.23 7.57
C HIS D 80 -24.05 -28.06 6.52
N LEU D 81 -24.62 -28.17 5.32
CA LEU D 81 -23.92 -28.81 4.19
C LEU D 81 -22.95 -27.82 3.57
N ASP D 82 -21.67 -28.08 3.74
CA ASP D 82 -20.60 -27.24 3.24
C ASP D 82 -20.34 -27.58 1.76
N HIS D 83 -20.28 -26.55 0.91
CA HIS D 83 -19.97 -26.71 -0.51
C HIS D 83 -20.82 -27.76 -1.22
N GLY D 84 -22.15 -27.63 -1.11
CA GLY D 84 -23.02 -28.43 -1.97
C GLY D 84 -22.80 -28.04 -3.42
N THR D 85 -22.75 -29.02 -4.32
CA THR D 85 -22.35 -28.75 -5.70
C THR D 85 -23.48 -28.90 -6.71
N THR D 86 -24.59 -29.49 -6.27
CA THR D 86 -25.76 -29.67 -7.13
C THR D 86 -27.05 -29.41 -6.36
N PHE D 87 -28.13 -29.19 -7.08
CA PHE D 87 -29.43 -29.08 -6.46
C PHE D 87 -29.80 -30.36 -5.72
N GLU D 88 -29.47 -31.51 -6.32
CA GLU D 88 -29.84 -32.80 -5.73
C GLU D 88 -29.08 -33.05 -4.42
N SER D 89 -27.86 -32.52 -4.32
CA SER D 89 -27.09 -32.69 -3.10
C SER D 89 -27.75 -31.90 -1.97
N CYS D 90 -28.16 -30.67 -2.28
CA CYS D 90 -28.84 -29.85 -1.29
C CYS D 90 -30.18 -30.48 -0.90
N GLU D 91 -30.91 -30.97 -1.88
CA GLU D 91 -32.17 -31.64 -1.64
C GLU D 91 -32.00 -32.83 -0.70
N LYS D 92 -30.96 -33.63 -0.91
CA LYS D 92 -30.71 -34.78 -0.06
C LYS D 92 -30.42 -34.37 1.38
N ALA D 93 -29.65 -33.29 1.55
CA ALA D 93 -29.31 -32.81 2.88
C ALA D 93 -30.56 -32.32 3.59
N VAL D 94 -31.40 -31.57 2.88
CA VAL D 94 -32.63 -31.08 3.48
C VAL D 94 -33.48 -32.25 3.93
N LYS D 95 -33.60 -33.27 3.08
CA LYS D 95 -34.39 -34.45 3.44
C LYS D 95 -33.83 -35.17 4.67
N ALA D 96 -32.51 -35.21 4.82
CA ALA D 96 -31.86 -35.96 5.90
C ALA D 96 -31.97 -35.23 7.24
N GLY D 97 -32.23 -33.92 7.20
CA GLY D 97 -32.39 -33.16 8.42
C GLY D 97 -31.39 -32.04 8.66
N PHE D 98 -30.58 -31.72 7.65
CA PHE D 98 -29.70 -30.55 7.76
C PHE D 98 -30.58 -29.30 7.92
N THR D 99 -30.05 -28.29 8.62
CA THR D 99 -30.83 -27.09 8.87
C THR D 99 -30.24 -25.89 8.13
N SER D 100 -29.19 -26.12 7.36
CA SER D 100 -28.56 -25.08 6.56
C SER D 100 -27.85 -25.80 5.40
N VAL D 101 -27.92 -25.27 4.19
CA VAL D 101 -27.16 -25.86 3.08
C VAL D 101 -26.44 -24.77 2.28
N MET D 102 -25.24 -25.08 1.79
CA MET D 102 -24.58 -24.16 0.87
C MET D 102 -24.69 -24.70 -0.54
N ILE D 103 -25.18 -23.88 -1.47
CA ILE D 103 -25.10 -24.22 -2.89
C ILE D 103 -23.97 -23.36 -3.48
N ASP D 104 -22.89 -24.03 -3.89
CA ASP D 104 -21.69 -23.35 -4.37
C ASP D 104 -21.60 -23.49 -5.87
N ALA D 105 -22.02 -22.44 -6.56
CA ALA D 105 -21.93 -22.35 -8.02
C ALA D 105 -21.10 -21.10 -8.38
N SER D 106 -20.12 -20.77 -7.54
CA SER D 106 -19.35 -19.53 -7.71
C SER D 106 -18.62 -19.47 -9.05
N HIS D 107 -18.25 -20.63 -9.57
CA HIS D 107 -17.48 -20.71 -10.82
C HIS D 107 -18.36 -20.67 -12.06
N HIS D 108 -19.67 -20.73 -11.89
CA HIS D 108 -20.58 -20.54 -13.01
C HIS D 108 -20.70 -19.07 -13.33
N ALA D 109 -21.21 -18.76 -14.52
CA ALA D 109 -21.58 -17.39 -14.87
C ALA D 109 -22.57 -16.85 -13.85
N PHE D 110 -22.56 -15.54 -13.63
CA PHE D 110 -23.44 -14.90 -12.67
C PHE D 110 -24.89 -15.37 -12.81
N GLU D 111 -25.41 -15.35 -14.03
CA GLU D 111 -26.83 -15.64 -14.21
C GLU D 111 -27.15 -17.11 -13.94
N GLU D 112 -26.19 -18.00 -14.18
CA GLU D 112 -26.40 -19.42 -13.91
C GLU D 112 -26.30 -19.70 -12.41
N ASN D 113 -25.35 -19.04 -11.75
CA ASN D 113 -25.22 -19.13 -10.31
C ASN D 113 -26.51 -18.67 -9.67
N LEU D 114 -27.04 -17.55 -10.15
CA LEU D 114 -28.24 -16.98 -9.58
C LEU D 114 -29.44 -17.90 -9.76
N GLU D 115 -29.57 -18.47 -10.97
CA GLU D 115 -30.70 -19.37 -11.26
C GLU D 115 -30.65 -20.66 -10.41
N LEU D 116 -29.49 -21.30 -10.32
CA LEU D 116 -29.34 -22.50 -9.49
C LEU D 116 -29.56 -22.19 -8.01
N THR D 117 -28.96 -21.10 -7.54
CA THR D 117 -29.12 -20.70 -6.15
C THR D 117 -30.59 -20.42 -5.82
N SER D 118 -31.29 -19.73 -6.72
CA SER D 118 -32.70 -19.41 -6.52
C SER D 118 -33.54 -20.70 -6.45
N LYS D 119 -33.14 -21.70 -7.22
CA LYS D 119 -33.86 -22.98 -7.26
C LYS D 119 -33.66 -23.73 -5.94
N VAL D 120 -32.43 -23.73 -5.43
CA VAL D 120 -32.15 -24.29 -4.11
C VAL D 120 -32.91 -23.53 -3.01
N VAL D 121 -32.93 -22.20 -3.09
CA VAL D 121 -33.57 -21.41 -2.04
C VAL D 121 -35.05 -21.74 -1.95
N LYS D 122 -35.68 -21.89 -3.11
CA LYS D 122 -37.12 -22.16 -3.14
C LYS D 122 -37.40 -23.48 -2.42
N MET D 123 -36.60 -24.50 -2.75
CA MET D 123 -36.71 -25.84 -2.16
C MET D 123 -36.44 -25.81 -0.65
N ALA D 124 -35.34 -25.17 -0.25
CA ALA D 124 -34.92 -25.19 1.15
C ALA D 124 -35.87 -24.38 2.04
N HIS D 125 -36.31 -23.24 1.54
CA HIS D 125 -37.23 -22.40 2.32
C HIS D 125 -38.56 -23.10 2.52
N ASN D 126 -39.00 -23.84 1.50
CA ASN D 126 -40.22 -24.61 1.62
C ASN D 126 -40.10 -25.61 2.78
N ALA D 127 -38.87 -26.04 3.08
CA ALA D 127 -38.62 -27.04 4.13
C ALA D 127 -38.11 -26.44 5.46
N GLY D 128 -38.11 -25.12 5.57
CA GLY D 128 -37.64 -24.47 6.79
C GLY D 128 -36.12 -24.50 6.98
N VAL D 129 -35.39 -24.57 5.87
CA VAL D 129 -33.93 -24.67 5.89
C VAL D 129 -33.28 -23.43 5.26
N SER D 130 -32.18 -22.96 5.86
CA SER D 130 -31.50 -21.74 5.42
C SER D 130 -30.49 -22.07 4.34
N VAL D 131 -30.12 -21.09 3.52
CA VAL D 131 -29.24 -21.33 2.38
C VAL D 131 -28.10 -20.32 2.32
N GLU D 132 -26.92 -20.82 1.98
CA GLU D 132 -25.72 -20.02 1.73
C GLU D 132 -25.37 -20.15 0.25
N ALA D 133 -24.92 -19.05 -0.37
CA ALA D 133 -24.39 -19.10 -1.72
C ALA D 133 -23.07 -18.33 -1.77
N GLU D 134 -22.35 -18.38 -2.88
CA GLU D 134 -21.00 -17.78 -2.97
C GLU D 134 -20.86 -16.92 -4.21
N LEU D 135 -20.12 -15.82 -4.09
CA LEU D 135 -19.78 -14.99 -5.24
C LEU D 135 -18.33 -14.62 -5.15
N GLY D 136 -17.67 -14.63 -6.31
CA GLY D 136 -16.27 -14.29 -6.38
C GLY D 136 -15.44 -15.55 -6.36
N ARG D 137 -14.15 -15.39 -6.65
CA ARG D 137 -13.27 -16.54 -6.67
C ARG D 137 -12.36 -16.52 -5.45
N LEU D 138 -12.40 -17.61 -4.67
CA LEU D 138 -11.49 -17.77 -3.54
C LEU D 138 -10.07 -17.93 -4.01
N MET D 139 -9.29 -16.87 -3.89
CA MET D 139 -7.85 -16.95 -4.10
C MET D 139 -7.23 -15.69 -3.56
N GLY D 140 -5.92 -15.72 -3.38
CA GLY D 140 -5.20 -14.57 -2.85
C GLY D 140 -5.17 -13.39 -3.79
N ILE D 141 -5.06 -12.21 -3.21
CA ILE D 141 -4.98 -10.96 -3.96
C ILE D 141 -3.58 -10.79 -4.56
N ALA D 152 -14.57 -8.59 -10.83
CA ALA D 152 -13.61 -9.31 -11.67
C ALA D 152 -13.25 -10.66 -11.07
N VAL D 153 -12.19 -10.69 -10.27
CA VAL D 153 -11.77 -11.90 -9.59
C VAL D 153 -12.55 -12.03 -8.27
N LEU D 154 -12.38 -11.02 -7.42
CA LEU D 154 -13.03 -11.01 -6.12
C LEU D 154 -14.51 -10.67 -6.26
N VAL D 155 -15.25 -10.72 -5.16
CA VAL D 155 -16.68 -10.45 -5.23
C VAL D 155 -16.93 -9.05 -5.84
N ASN D 156 -17.93 -8.95 -6.70
CA ASN D 156 -18.40 -7.67 -7.21
C ASN D 156 -19.58 -7.21 -6.36
N PRO D 157 -19.42 -6.13 -5.59
CA PRO D 157 -20.50 -5.80 -4.63
C PRO D 157 -21.85 -5.52 -5.25
N LYS D 158 -21.88 -4.93 -6.44
CA LYS D 158 -23.15 -4.68 -7.10
C LYS D 158 -23.79 -5.97 -7.64
N GLU D 159 -22.97 -6.94 -8.03
CA GLU D 159 -23.48 -8.28 -8.36
C GLU D 159 -24.09 -8.88 -7.11
N ALA D 160 -23.40 -8.71 -5.98
CA ALA D 160 -23.86 -9.27 -4.72
C ALA D 160 -25.21 -8.67 -4.36
N GLU D 161 -25.36 -7.37 -4.55
CA GLU D 161 -26.60 -6.69 -4.20
C GLU D 161 -27.78 -7.28 -4.95
N GLN D 162 -27.61 -7.46 -6.26
CA GLN D 162 -28.67 -8.00 -7.11
C GLN D 162 -28.91 -9.49 -6.82
N PHE D 163 -27.83 -10.24 -6.63
CA PHE D 163 -27.91 -11.67 -6.39
C PHE D 163 -28.73 -11.94 -5.13
N VAL D 164 -28.45 -11.17 -4.08
CA VAL D 164 -29.12 -11.40 -2.81
C VAL D 164 -30.59 -11.03 -2.88
N LYS D 165 -30.88 -9.90 -3.50
CA LYS D 165 -32.26 -9.47 -3.69
C LYS D 165 -33.09 -10.48 -4.48
N GLU D 166 -32.54 -11.01 -5.56
CA GLU D 166 -33.34 -11.81 -6.47
C GLU D 166 -33.44 -13.28 -6.07
N SER D 167 -32.46 -13.77 -5.33
CA SER D 167 -32.44 -15.17 -4.88
C SER D 167 -33.09 -15.34 -3.51
N GLN D 168 -33.03 -14.29 -2.69
CA GLN D 168 -33.44 -14.35 -1.29
C GLN D 168 -32.61 -15.34 -0.49
N VAL D 169 -31.39 -15.61 -0.91
CA VAL D 169 -30.50 -16.47 -0.14
C VAL D 169 -30.32 -15.84 1.25
N ASP D 170 -30.14 -16.68 2.27
CA ASP D 170 -30.04 -16.21 3.65
C ASP D 170 -28.68 -15.64 4.03
N TYR D 171 -27.60 -16.21 3.49
CA TYR D 171 -26.27 -15.66 3.74
C TYR D 171 -25.40 -15.85 2.53
N LEU D 172 -24.39 -15.00 2.40
CA LEU D 172 -23.56 -14.97 1.20
C LEU D 172 -22.10 -15.07 1.58
N ALA D 173 -21.34 -15.84 0.81
CA ALA D 173 -19.89 -15.94 1.02
C ALA D 173 -19.20 -15.16 -0.10
N PRO D 174 -18.69 -13.96 0.24
CA PRO D 174 -18.00 -13.10 -0.73
C PRO D 174 -16.51 -13.35 -0.68
N ALA D 175 -15.91 -13.59 -1.84
CA ALA D 175 -14.47 -13.79 -1.91
C ALA D 175 -13.78 -12.43 -1.72
N ILE D 176 -12.93 -12.32 -0.71
CA ILE D 176 -12.19 -11.08 -0.45
C ILE D 176 -10.69 -11.32 -0.26
N GLY D 177 -10.21 -12.51 -0.61
CA GLY D 177 -8.78 -12.75 -0.62
C GLY D 177 -8.30 -13.95 0.17
N THR D 178 -9.22 -14.69 0.80
CA THR D 178 -8.84 -15.94 1.43
C THR D 178 -8.86 -17.06 0.39
N SER D 179 -8.40 -18.23 0.80
CA SER D 179 -8.48 -19.44 -0.05
C SER D 179 -8.46 -20.63 0.89
N HIS D 180 -8.87 -21.78 0.39
CA HIS D 180 -8.87 -22.99 1.21
C HIS D 180 -7.49 -23.56 1.48
N GLY D 181 -7.33 -24.20 2.64
CA GLY D 181 -6.14 -24.98 2.94
C GLY D 181 -5.08 -24.21 3.69
N ALA D 182 -3.93 -24.85 3.91
CA ALA D 182 -2.92 -24.32 4.81
C ALA D 182 -1.95 -23.34 4.14
N PHE D 183 -2.10 -23.13 2.83
CA PHE D 183 -1.16 -22.30 2.07
C PHE D 183 -1.84 -21.09 1.44
N LYS D 184 -2.28 -20.16 2.27
CA LYS D 184 -3.17 -19.11 1.80
C LYS D 184 -2.44 -17.93 1.21
N PHE D 185 -1.19 -17.73 1.60
CA PHE D 185 -0.49 -16.50 1.24
C PHE D 185 0.96 -16.78 0.92
N LYS D 186 1.38 -16.36 -0.27
CA LYS D 186 2.80 -16.15 -0.54
C LYS D 186 3.03 -14.69 -0.23
N GLY D 187 3.94 -14.41 0.69
CA GLY D 187 4.14 -13.03 1.12
C GLY D 187 3.15 -12.65 2.19
N GLU D 188 3.03 -11.37 2.46
CA GLU D 188 2.26 -10.88 3.61
C GLU D 188 0.77 -11.05 3.41
N PRO D 189 0.06 -11.50 4.46
CA PRO D 189 -1.38 -11.67 4.28
C PRO D 189 -2.06 -10.36 3.90
N LYS D 190 -3.07 -10.45 3.05
CA LYS D 190 -3.82 -9.26 2.60
C LYS D 190 -5.25 -9.66 2.30
N LEU D 191 -6.20 -8.89 2.80
CA LEU D 191 -7.61 -9.12 2.46
C LEU D 191 -8.25 -7.79 2.05
N ASP D 192 -9.31 -7.85 1.26
CA ASP D 192 -9.92 -6.63 0.75
C ASP D 192 -11.09 -6.25 1.65
N PHE D 193 -10.78 -5.58 2.75
CA PHE D 193 -11.81 -5.27 3.73
C PHE D 193 -12.77 -4.18 3.24
N GLU D 194 -12.30 -3.31 2.34
CA GLU D 194 -13.18 -2.25 1.83
C GLU D 194 -14.28 -2.88 0.98
N ARG D 195 -13.90 -3.86 0.18
CA ARG D 195 -14.85 -4.62 -0.63
C ARG D 195 -15.85 -5.35 0.27
N LEU D 196 -15.35 -5.93 1.35
CA LEU D 196 -16.21 -6.63 2.30
C LEU D 196 -17.29 -5.69 2.83
N GLN D 197 -16.86 -4.50 3.23
CA GLN D 197 -17.78 -3.54 3.84
C GLN D 197 -18.84 -3.07 2.84
N GLU D 198 -18.47 -2.97 1.58
CA GLU D 198 -19.44 -2.60 0.55
C GLU D 198 -20.46 -3.70 0.35
N VAL D 199 -20.01 -4.95 0.27
CA VAL D 199 -20.95 -6.07 0.18
C VAL D 199 -21.92 -6.06 1.36
N LYS D 200 -21.39 -5.83 2.57
CA LYS D 200 -22.23 -5.82 3.76
C LYS D 200 -23.29 -4.71 3.69
N ARG D 201 -22.87 -3.52 3.30
CA ARG D 201 -23.81 -2.40 3.19
C ARG D 201 -24.93 -2.71 2.21
N LEU D 202 -24.56 -3.32 1.08
CA LEU D 202 -25.48 -3.50 -0.03
C LEU D 202 -26.40 -4.70 0.13
N THR D 203 -25.98 -5.67 0.92
CA THR D 203 -26.78 -6.89 1.09
C THR D 203 -27.51 -6.89 2.42
N ASN D 204 -26.87 -6.36 3.46
CA ASN D 204 -27.44 -6.35 4.81
C ASN D 204 -27.93 -7.73 5.27
N ILE D 205 -27.17 -8.77 4.96
CA ILE D 205 -27.43 -10.12 5.46
C ILE D 205 -26.17 -10.66 6.11
N PRO D 206 -26.28 -11.78 6.83
CA PRO D 206 -25.04 -12.34 7.37
C PRO D 206 -24.12 -12.77 6.25
N LEU D 207 -22.82 -12.63 6.46
CA LEU D 207 -21.82 -12.96 5.45
C LEU D 207 -20.91 -14.07 5.94
N VAL D 208 -20.34 -14.84 5.01
CA VAL D 208 -19.59 -16.03 5.35
C VAL D 208 -18.17 -15.93 4.83
N LEU D 209 -17.20 -16.21 5.69
CA LEU D 209 -15.80 -16.19 5.28
C LEU D 209 -15.31 -17.61 5.12
N HIS D 210 -15.00 -18.02 3.88
CA HIS D 210 -14.44 -19.33 3.64
C HIS D 210 -12.92 -19.26 3.77
N GLY D 211 -12.28 -20.41 3.97
CA GLY D 211 -10.82 -20.46 4.05
C GLY D 211 -10.27 -19.59 5.19
N ALA D 212 -10.91 -19.69 6.35
CA ALA D 212 -10.61 -18.80 7.47
C ALA D 212 -9.67 -19.37 8.54
N SER D 213 -9.02 -20.50 8.26
CA SER D 213 -8.11 -21.07 9.26
C SER D 213 -6.93 -20.13 9.47
N ALA D 214 -6.37 -20.16 10.68
CA ALA D 214 -5.31 -19.23 11.09
C ALA D 214 -3.91 -19.85 11.08
N ILE D 215 -3.86 -21.18 11.15
CA ILE D 215 -2.65 -21.92 11.46
C ILE D 215 -1.85 -21.25 12.57
N PRO D 216 -2.38 -21.35 13.80
CA PRO D 216 -1.82 -20.69 14.99
C PRO D 216 -0.42 -21.21 15.32
N ASP D 217 0.40 -20.38 15.94
CA ASP D 217 1.78 -20.75 16.19
C ASP D 217 1.88 -22.06 16.98
N ASN D 218 1.04 -22.24 17.98
CA ASN D 218 1.18 -23.41 18.87
C ASN D 218 0.78 -24.68 18.12
N VAL D 219 -0.16 -24.55 17.20
CA VAL D 219 -0.61 -25.68 16.41
C VAL D 219 0.46 -26.05 15.40
N ARG D 220 1.03 -25.05 14.74
CA ARG D 220 2.17 -25.28 13.83
C ARG D 220 3.31 -25.97 14.60
N LYS D 221 3.61 -25.47 15.79
CA LYS D 221 4.72 -26.01 16.56
C LYS D 221 4.47 -27.46 16.97
N SER D 222 3.24 -27.75 17.39
CA SER D 222 2.86 -29.11 17.72
C SER D 222 3.05 -30.05 16.54
N TYR D 223 2.61 -29.62 15.37
CA TYR D 223 2.68 -30.46 14.19
C TYR D 223 4.14 -30.71 13.82
N LEU D 224 4.96 -29.66 13.85
CA LEU D 224 6.36 -29.80 13.41
C LEU D 224 7.17 -30.61 14.41
N ASP D 225 6.89 -30.41 15.71
CA ASP D 225 7.54 -31.18 16.78
C ASP D 225 7.24 -32.66 16.62
N ALA D 226 6.09 -32.95 16.01
CA ALA D 226 5.68 -34.33 15.81
C ALA D 226 6.22 -34.89 14.48
N GLY D 227 7.14 -34.16 13.87
CA GLY D 227 7.80 -34.63 12.66
C GLY D 227 7.04 -34.31 11.39
N GLY D 228 6.04 -33.44 11.51
CA GLY D 228 5.21 -33.06 10.37
C GLY D 228 5.88 -32.04 9.47
N ASP D 229 5.36 -31.93 8.26
CA ASP D 229 5.86 -30.98 7.28
C ASP D 229 4.79 -29.94 6.98
N LEU D 230 5.03 -28.69 7.36
CA LEU D 230 4.14 -27.59 7.01
C LEU D 230 4.89 -26.47 6.30
N LYS D 231 5.93 -26.82 5.54
CA LYS D 231 6.76 -25.82 4.91
C LYS D 231 5.94 -24.88 4.02
N GLY D 232 6.07 -23.59 4.27
CA GLY D 232 5.45 -22.58 3.42
C GLY D 232 4.01 -22.25 3.82
N SER D 233 3.50 -22.93 4.83
CA SER D 233 2.10 -22.72 5.21
C SER D 233 1.90 -21.36 5.88
N LYS D 234 0.77 -20.72 5.62
CA LYS D 234 0.40 -19.48 6.31
C LYS D 234 -1.11 -19.37 6.33
N GLY D 235 -1.69 -19.04 7.49
CA GLY D 235 -3.13 -18.89 7.61
C GLY D 235 -3.54 -17.43 7.74
N VAL D 236 -4.83 -17.19 7.97
CA VAL D 236 -5.32 -15.83 8.18
C VAL D 236 -4.91 -15.36 9.57
N PRO D 237 -4.22 -14.22 9.67
CA PRO D 237 -3.86 -13.74 11.01
C PRO D 237 -5.09 -13.55 11.90
N PHE D 238 -4.93 -13.75 13.20
CA PHE D 238 -6.02 -13.53 14.16
C PHE D 238 -6.64 -12.14 13.99
N GLU D 239 -5.80 -11.12 13.92
CA GLU D 239 -6.30 -9.75 13.78
C GLU D 239 -7.13 -9.58 12.51
N PHE D 240 -6.79 -10.31 11.45
CA PHE D 240 -7.56 -10.24 10.22
C PHE D 240 -8.93 -10.91 10.39
N LEU D 241 -8.99 -11.99 11.16
CA LEU D 241 -10.30 -12.60 11.42
C LEU D 241 -11.18 -11.63 12.20
N GLN D 242 -10.60 -10.94 13.18
CA GLN D 242 -11.36 -9.97 13.98
C GLN D 242 -11.84 -8.82 13.10
N GLU D 243 -10.95 -8.33 12.24
CA GLU D 243 -11.31 -7.28 11.32
C GLU D 243 -12.43 -7.74 10.38
N SER D 244 -12.42 -9.00 9.95
CA SER D 244 -13.47 -9.52 9.07
C SER D 244 -14.83 -9.48 9.76
N VAL D 245 -14.83 -9.87 11.03
CA VAL D 245 -16.06 -9.86 11.82
C VAL D 245 -16.57 -8.44 12.00
N LYS D 246 -15.67 -7.49 12.24
CA LYS D 246 -16.11 -6.11 12.39
C LYS D 246 -16.69 -5.61 11.07
N GLY D 247 -16.17 -6.15 9.96
CA GLY D 247 -16.64 -5.74 8.64
C GLY D 247 -17.94 -6.41 8.22
N GLY D 248 -18.42 -7.38 9.00
CA GLY D 248 -19.73 -7.98 8.73
C GLY D 248 -19.74 -9.48 8.46
N ILE D 249 -18.59 -10.14 8.57
CA ILE D 249 -18.56 -11.61 8.56
C ILE D 249 -19.21 -12.18 9.83
N ASN D 250 -20.17 -13.10 9.67
CA ASN D 250 -20.85 -13.69 10.82
C ASN D 250 -20.69 -15.21 10.90
N LYS D 251 -20.21 -15.83 9.84
CA LYS D 251 -19.96 -17.27 9.86
C LYS D 251 -18.53 -17.46 9.34
N VAL D 252 -17.72 -18.22 10.07
CA VAL D 252 -16.28 -18.27 9.80
C VAL D 252 -15.86 -19.72 9.64
N ASN D 253 -15.72 -20.18 8.40
CA ASN D 253 -15.46 -21.58 8.10
C ASN D 253 -14.06 -21.98 8.46
N THR D 254 -13.94 -23.01 9.28
CA THR D 254 -12.66 -23.36 9.89
C THR D 254 -12.55 -24.89 9.87
N ASP D 255 -11.56 -25.41 9.15
CA ASP D 255 -11.39 -26.86 9.02
C ASP D 255 -9.92 -27.26 9.16
N THR D 256 -9.06 -26.64 8.36
CA THR D 256 -7.63 -26.99 8.36
C THR D 256 -6.98 -26.89 9.75
N ASP D 257 -7.32 -25.86 10.50
CA ASP D 257 -6.75 -25.69 11.83
C ASP D 257 -7.08 -26.89 12.70
N LEU D 258 -8.31 -27.37 12.60
CA LEU D 258 -8.75 -28.52 13.39
C LEU D 258 -7.98 -29.78 12.99
N ARG D 259 -7.80 -29.98 11.70
CA ARG D 259 -7.10 -31.17 11.21
C ARG D 259 -5.66 -31.20 11.71
N ILE D 260 -4.94 -30.09 11.55
CA ILE D 260 -3.53 -30.06 11.93
C ILE D 260 -3.37 -30.34 13.42
N ALA D 261 -4.21 -29.72 14.23
CA ALA D 261 -4.08 -29.88 15.69
C ALA D 261 -4.34 -31.33 16.10
N PHE D 262 -5.30 -31.95 15.43
CA PHE D 262 -5.71 -33.33 15.75
C PHE D 262 -4.60 -34.30 15.35
N ILE D 263 -4.17 -34.21 14.10
CA ILE D 263 -3.20 -35.15 13.56
C ILE D 263 -1.81 -34.97 14.19
N ALA D 264 -1.47 -33.75 14.62
CA ALA D 264 -0.21 -33.54 15.33
C ALA D 264 -0.14 -34.50 16.51
N GLU D 265 -1.25 -34.60 17.25
CA GLU D 265 -1.28 -35.44 18.45
C GLU D 265 -1.23 -36.91 18.10
N VAL D 266 -1.86 -37.28 16.98
CA VAL D 266 -1.79 -38.67 16.53
C VAL D 266 -0.36 -39.01 16.15
N ARG D 267 0.30 -38.09 15.42
CA ARG D 267 1.69 -38.27 15.03
C ARG D 267 2.61 -38.41 16.25
N LYS D 268 2.38 -37.61 17.28
CA LYS D 268 3.25 -37.62 18.44
C LYS D 268 3.23 -38.99 19.10
N VAL D 269 2.05 -39.53 19.34
CA VAL D 269 1.93 -40.86 19.93
C VAL D 269 2.56 -41.92 19.02
N ALA D 270 2.30 -41.87 17.72
CA ALA D 270 2.88 -42.85 16.81
C ALA D 270 4.41 -42.81 16.83
N ASN D 271 4.98 -41.62 16.93
CA ASN D 271 6.42 -41.45 16.92
C ASN D 271 7.06 -42.04 18.18
N GLU D 272 6.41 -41.80 19.31
CA GLU D 272 7.01 -41.99 20.62
C GLU D 272 6.85 -43.38 21.21
N ASP D 273 5.67 -43.98 21.08
CA ASP D 273 5.44 -45.30 21.66
C ASP D 273 5.06 -46.31 20.59
N LYS D 274 6.02 -47.13 20.20
CA LYS D 274 5.84 -48.01 19.05
C LYS D 274 4.95 -49.21 19.37
N SER D 275 4.71 -49.45 20.66
CA SER D 275 3.87 -50.57 21.07
C SER D 275 2.41 -50.17 21.31
N GLN D 276 2.09 -48.90 21.10
CA GLN D 276 0.77 -48.38 21.43
C GLN D 276 -0.23 -48.61 20.30
N PHE D 277 -1.29 -49.36 20.58
CA PHE D 277 -2.34 -49.52 19.57
C PHE D 277 -3.76 -49.45 20.16
N ASP D 278 -3.87 -48.84 21.33
CA ASP D 278 -5.16 -48.47 21.90
C ASP D 278 -5.61 -47.17 21.22
N LEU D 279 -6.65 -47.23 20.41
CA LEU D 279 -7.13 -46.04 19.69
C LEU D 279 -7.32 -44.84 20.59
N ARG D 280 -7.88 -45.05 21.77
CA ARG D 280 -8.16 -43.94 22.67
C ARG D 280 -6.90 -43.18 23.09
N LYS D 281 -5.75 -43.84 23.10
CA LYS D 281 -4.51 -43.21 23.50
C LYS D 281 -3.99 -42.29 22.40
N PHE D 282 -4.41 -42.55 21.17
CA PHE D 282 -4.12 -41.63 20.07
C PHE D 282 -5.14 -40.50 20.03
N PHE D 283 -6.41 -40.82 20.24
CA PHE D 283 -7.46 -39.86 19.91
C PHE D 283 -7.94 -39.00 21.07
N SER D 284 -7.67 -39.39 22.31
CA SER D 284 -8.04 -38.52 23.42
C SER D 284 -7.19 -37.25 23.42
N PRO D 285 -5.86 -37.38 23.26
CA PRO D 285 -5.04 -36.16 23.14
C PRO D 285 -5.38 -35.38 21.88
N ALA D 286 -5.70 -36.10 20.81
CA ALA D 286 -6.08 -35.47 19.55
C ALA D 286 -7.36 -34.62 19.71
N GLN D 287 -8.36 -35.18 20.38
CA GLN D 287 -9.58 -34.44 20.67
C GLN D 287 -9.29 -33.20 21.50
N LEU D 288 -8.45 -33.35 22.52
CA LEU D 288 -8.15 -32.22 23.40
C LEU D 288 -7.53 -31.06 22.62
N ALA D 289 -6.57 -31.37 21.77
CA ALA D 289 -5.93 -30.32 21.00
C ALA D 289 -6.95 -29.66 20.07
N LEU D 290 -7.82 -30.45 19.46
CA LEU D 290 -8.82 -29.89 18.54
C LEU D 290 -9.78 -29.01 19.33
N LYS D 291 -10.24 -29.49 20.48
CA LYS D 291 -11.15 -28.73 21.33
C LYS D 291 -10.57 -27.37 21.69
N ASN D 292 -9.30 -27.35 22.10
CA ASN D 292 -8.66 -26.11 22.50
C ASN D 292 -8.56 -25.11 21.33
N VAL D 293 -8.29 -25.59 20.13
CA VAL D 293 -8.26 -24.70 18.97
C VAL D 293 -9.64 -24.05 18.81
N VAL D 294 -10.68 -24.87 18.92
CA VAL D 294 -12.04 -24.37 18.75
C VAL D 294 -12.43 -23.37 19.86
N LYS D 295 -12.07 -23.67 21.11
CA LYS D 295 -12.35 -22.74 22.21
C LYS D 295 -11.68 -21.37 22.01
N GLU D 296 -10.40 -21.37 21.66
CA GLU D 296 -9.72 -20.09 21.41
C GLU D 296 -10.36 -19.35 20.24
N ARG D 297 -10.77 -20.08 19.21
CA ARG D 297 -11.39 -19.44 18.04
C ARG D 297 -12.75 -18.85 18.41
N MET D 298 -13.51 -19.51 19.27
CA MET D 298 -14.80 -18.97 19.69
C MET D 298 -14.63 -17.63 20.44
N LYS D 299 -13.62 -17.55 21.30
CA LYS D 299 -13.33 -16.30 22.01
C LYS D 299 -12.91 -15.19 21.04
N LEU D 300 -12.04 -15.54 20.08
CA LEU D 300 -11.54 -14.59 19.10
C LEU D 300 -12.65 -14.00 18.26
N LEU D 301 -13.60 -14.84 17.84
CA LEU D 301 -14.63 -14.40 16.91
C LEU D 301 -15.77 -13.71 17.63
N GLY D 302 -15.83 -13.91 18.94
CA GLY D 302 -16.83 -13.24 19.77
C GLY D 302 -18.11 -14.02 20.04
N SER D 303 -18.18 -15.27 19.60
CA SER D 303 -19.37 -16.08 19.86
C SER D 303 -19.31 -16.70 21.26
N ALA D 304 -18.14 -16.65 21.90
CA ALA D 304 -18.06 -17.08 23.28
C ALA D 304 -19.05 -16.27 24.14
N ASN D 305 -19.77 -16.97 25.01
CA ASN D 305 -20.67 -16.33 25.96
C ASN D 305 -21.84 -15.64 25.29
N LYS D 306 -22.36 -16.27 24.25
CA LYS D 306 -23.47 -15.70 23.51
C LYS D 306 -24.70 -16.62 23.62
N ILE D 307 -24.64 -17.62 24.49
CA ILE D 307 -25.81 -18.45 24.77
C ILE D 307 -26.69 -17.81 25.83
N MET E 1 -34.11 -13.72 40.18
CA MET E 1 -34.48 -12.63 41.11
C MET E 1 -33.97 -12.98 42.51
N LEU E 2 -34.08 -12.04 43.43
CA LEU E 2 -33.74 -12.29 44.85
C LEU E 2 -34.62 -13.38 45.45
N VAL E 3 -34.02 -14.48 45.89
CA VAL E 3 -34.75 -15.60 46.50
C VAL E 3 -34.07 -16.06 47.80
N LYS E 4 -34.77 -16.84 48.59
CA LYS E 4 -34.20 -17.34 49.83
C LYS E 4 -33.03 -18.28 49.54
N GLY E 5 -32.03 -18.25 50.42
CA GLY E 5 -30.83 -19.04 50.24
C GLY E 5 -31.05 -20.53 50.04
N ASN E 6 -31.95 -21.13 50.79
CA ASN E 6 -32.10 -22.58 50.67
C ASN E 6 -32.91 -22.98 49.42
N GLU E 7 -33.54 -22.01 48.77
CA GLU E 7 -34.18 -22.31 47.48
C GLU E 7 -33.10 -22.70 46.47
N ILE E 8 -31.99 -21.98 46.49
CA ILE E 8 -30.85 -22.29 45.62
C ILE E 8 -30.07 -23.50 46.11
N LEU E 9 -29.80 -23.60 47.41
CA LEU E 9 -28.94 -24.66 47.92
C LEU E 9 -29.65 -26.02 47.98
N LEU E 10 -30.97 -26.03 48.14
CA LEU E 10 -31.71 -27.29 48.16
C LEU E 10 -31.67 -27.92 46.76
N LYS E 11 -31.73 -27.09 45.73
CA LYS E 11 -31.64 -27.58 44.35
C LYS E 11 -30.22 -28.11 44.12
N ALA E 12 -29.22 -27.40 44.61
CA ALA E 12 -27.83 -27.84 44.47
C ALA E 12 -27.61 -29.16 45.21
N HIS E 13 -28.26 -29.28 46.36
CA HIS E 13 -28.13 -30.44 47.22
C HIS E 13 -28.73 -31.64 46.49
N LYS E 14 -29.91 -31.46 45.92
CA LYS E 14 -30.61 -32.52 45.22
C LYS E 14 -29.91 -32.99 43.96
N GLU E 15 -29.28 -32.08 43.22
CA GLU E 15 -28.69 -32.44 41.93
C GLU E 15 -27.18 -32.63 42.03
N GLY E 16 -26.62 -32.35 43.21
CA GLY E 16 -25.24 -32.68 43.50
C GLY E 16 -24.22 -31.75 42.87
N TYR E 17 -24.51 -30.45 42.87
CA TYR E 17 -23.52 -29.48 42.39
C TYR E 17 -23.26 -28.41 43.43
N GLY E 18 -22.26 -27.57 43.17
CA GLY E 18 -21.89 -26.52 44.10
C GLY E 18 -22.17 -25.13 43.53
N VAL E 19 -22.54 -24.21 44.42
CA VAL E 19 -22.86 -22.84 44.01
C VAL E 19 -21.86 -21.93 44.69
N GLY E 20 -21.11 -21.19 43.89
CA GLY E 20 -20.12 -20.27 44.41
C GLY E 20 -20.82 -19.14 45.12
N ALA E 21 -20.26 -18.76 46.26
CA ALA E 21 -20.77 -17.64 47.04
C ALA E 21 -19.69 -16.58 47.03
N PHE E 22 -19.96 -15.46 46.37
CA PHE E 22 -18.91 -14.50 46.08
C PHE E 22 -19.09 -13.20 46.85
N ASN E 23 -18.05 -12.75 47.53
CA ASN E 23 -18.12 -11.48 48.26
C ASN E 23 -17.96 -10.27 47.34
N PHE E 24 -18.62 -9.17 47.70
CA PHE E 24 -18.38 -7.89 47.03
C PHE E 24 -18.28 -6.76 48.06
N VAL E 25 -17.54 -5.71 47.68
CA VAL E 25 -17.40 -4.53 48.54
C VAL E 25 -17.83 -3.26 47.83
N ASN E 26 -18.07 -3.36 46.51
CA ASN E 26 -18.49 -2.20 45.74
C ASN E 26 -19.13 -2.58 44.41
N PHE E 27 -19.43 -1.58 43.58
CA PHE E 27 -20.18 -1.82 42.35
C PHE E 27 -19.39 -2.69 41.36
N GLU E 28 -18.11 -2.37 41.19
CA GLU E 28 -17.28 -3.12 40.24
C GLU E 28 -17.28 -4.64 40.51
N MET E 29 -17.11 -5.03 41.76
CA MET E 29 -17.07 -6.46 42.11
C MET E 29 -18.44 -7.07 41.83
N LEU E 30 -19.48 -6.37 42.25
CA LEU E 30 -20.84 -6.86 42.09
C LEU E 30 -21.23 -7.03 40.62
N ASN E 31 -20.90 -6.04 39.80
CA ASN E 31 -21.23 -6.11 38.37
C ASN E 31 -20.55 -7.30 37.73
N ALA E 32 -19.28 -7.53 38.09
CA ALA E 32 -18.49 -8.60 37.49
C ALA E 32 -19.07 -9.97 37.86
N ILE E 33 -19.50 -10.12 39.10
CA ILE E 33 -20.10 -11.36 39.58
C ILE E 33 -21.40 -11.63 38.82
N PHE E 34 -22.25 -10.61 38.68
CA PHE E 34 -23.51 -10.80 37.96
C PHE E 34 -23.29 -11.09 36.46
N GLU E 35 -22.34 -10.42 35.82
CA GLU E 35 -22.10 -10.72 34.41
C GLU E 35 -21.58 -12.14 34.24
N ALA E 36 -20.77 -12.62 35.18
CA ALA E 36 -20.33 -14.02 35.13
C ALA E 36 -21.53 -14.96 35.21
N GLY E 37 -22.42 -14.72 36.16
CA GLY E 37 -23.59 -15.56 36.32
C GLY E 37 -24.47 -15.54 35.09
N ASN E 38 -24.60 -14.37 34.48
CA ASN E 38 -25.40 -14.27 33.26
C ASN E 38 -24.78 -15.08 32.10
N GLU E 39 -23.46 -15.01 31.95
CA GLU E 39 -22.79 -15.69 30.84
C GLU E 39 -22.74 -17.21 31.06
N GLU E 40 -22.62 -17.63 32.32
CA GLU E 40 -22.56 -19.06 32.64
C GLU E 40 -23.95 -19.65 32.88
N ASN E 41 -25.00 -18.84 32.80
CA ASN E 41 -26.36 -19.31 33.12
C ASN E 41 -26.36 -20.07 34.43
N SER E 42 -25.83 -19.43 35.47
CA SER E 42 -25.64 -20.02 36.79
C SER E 42 -26.33 -19.21 37.87
N PRO E 43 -26.93 -19.90 38.84
CA PRO E 43 -27.40 -19.20 40.06
C PRO E 43 -26.21 -18.66 40.83
N LEU E 44 -26.48 -17.68 41.69
CA LEU E 44 -25.44 -16.91 42.38
C LEU E 44 -25.78 -16.79 43.86
N PHE E 45 -24.79 -16.98 44.74
CA PHE E 45 -24.87 -16.41 46.08
C PHE E 45 -24.01 -15.16 46.05
N ILE E 46 -24.57 -14.02 46.46
CA ILE E 46 -23.77 -12.80 46.54
C ILE E 46 -23.66 -12.46 48.02
N GLN E 47 -22.43 -12.29 48.51
CA GLN E 47 -22.20 -12.19 49.95
C GLN E 47 -21.61 -10.85 50.35
N ALA E 48 -22.00 -10.37 51.52
CA ALA E 48 -21.40 -9.16 52.07
C ALA E 48 -21.04 -9.42 53.52
N SER E 49 -19.80 -9.09 53.89
CA SER E 49 -19.35 -9.26 55.27
C SER E 49 -19.79 -8.07 56.09
N GLU E 50 -19.68 -8.15 57.41
CA GLU E 50 -20.03 -7.00 58.24
C GLU E 50 -19.13 -5.82 57.88
N GLY E 51 -17.86 -6.09 57.57
CA GLY E 51 -16.94 -5.06 57.13
C GLY E 51 -17.33 -4.41 55.82
N ALA E 52 -17.76 -5.21 54.84
CA ALA E 52 -18.18 -4.68 53.56
C ALA E 52 -19.44 -3.84 53.75
N ILE E 53 -20.33 -4.31 54.61
CA ILE E 53 -21.56 -3.59 54.91
C ILE E 53 -21.24 -2.23 55.56
N LYS E 54 -20.23 -2.19 56.43
CA LYS E 54 -19.83 -0.92 57.03
C LYS E 54 -19.28 0.01 55.94
N TYR E 55 -18.54 -0.56 55.00
CA TYR E 55 -17.90 0.22 53.95
C TYR E 55 -18.91 0.83 52.99
N MET E 56 -19.87 0.01 52.55
CA MET E 56 -20.89 0.44 51.59
C MET E 56 -22.05 1.16 52.25
N GLY E 57 -22.38 0.76 53.48
CA GLY E 57 -23.68 1.06 54.06
C GLY E 57 -24.67 -0.03 53.66
N ILE E 58 -25.47 -0.54 54.60
CA ILE E 58 -26.30 -1.69 54.31
C ILE E 58 -27.40 -1.31 53.30
N ASP E 59 -27.81 -0.05 53.32
CA ASP E 59 -28.77 0.44 52.35
C ASP E 59 -28.23 0.37 50.92
N MET E 60 -26.96 0.68 50.76
CA MET E 60 -26.33 0.63 49.44
C MET E 60 -26.03 -0.81 49.03
N ALA E 61 -25.56 -1.62 49.97
CA ALA E 61 -25.27 -3.03 49.66
C ALA E 61 -26.51 -3.74 49.11
N VAL E 62 -27.61 -3.65 49.84
CA VAL E 62 -28.85 -4.28 49.40
C VAL E 62 -29.41 -3.59 48.16
N GLY E 63 -29.38 -2.25 48.16
CA GLY E 63 -29.91 -1.48 47.04
C GLY E 63 -29.24 -1.80 45.71
N MET E 64 -27.92 -1.90 45.70
CA MET E 64 -27.19 -2.27 44.48
C MET E 64 -27.55 -3.68 44.03
N VAL E 65 -27.63 -4.61 44.97
CA VAL E 65 -27.99 -5.99 44.62
C VAL E 65 -29.40 -6.04 43.98
N LYS E 66 -30.36 -5.31 44.55
CA LYS E 66 -31.70 -5.27 43.97
C LYS E 66 -31.72 -4.73 42.55
N ILE E 67 -30.92 -3.70 42.31
CA ILE E 67 -30.88 -3.12 40.98
C ILE E 67 -30.28 -4.15 40.01
N MET E 68 -29.28 -4.88 40.48
CA MET E 68 -28.64 -5.88 39.62
C MET E 68 -29.61 -7.05 39.35
N CYS E 69 -30.43 -7.40 40.33
CA CYS E 69 -31.42 -8.46 40.14
C CYS E 69 -32.47 -8.02 39.12
N GLU E 70 -32.83 -6.73 39.11
CA GLU E 70 -33.77 -6.22 38.11
C GLU E 70 -33.14 -6.24 36.73
N ARG E 71 -31.83 -6.04 36.67
CA ARG E 71 -31.12 -6.05 35.41
C ARG E 71 -31.05 -7.46 34.81
N TYR E 72 -30.93 -8.46 35.66
CA TYR E 72 -30.85 -9.87 35.25
C TYR E 72 -31.88 -10.73 36.00
N PRO E 73 -33.16 -10.47 35.75
CA PRO E 73 -34.29 -11.07 36.47
C PRO E 73 -34.31 -12.59 36.43
N HIS E 74 -33.66 -13.20 35.45
CA HIS E 74 -33.74 -14.64 35.25
C HIS E 74 -32.73 -15.41 36.12
N ILE E 75 -31.78 -14.71 36.73
CA ILE E 75 -30.76 -15.38 37.56
C ILE E 75 -31.23 -15.51 39.02
N PRO E 76 -31.31 -16.75 39.54
CA PRO E 76 -31.61 -16.91 40.96
C PRO E 76 -30.43 -16.41 41.78
N VAL E 77 -30.70 -15.51 42.71
CA VAL E 77 -29.66 -14.88 43.50
C VAL E 77 -30.10 -14.86 44.96
N ALA E 78 -29.24 -15.30 45.86
CA ALA E 78 -29.46 -15.08 47.29
C ALA E 78 -28.49 -14.03 47.78
N LEU E 79 -28.97 -13.06 48.55
CA LEU E 79 -28.10 -12.03 49.14
C LEU E 79 -27.81 -12.44 50.58
N HIS E 80 -26.53 -12.65 50.89
CA HIS E 80 -26.16 -13.39 52.08
C HIS E 80 -25.23 -12.60 52.98
N LEU E 81 -25.58 -12.54 54.27
CA LEU E 81 -24.69 -11.94 55.27
C LEU E 81 -23.60 -12.93 55.66
N ASP E 82 -22.38 -12.58 55.31
CA ASP E 82 -21.23 -13.45 55.54
C ASP E 82 -20.71 -13.24 56.96
N HIS E 83 -20.53 -14.32 57.71
CA HIS E 83 -20.02 -14.27 59.08
C HIS E 83 -20.68 -13.22 59.97
N GLY E 84 -21.99 -13.31 60.13
CA GLY E 84 -22.69 -12.50 61.11
C GLY E 84 -22.22 -12.91 62.49
N THR E 85 -21.97 -11.94 63.36
CA THR E 85 -21.33 -12.24 64.64
C THR E 85 -22.28 -12.12 65.82
N THR E 86 -23.38 -11.40 65.62
CA THR E 86 -24.35 -11.23 66.70
C THR E 86 -25.77 -11.42 66.17
N PHE E 87 -26.71 -11.54 67.09
CA PHE E 87 -28.11 -11.65 66.74
C PHE E 87 -28.61 -10.35 66.15
N GLU E 88 -28.12 -9.22 66.67
CA GLU E 88 -28.55 -7.92 66.20
C GLU E 88 -28.10 -7.70 64.75
N SER E 89 -26.91 -8.18 64.42
CA SER E 89 -26.37 -8.06 63.08
C SER E 89 -27.21 -8.87 62.08
N CYS E 90 -27.54 -10.10 62.45
CA CYS E 90 -28.38 -10.92 61.61
C CYS E 90 -29.74 -10.26 61.46
N GLU E 91 -30.27 -9.70 62.55
CA GLU E 91 -31.57 -9.06 62.51
C GLU E 91 -31.59 -7.83 61.61
N LYS E 92 -30.52 -7.04 61.60
CA LYS E 92 -30.45 -5.83 60.76
C LYS E 92 -30.38 -6.24 59.30
N ALA E 93 -29.60 -7.28 59.01
CA ALA E 93 -29.54 -7.84 57.67
C ALA E 93 -30.93 -8.29 57.21
N VAL E 94 -31.65 -9.03 58.05
CA VAL E 94 -32.98 -9.50 57.69
C VAL E 94 -33.91 -8.34 57.36
N LYS E 95 -33.92 -7.32 58.22
CA LYS E 95 -34.82 -6.20 58.01
C LYS E 95 -34.42 -5.34 56.80
N ALA E 96 -33.13 -5.35 56.45
CA ALA E 96 -32.66 -4.59 55.30
C ALA E 96 -33.02 -5.26 53.98
N GLY E 97 -33.25 -6.57 54.00
CA GLY E 97 -33.67 -7.28 52.80
C GLY E 97 -32.77 -8.42 52.34
N PHE E 98 -31.81 -8.81 53.17
CA PHE E 98 -31.01 -10.00 52.93
C PHE E 98 -31.92 -11.23 52.89
N THR E 99 -31.55 -12.24 52.10
CA THR E 99 -32.37 -13.44 51.98
C THR E 99 -31.70 -14.66 52.60
N SER E 100 -30.54 -14.44 53.22
CA SER E 100 -29.78 -15.51 53.85
C SER E 100 -28.78 -14.87 54.81
N VAL E 101 -28.62 -15.44 56.01
CA VAL E 101 -27.63 -14.94 56.93
C VAL E 101 -26.83 -16.06 57.56
N MET E 102 -25.55 -15.82 57.78
CA MET E 102 -24.75 -16.73 58.57
C MET E 102 -24.64 -16.17 59.97
N ILE E 103 -24.96 -17.02 60.94
CA ILE E 103 -24.63 -16.73 62.34
C ILE E 103 -23.40 -17.55 62.72
N ASP E 104 -22.28 -16.86 62.93
CA ASP E 104 -21.01 -17.51 63.18
C ASP E 104 -20.64 -17.36 64.62
N ALA E 105 -21.05 -18.33 65.42
CA ALA E 105 -20.69 -18.39 66.82
C ALA E 105 -19.95 -19.69 67.05
N SER E 106 -19.08 -20.03 66.09
CA SER E 106 -18.37 -21.30 66.14
C SER E 106 -17.23 -21.23 67.16
N HIS E 107 -16.83 -20.02 67.54
CA HIS E 107 -15.81 -19.83 68.55
C HIS E 107 -16.38 -20.11 69.95
N HIS E 108 -17.71 -20.16 70.05
CA HIS E 108 -18.37 -20.50 71.30
C HIS E 108 -18.33 -22.02 71.50
N ALA E 109 -18.53 -22.46 72.74
CA ALA E 109 -18.65 -23.89 73.00
C ALA E 109 -19.99 -24.37 72.46
N PHE E 110 -20.07 -25.65 72.11
CA PHE E 110 -21.22 -26.22 71.41
C PHE E 110 -22.57 -25.73 71.91
N GLU E 111 -22.69 -25.51 73.21
CA GLU E 111 -23.99 -25.21 73.81
C GLU E 111 -24.47 -23.79 73.49
N GLU E 112 -23.60 -22.79 73.64
CA GLU E 112 -24.02 -21.43 73.35
C GLU E 112 -24.19 -21.24 71.85
N ASN E 113 -23.30 -21.86 71.05
CA ASN E 113 -23.44 -21.82 69.60
C ASN E 113 -24.86 -22.24 69.23
N LEU E 114 -25.29 -23.37 69.76
CA LEU E 114 -26.64 -23.86 69.49
C LEU E 114 -27.73 -22.90 69.96
N GLU E 115 -27.51 -22.22 71.08
CA GLU E 115 -28.51 -21.31 71.61
C GLU E 115 -28.65 -20.07 70.74
N LEU E 116 -27.51 -19.47 70.40
CA LEU E 116 -27.50 -18.27 69.56
C LEU E 116 -28.02 -18.59 68.16
N THR E 117 -27.50 -19.64 67.55
CA THR E 117 -27.95 -20.07 66.23
C THR E 117 -29.47 -20.29 66.23
N SER E 118 -29.97 -20.97 67.25
CA SER E 118 -31.40 -21.26 67.32
C SER E 118 -32.20 -19.98 67.43
N LYS E 119 -31.64 -18.97 68.09
CA LYS E 119 -32.33 -17.70 68.23
C LYS E 119 -32.42 -16.98 66.89
N VAL E 120 -31.32 -17.01 66.14
CA VAL E 120 -31.28 -16.39 64.82
C VAL E 120 -32.24 -17.11 63.86
N VAL E 121 -32.26 -18.44 63.91
CA VAL E 121 -33.13 -19.22 63.05
C VAL E 121 -34.61 -18.87 63.26
N LYS E 122 -35.07 -18.78 64.50
CA LYS E 122 -36.46 -18.44 64.73
C LYS E 122 -36.80 -17.07 64.17
N MET E 123 -35.89 -16.10 64.36
CA MET E 123 -36.12 -14.77 63.84
C MET E 123 -36.10 -14.80 62.30
N ALA E 124 -35.09 -15.45 61.75
CA ALA E 124 -34.89 -15.47 60.31
C ALA E 124 -36.05 -16.21 59.61
N HIS E 125 -36.34 -17.43 60.05
CA HIS E 125 -37.39 -18.22 59.42
C HIS E 125 -38.72 -17.48 59.46
N ASN E 126 -38.93 -16.72 60.52
CA ASN E 126 -40.15 -15.95 60.66
C ASN E 126 -40.27 -14.88 59.59
N ALA E 127 -39.13 -14.45 59.04
CA ALA E 127 -39.13 -13.44 57.99
C ALA E 127 -38.83 -14.04 56.61
N GLY E 128 -38.80 -15.36 56.53
CA GLY E 128 -38.61 -16.03 55.25
C GLY E 128 -37.16 -15.99 54.78
N VAL E 129 -36.24 -15.87 55.73
CA VAL E 129 -34.82 -15.80 55.43
C VAL E 129 -34.13 -17.09 55.87
N SER E 130 -33.18 -17.57 55.06
CA SER E 130 -32.46 -18.81 55.36
C SER E 130 -31.25 -18.54 56.25
N VAL E 131 -30.73 -19.58 56.90
CA VAL E 131 -29.66 -19.42 57.88
C VAL E 131 -28.54 -20.45 57.75
N GLU E 132 -27.31 -19.96 57.85
CA GLU E 132 -26.11 -20.79 57.85
C GLU E 132 -25.46 -20.70 59.22
N ALA E 133 -24.92 -21.81 59.72
CA ALA E 133 -24.13 -21.78 60.95
C ALA E 133 -22.84 -22.58 60.75
N GLU E 134 -21.92 -22.50 61.70
CA GLU E 134 -20.62 -23.15 61.56
C GLU E 134 -20.23 -23.94 62.80
N LEU E 135 -19.58 -25.08 62.57
CA LEU E 135 -19.04 -25.92 63.63
C LEU E 135 -17.59 -26.27 63.32
N GLY E 136 -16.71 -26.10 64.31
CA GLY E 136 -15.29 -26.31 64.12
C GLY E 136 -14.54 -25.00 63.94
N ARG E 137 -13.24 -25.04 64.20
CA ARG E 137 -12.38 -23.88 64.03
C ARG E 137 -11.75 -23.89 62.64
N LEU E 138 -11.73 -22.72 62.00
CA LEU E 138 -11.34 -22.60 60.60
C LEU E 138 -9.84 -22.48 60.40
N MET E 139 -9.09 -23.53 60.74
CA MET E 139 -7.67 -23.59 60.46
C MET E 139 -7.28 -24.94 59.87
N GLY E 140 -6.06 -25.03 59.37
CA GLY E 140 -5.61 -26.22 58.65
C GLY E 140 -5.41 -27.46 59.50
N ILE E 141 -4.80 -28.47 58.91
CA ILE E 141 -4.55 -29.74 59.58
C ILE E 141 -3.10 -29.84 60.04
N ALA E 152 -10.20 -32.32 67.50
CA ALA E 152 -10.55 -31.20 68.37
C ALA E 152 -10.97 -29.99 67.54
N VAL E 153 -10.04 -29.50 66.72
CA VAL E 153 -10.28 -28.33 65.90
C VAL E 153 -11.46 -28.54 64.95
N LEU E 154 -11.32 -29.53 64.06
CA LEU E 154 -12.30 -29.75 63.00
C LEU E 154 -13.68 -30.17 63.51
N VAL E 155 -14.65 -30.17 62.61
CA VAL E 155 -16.04 -30.50 62.94
C VAL E 155 -16.12 -31.89 63.57
N ASN E 156 -17.05 -32.05 64.50
CA ASN E 156 -17.35 -33.37 65.05
C ASN E 156 -18.68 -33.83 64.48
N PRO E 157 -18.64 -34.82 63.59
CA PRO E 157 -19.87 -35.22 62.88
C PRO E 157 -21.06 -35.45 63.82
N LYS E 158 -20.81 -35.98 65.02
CA LYS E 158 -21.89 -36.23 65.97
C LYS E 158 -22.46 -34.93 66.54
N GLU E 159 -21.58 -33.97 66.82
CA GLU E 159 -22.03 -32.64 67.24
C GLU E 159 -22.91 -32.04 66.17
N ALA E 160 -22.49 -32.18 64.92
CA ALA E 160 -23.22 -31.60 63.79
C ALA E 160 -24.62 -32.21 63.68
N GLU E 161 -24.70 -33.52 63.87
CA GLU E 161 -25.97 -34.21 63.75
C GLU E 161 -26.99 -33.62 64.71
N GLN E 162 -26.59 -33.40 65.96
CA GLN E 162 -27.50 -32.86 66.96
C GLN E 162 -27.75 -31.38 66.72
N PHE E 163 -26.68 -30.64 66.44
CA PHE E 163 -26.77 -29.21 66.22
C PHE E 163 -27.84 -28.87 65.18
N VAL E 164 -27.85 -29.63 64.08
CA VAL E 164 -28.76 -29.34 62.97
C VAL E 164 -30.20 -29.74 63.29
N LYS E 165 -30.39 -30.90 63.89
CA LYS E 165 -31.75 -31.34 64.23
C LYS E 165 -32.43 -30.33 65.13
N GLU E 166 -31.70 -29.84 66.12
CA GLU E 166 -32.28 -28.99 67.16
C GLU E 166 -32.32 -27.49 66.79
N SER E 167 -31.40 -27.05 65.95
CA SER E 167 -31.35 -25.64 65.58
C SER E 167 -32.32 -25.32 64.44
N GLN E 168 -32.52 -26.28 63.53
CA GLN E 168 -33.36 -26.06 62.35
C GLN E 168 -32.64 -25.20 61.31
N VAL E 169 -31.33 -25.03 61.47
CA VAL E 169 -30.52 -24.26 60.53
C VAL E 169 -30.60 -24.91 59.13
N ASP E 170 -30.58 -24.08 58.09
CA ASP E 170 -30.79 -24.57 56.74
C ASP E 170 -29.53 -25.17 56.11
N TYR E 171 -28.37 -24.61 56.45
CA TYR E 171 -27.12 -25.19 55.98
C TYR E 171 -26.01 -24.99 56.99
N LEU E 172 -25.01 -25.84 56.88
CA LEU E 172 -23.96 -25.90 57.88
C LEU E 172 -22.61 -25.80 57.21
N ALA E 173 -21.70 -25.09 57.86
CA ALA E 173 -20.32 -24.95 57.42
C ALA E 173 -19.43 -25.76 58.35
N PRO E 174 -19.12 -27.01 57.98
CA PRO E 174 -18.24 -27.84 58.82
C PRO E 174 -16.77 -27.60 58.47
N ALA E 175 -15.94 -27.39 59.48
CA ALA E 175 -14.51 -27.17 59.26
C ALA E 175 -13.84 -28.49 58.93
N ILE E 176 -13.22 -28.57 57.75
CA ILE E 176 -12.57 -29.81 57.32
C ILE E 176 -11.13 -29.61 56.87
N GLY E 177 -10.56 -28.45 57.14
CA GLY E 177 -9.15 -28.23 56.88
C GLY E 177 -8.81 -26.98 56.08
N THR E 178 -9.82 -26.25 55.65
CA THR E 178 -9.60 -24.97 54.97
C THR E 178 -9.43 -23.84 55.98
N SER E 179 -9.00 -22.68 55.47
CA SER E 179 -8.86 -21.47 56.28
C SER E 179 -8.98 -20.28 55.34
N HIS E 180 -9.26 -19.10 55.89
CA HIS E 180 -9.41 -17.89 55.08
C HIS E 180 -8.07 -17.38 54.57
N GLY E 181 -8.08 -16.74 53.41
CA GLY E 181 -6.93 -15.97 52.94
C GLY E 181 -6.05 -16.72 51.96
N ALA E 182 -4.94 -16.10 51.60
CA ALA E 182 -4.08 -16.60 50.54
C ALA E 182 -3.10 -17.70 50.98
N PHE E 183 -2.99 -17.92 52.28
CA PHE E 183 -1.97 -18.82 52.79
C PHE E 183 -2.60 -19.94 53.60
N LYS E 184 -3.19 -20.88 52.87
CA LYS E 184 -4.01 -21.93 53.48
C LYS E 184 -3.18 -23.15 53.88
N PHE E 185 -2.11 -23.43 53.14
CA PHE E 185 -1.34 -24.64 53.38
C PHE E 185 0.16 -24.42 53.39
N LYS E 186 0.81 -24.96 54.43
CA LYS E 186 2.25 -25.13 54.44
C LYS E 186 2.48 -26.61 54.16
N GLY E 187 3.04 -26.90 52.99
CA GLY E 187 3.11 -28.27 52.50
C GLY E 187 1.92 -28.55 51.61
N GLU E 188 1.84 -29.74 51.02
CA GLU E 188 0.77 -30.01 50.07
C GLU E 188 -0.61 -29.97 50.73
N PRO E 189 -1.58 -29.28 50.09
CA PRO E 189 -2.92 -29.16 50.67
C PRO E 189 -3.50 -30.51 51.06
N LYS E 190 -4.33 -30.52 52.09
CA LYS E 190 -5.02 -31.72 52.52
C LYS E 190 -6.30 -31.32 53.25
N LEU E 191 -7.39 -32.01 52.93
CA LEU E 191 -8.66 -31.79 53.63
C LEU E 191 -9.22 -33.13 54.08
N ASP E 192 -10.12 -33.07 55.05
CA ASP E 192 -10.67 -34.28 55.65
C ASP E 192 -12.00 -34.65 54.97
N PHE E 193 -11.91 -35.24 53.77
CA PHE E 193 -13.10 -35.59 53.00
C PHE E 193 -13.93 -36.69 53.64
N GLU E 194 -13.29 -37.58 54.40
CA GLU E 194 -14.00 -38.63 55.11
C GLU E 194 -14.91 -38.02 56.17
N ARG E 195 -14.37 -37.05 56.90
CA ARG E 195 -15.13 -36.32 57.89
C ARG E 195 -16.27 -35.52 57.25
N LEU E 196 -16.01 -34.94 56.08
CA LEU E 196 -17.06 -34.25 55.34
C LEU E 196 -18.20 -35.20 55.00
N GLN E 197 -17.86 -36.39 54.50
CA GLN E 197 -18.86 -37.34 54.05
C GLN E 197 -19.69 -37.85 55.22
N GLU E 198 -19.07 -37.90 56.40
CA GLU E 198 -19.80 -38.34 57.60
C GLU E 198 -20.76 -37.25 58.01
N VAL E 199 -20.31 -36.00 57.97
CA VAL E 199 -21.19 -34.88 58.31
C VAL E 199 -22.39 -34.84 57.36
N LYS E 200 -22.16 -35.09 56.07
CA LYS E 200 -23.24 -35.06 55.09
C LYS E 200 -24.25 -36.17 55.38
N ARG E 201 -23.75 -37.38 55.61
CA ARG E 201 -24.60 -38.53 55.88
C ARG E 201 -25.52 -38.29 57.09
N LEU E 202 -24.96 -37.70 58.14
CA LEU E 202 -25.72 -37.48 59.37
C LEU E 202 -26.70 -36.30 59.30
N THR E 203 -26.38 -35.27 58.51
CA THR E 203 -27.20 -34.06 58.48
C THR E 203 -28.18 -34.02 57.31
N ASN E 204 -27.76 -34.54 56.16
CA ASN E 204 -28.61 -34.54 54.96
C ASN E 204 -29.16 -33.14 54.62
N ILE E 205 -28.35 -32.11 54.85
CA ILE E 205 -28.69 -30.75 54.39
C ILE E 205 -27.55 -30.21 53.56
N PRO E 206 -27.79 -29.06 52.88
CA PRO E 206 -26.71 -28.41 52.13
C PRO E 206 -25.54 -28.02 53.04
N LEU E 207 -24.31 -28.18 52.55
CA LEU E 207 -23.12 -27.87 53.34
C LEU E 207 -22.31 -26.73 52.71
N VAL E 208 -21.54 -26.03 53.53
CA VAL E 208 -20.84 -24.83 53.08
C VAL E 208 -19.35 -24.93 53.34
N LEU E 209 -18.54 -24.73 52.30
CA LEU E 209 -17.10 -24.69 52.45
C LEU E 209 -16.59 -23.25 52.51
N HIS E 210 -16.01 -22.85 53.64
CA HIS E 210 -15.34 -21.56 53.75
C HIS E 210 -13.88 -21.67 53.31
N GLY E 211 -13.23 -20.53 53.11
CA GLY E 211 -11.83 -20.50 52.75
C GLY E 211 -11.57 -21.32 51.51
N ALA E 212 -12.40 -21.13 50.48
CA ALA E 212 -12.38 -22.03 49.33
C ALA E 212 -11.65 -21.46 48.11
N SER E 213 -11.00 -20.31 48.26
CA SER E 213 -10.25 -19.75 47.15
C SER E 213 -9.13 -20.71 46.73
N ALA E 214 -8.88 -20.77 45.42
CA ALA E 214 -7.87 -21.68 44.87
C ALA E 214 -6.53 -20.99 44.63
N ILE E 215 -6.56 -19.66 44.50
CA ILE E 215 -5.43 -18.89 43.97
C ILE E 215 -4.84 -19.58 42.74
N PRO E 216 -5.55 -19.47 41.59
CA PRO E 216 -5.21 -20.09 40.31
C PRO E 216 -3.89 -19.60 39.72
N ASP E 217 -3.18 -20.48 39.03
CA ASP E 217 -1.89 -20.15 38.46
C ASP E 217 -1.90 -18.84 37.65
N ASN E 218 -2.95 -18.61 36.86
CA ASN E 218 -2.98 -17.44 35.98
C ASN E 218 -3.21 -16.16 36.79
N VAL E 219 -4.01 -16.27 37.83
CA VAL E 219 -4.25 -15.15 38.73
C VAL E 219 -2.97 -14.80 39.49
N ARG E 220 -2.30 -15.81 40.01
CA ARG E 220 -1.00 -15.57 40.65
C ARG E 220 -0.04 -14.89 39.67
N LYS E 221 0.05 -15.43 38.46
CA LYS E 221 1.00 -14.94 37.49
C LYS E 221 0.70 -13.48 37.18
N SER E 222 -0.59 -13.15 37.12
CA SER E 222 -1.00 -11.80 36.75
C SER E 222 -0.60 -10.82 37.84
N TYR E 223 -0.78 -11.24 39.09
CA TYR E 223 -0.47 -10.40 40.23
C TYR E 223 1.04 -10.20 40.39
N LEU E 224 1.82 -11.25 40.20
CA LEU E 224 3.27 -11.14 40.34
C LEU E 224 3.86 -10.32 39.18
N ASP E 225 3.33 -10.53 37.98
CA ASP E 225 3.79 -9.82 36.79
C ASP E 225 3.61 -8.32 37.00
N ALA E 226 2.60 -7.94 37.77
CA ALA E 226 2.30 -6.54 38.01
C ALA E 226 3.04 -5.97 39.23
N GLY E 227 3.99 -6.74 39.76
CA GLY E 227 4.81 -6.27 40.86
C GLY E 227 4.29 -6.67 42.24
N GLY E 228 3.22 -7.45 42.27
CA GLY E 228 2.67 -7.90 43.53
C GLY E 228 3.52 -8.95 44.21
N ASP E 229 3.28 -9.17 45.49
CA ASP E 229 3.99 -10.13 46.31
C ASP E 229 2.98 -11.10 46.92
N LEU E 230 3.15 -12.38 46.60
CA LEU E 230 2.28 -13.45 47.12
C LEU E 230 3.17 -14.61 47.57
N LYS E 231 4.30 -14.26 48.18
CA LYS E 231 5.27 -15.25 48.63
C LYS E 231 4.60 -16.26 49.56
N GLY E 232 4.69 -17.54 49.20
CA GLY E 232 4.25 -18.61 50.07
C GLY E 232 2.76 -18.92 50.01
N SER E 233 2.02 -18.23 49.16
CA SER E 233 0.57 -18.44 49.10
C SER E 233 0.19 -19.78 48.47
N LYS E 234 -0.88 -20.36 49.00
CA LYS E 234 -1.44 -21.61 48.49
C LYS E 234 -2.94 -21.61 48.77
N GLY E 235 -3.76 -21.89 47.76
CA GLY E 235 -5.18 -22.06 47.97
C GLY E 235 -5.59 -23.52 47.80
N VAL E 236 -6.89 -23.77 47.76
CA VAL E 236 -7.42 -25.11 47.56
C VAL E 236 -7.30 -25.53 46.09
N PRO E 237 -6.66 -26.66 45.83
CA PRO E 237 -6.55 -27.15 44.44
C PRO E 237 -7.93 -27.33 43.79
N PHE E 238 -8.02 -27.15 42.48
CA PHE E 238 -9.30 -27.28 41.79
C PHE E 238 -9.87 -28.66 42.02
N GLU E 239 -8.99 -29.66 42.02
CA GLU E 239 -9.38 -31.05 42.20
C GLU E 239 -10.08 -31.23 43.53
N PHE E 240 -9.57 -30.53 44.55
CA PHE E 240 -10.13 -30.59 45.91
C PHE E 240 -11.51 -29.95 46.00
N LEU E 241 -11.74 -28.87 45.25
CA LEU E 241 -13.04 -28.22 45.25
C LEU E 241 -14.07 -29.17 44.63
N GLN E 242 -13.67 -29.82 43.54
CA GLN E 242 -14.52 -30.82 42.90
C GLN E 242 -14.81 -31.99 43.84
N GLU E 243 -13.80 -32.39 44.61
CA GLU E 243 -13.98 -33.48 45.56
C GLU E 243 -14.90 -33.07 46.70
N SER E 244 -14.82 -31.80 47.09
CA SER E 244 -15.69 -31.25 48.13
C SER E 244 -17.15 -31.33 47.70
N VAL E 245 -17.41 -30.94 46.46
CA VAL E 245 -18.77 -30.99 45.93
C VAL E 245 -19.28 -32.44 45.86
N LYS E 246 -18.43 -33.35 45.42
CA LYS E 246 -18.81 -34.76 45.36
C LYS E 246 -19.14 -35.25 46.76
N GLY E 247 -18.50 -34.63 47.75
CA GLY E 247 -18.67 -35.03 49.14
C GLY E 247 -19.86 -34.40 49.84
N GLY E 248 -20.49 -33.41 49.21
CA GLY E 248 -21.71 -32.82 49.78
C GLY E 248 -21.65 -31.31 49.99
N ILE E 249 -20.57 -30.66 49.60
CA ILE E 249 -20.50 -29.21 49.66
C ILE E 249 -21.35 -28.61 48.54
N ASN E 250 -22.25 -27.69 48.90
CA ASN E 250 -23.16 -27.08 47.93
C ASN E 250 -23.03 -25.56 47.83
N LYS E 251 -22.36 -24.94 48.80
CA LYS E 251 -22.07 -23.50 48.78
C LYS E 251 -20.57 -23.34 49.01
N VAL E 252 -19.90 -22.57 48.15
CA VAL E 252 -18.44 -22.51 48.19
C VAL E 252 -17.98 -21.05 48.25
N ASN E 253 -17.56 -20.61 49.43
CA ASN E 253 -17.21 -19.20 49.64
C ASN E 253 -15.90 -18.81 48.99
N THR E 254 -15.96 -17.75 48.19
CA THR E 254 -14.84 -17.34 47.40
C THR E 254 -14.71 -15.82 47.47
N ASP E 255 -13.58 -15.36 47.98
CA ASP E 255 -13.34 -13.94 48.16
C ASP E 255 -11.93 -13.56 47.71
N THR E 256 -10.94 -14.19 48.30
CA THR E 256 -9.53 -13.88 48.01
C THR E 256 -9.18 -13.93 46.52
N ASP E 257 -9.62 -14.99 45.83
CA ASP E 257 -9.34 -15.11 44.39
C ASP E 257 -9.80 -13.89 43.62
N LEU E 258 -10.98 -13.38 44.01
CA LEU E 258 -11.57 -12.24 43.31
C LEU E 258 -10.75 -10.97 43.51
N ARG E 259 -10.30 -10.75 44.74
CA ARG E 259 -9.53 -9.55 45.07
C ARG E 259 -8.17 -9.56 44.36
N ILE E 260 -7.49 -10.69 44.38
CA ILE E 260 -6.16 -10.75 43.77
C ILE E 260 -6.26 -10.50 42.28
N ALA E 261 -7.23 -11.13 41.63
CA ALA E 261 -7.39 -10.94 40.19
C ALA E 261 -7.70 -9.47 39.86
N PHE E 262 -8.55 -8.86 40.68
CA PHE E 262 -8.98 -7.48 40.45
C PHE E 262 -7.79 -6.53 40.65
N ILE E 263 -7.11 -6.65 41.79
CA ILE E 263 -6.04 -5.73 42.13
C ILE E 263 -4.81 -5.93 41.23
N ALA E 264 -4.62 -7.15 40.73
CA ALA E 264 -3.55 -7.38 39.77
C ALA E 264 -3.72 -6.42 38.60
N GLU E 265 -4.95 -6.29 38.09
CA GLU E 265 -5.19 -5.44 36.93
C GLU E 265 -5.04 -3.94 37.26
N VAL E 266 -5.41 -3.55 38.47
CA VAL E 266 -5.24 -2.16 38.87
C VAL E 266 -3.75 -1.83 38.91
N ARG E 267 -2.95 -2.70 39.53
CA ARG E 267 -1.50 -2.54 39.57
C ARG E 267 -0.92 -2.42 38.17
N LYS E 268 -1.37 -3.28 37.27
CA LYS E 268 -0.82 -3.29 35.93
C LYS E 268 -1.11 -1.97 35.23
N VAL E 269 -2.32 -1.43 35.40
CA VAL E 269 -2.65 -0.18 34.74
C VAL E 269 -1.78 0.92 35.33
N ALA E 270 -1.64 0.92 36.65
CA ALA E 270 -0.81 1.91 37.33
C ALA E 270 0.62 1.85 36.78
N ASN E 271 1.11 0.63 36.53
CA ASN E 271 2.49 0.45 36.09
C ASN E 271 2.72 0.94 34.67
N GLU E 272 1.76 0.65 33.80
CA GLU E 272 1.99 0.78 32.37
C GLU E 272 1.73 2.18 31.86
N ASP E 273 1.01 2.99 32.63
CA ASP E 273 0.76 4.38 32.21
C ASP E 273 0.69 5.34 33.40
N LYS E 274 1.75 6.11 33.62
CA LYS E 274 1.83 6.98 34.78
C LYS E 274 0.92 8.19 34.66
N SER E 275 0.50 8.49 33.43
CA SER E 275 -0.39 9.61 33.19
C SER E 275 -1.87 9.24 33.29
N GLN E 276 -2.18 7.98 33.59
CA GLN E 276 -3.56 7.50 33.54
C GLN E 276 -4.28 7.75 34.86
N PHE E 277 -5.38 8.50 34.81
CA PHE E 277 -6.20 8.67 36.00
C PHE E 277 -7.70 8.61 35.73
N ASP E 278 -8.08 8.07 34.59
CA ASP E 278 -9.50 7.70 34.35
C ASP E 278 -9.81 6.43 35.11
N LEU E 279 -10.72 6.51 36.08
CA LEU E 279 -10.97 5.35 36.93
C LEU E 279 -11.41 4.16 36.11
N ARG E 280 -12.21 4.40 35.07
CA ARG E 280 -12.70 3.32 34.23
C ARG E 280 -11.58 2.51 33.59
N LYS E 281 -10.47 3.18 33.28
CA LYS E 281 -9.34 2.50 32.65
C LYS E 281 -8.66 1.55 33.63
N PHE E 282 -8.74 1.85 34.92
CA PHE E 282 -8.28 0.93 35.94
C PHE E 282 -9.28 -0.21 36.15
N PHE E 283 -10.57 0.12 36.26
CA PHE E 283 -11.52 -0.82 36.84
C PHE E 283 -12.22 -1.66 35.79
N SER E 284 -12.14 -1.28 34.53
CA SER E 284 -12.72 -2.11 33.49
C SER E 284 -11.94 -3.42 33.33
N PRO E 285 -10.59 -3.35 33.19
CA PRO E 285 -9.80 -4.58 33.13
C PRO E 285 -9.90 -5.37 34.43
N ALA E 286 -10.01 -4.67 35.55
CA ALA E 286 -10.12 -5.35 36.84
C ALA E 286 -11.41 -6.17 36.91
N GLN E 287 -12.51 -5.58 36.46
CA GLN E 287 -13.79 -6.30 36.43
C GLN E 287 -13.71 -7.53 35.53
N LEU E 288 -13.06 -7.37 34.37
CA LEU E 288 -12.95 -8.48 33.44
C LEU E 288 -12.20 -9.65 34.06
N ALA E 289 -11.09 -9.36 34.74
CA ALA E 289 -10.29 -10.42 35.37
C ALA E 289 -11.11 -11.08 36.49
N LEU E 290 -11.85 -10.28 37.24
CA LEU E 290 -12.66 -10.83 38.33
C LEU E 290 -13.79 -11.69 37.75
N LYS E 291 -14.45 -11.17 36.71
CA LYS E 291 -15.52 -11.92 36.04
C LYS E 291 -15.02 -13.28 35.57
N ASN E 292 -13.81 -13.32 35.00
CA ASN E 292 -13.26 -14.56 34.46
C ASN E 292 -12.96 -15.59 35.55
N VAL E 293 -12.50 -15.13 36.72
CA VAL E 293 -12.28 -16.02 37.85
C VAL E 293 -13.61 -16.63 38.28
N VAL E 294 -14.64 -15.80 38.34
CA VAL E 294 -15.97 -16.28 38.75
C VAL E 294 -16.54 -17.26 37.73
N LYS E 295 -16.42 -16.93 36.45
CA LYS E 295 -16.91 -17.83 35.40
C LYS E 295 -16.25 -19.21 35.50
N GLU E 296 -14.93 -19.23 35.59
CA GLU E 296 -14.22 -20.50 35.68
C GLU E 296 -14.67 -21.27 36.91
N ARG E 297 -14.94 -20.57 38.00
CA ARG E 297 -15.32 -21.24 39.24
C ARG E 297 -16.71 -21.87 39.10
N MET E 298 -17.60 -21.20 38.39
CA MET E 298 -18.96 -21.70 38.19
C MET E 298 -18.92 -22.97 37.35
N LYS E 299 -18.06 -23.01 36.35
CA LYS E 299 -17.90 -24.22 35.55
C LYS E 299 -17.34 -25.35 36.43
N LEU E 300 -16.34 -25.03 37.24
CA LEU E 300 -15.68 -26.05 38.06
C LEU E 300 -16.64 -26.66 39.07
N LEU E 301 -17.49 -25.84 39.68
CA LEU E 301 -18.36 -26.33 40.74
C LEU E 301 -19.62 -27.00 40.18
N GLY E 302 -19.90 -26.76 38.92
CA GLY E 302 -21.01 -27.43 38.26
C GLY E 302 -22.32 -26.67 38.27
N SER E 303 -22.28 -25.36 38.52
CA SER E 303 -23.50 -24.57 38.54
C SER E 303 -23.76 -23.91 37.19
N ALA E 304 -22.81 -23.99 36.27
CA ALA E 304 -23.04 -23.49 34.93
C ALA E 304 -24.23 -24.21 34.31
N ASN E 305 -25.12 -23.44 33.70
CA ASN E 305 -26.26 -23.97 32.97
C ASN E 305 -27.28 -24.64 33.87
N LYS E 306 -27.32 -24.21 35.13
CA LYS E 306 -28.27 -24.77 36.09
C LYS E 306 -29.48 -23.86 36.36
N ILE E 307 -29.54 -22.71 35.71
CA ILE E 307 -30.71 -21.84 35.88
C ILE E 307 -31.95 -22.50 35.28
N MET F 1 14.43 3.43 19.79
CA MET F 1 14.27 4.55 20.75
C MET F 1 14.75 4.07 22.12
N LEU F 2 14.56 4.89 23.16
CA LEU F 2 14.96 4.53 24.53
C LEU F 2 14.09 3.39 25.03
N VAL F 3 14.71 2.32 25.53
CA VAL F 3 13.97 1.19 26.11
C VAL F 3 14.59 0.73 27.41
N LYS F 4 13.83 0.01 28.22
CA LYS F 4 14.37 -0.46 29.47
C LYS F 4 15.53 -1.42 29.18
N GLY F 5 16.56 -1.38 30.02
CA GLY F 5 17.74 -2.19 29.78
C GLY F 5 17.43 -3.66 29.66
N ASN F 6 16.45 -4.13 30.41
CA ASN F 6 16.14 -5.56 30.44
C ASN F 6 15.57 -6.01 29.11
N GLU F 7 14.94 -5.09 28.37
CA GLU F 7 14.43 -5.46 27.04
C GLU F 7 15.57 -5.92 26.15
N ILE F 8 16.65 -5.15 26.15
CA ILE F 8 17.81 -5.45 25.32
C ILE F 8 18.57 -6.68 25.82
N LEU F 9 18.79 -6.80 27.13
CA LEU F 9 19.62 -7.88 27.63
C LEU F 9 18.90 -9.21 27.72
N LEU F 10 17.58 -9.19 27.84
CA LEU F 10 16.83 -10.44 27.86
C LEU F 10 16.93 -11.09 26.48
N LYS F 11 16.84 -10.28 25.43
CA LYS F 11 16.99 -10.79 24.07
C LYS F 11 18.41 -11.32 23.87
N ALA F 12 19.40 -10.56 24.32
CA ALA F 12 20.78 -10.99 24.24
C ALA F 12 20.95 -12.33 24.96
N HIS F 13 20.32 -12.46 26.12
CA HIS F 13 20.44 -13.65 26.95
C HIS F 13 19.79 -14.84 26.23
N LYS F 14 18.64 -14.61 25.63
CA LYS F 14 17.89 -15.66 24.96
C LYS F 14 18.64 -16.17 23.73
N GLU F 15 19.25 -15.26 22.98
CA GLU F 15 19.84 -15.63 21.70
C GLU F 15 21.36 -15.84 21.80
N GLY F 16 21.93 -15.61 22.97
CA GLY F 16 23.32 -15.91 23.23
C GLY F 16 24.34 -14.98 22.62
N TYR F 17 24.10 -13.67 22.67
CA TYR F 17 25.11 -12.71 22.23
C TYR F 17 25.36 -11.64 23.30
N GLY F 18 26.40 -10.85 23.08
CA GLY F 18 26.75 -9.78 24.01
C GLY F 18 26.48 -8.41 23.41
N VAL F 19 26.07 -7.48 24.26
CA VAL F 19 25.80 -6.11 23.83
C VAL F 19 26.80 -5.19 24.51
N GLY F 20 27.61 -4.49 23.73
CA GLY F 20 28.54 -3.50 24.27
C GLY F 20 27.81 -2.39 24.98
N ALA F 21 28.37 -1.98 26.11
CA ALA F 21 27.84 -0.87 26.90
C ALA F 21 28.93 0.20 26.88
N PHE F 22 28.67 1.30 26.19
CA PHE F 22 29.75 2.23 25.90
C PHE F 22 29.54 3.55 26.64
N ASN F 23 30.56 3.99 27.36
CA ASN F 23 30.48 5.26 28.09
C ASN F 23 30.68 6.46 27.20
N PHE F 24 30.02 7.57 27.55
CA PHE F 24 30.25 8.84 26.88
C PHE F 24 30.43 9.94 27.91
N VAL F 25 31.13 11.00 27.54
CA VAL F 25 31.23 12.19 28.41
C VAL F 25 30.86 13.47 27.68
N ASN F 26 30.65 13.38 26.37
CA ASN F 26 30.29 14.55 25.58
C ASN F 26 29.66 14.19 24.23
N PHE F 27 29.44 15.20 23.39
CA PHE F 27 28.74 14.96 22.14
C PHE F 27 29.52 14.06 21.18
N GLU F 28 30.82 14.34 21.02
CA GLU F 28 31.62 13.56 20.08
C GLU F 28 31.56 12.07 20.37
N MET F 29 31.71 11.69 21.63
CA MET F 29 31.70 10.29 22.00
C MET F 29 30.33 9.69 21.66
N LEU F 30 29.27 10.38 22.08
CA LEU F 30 27.92 9.87 21.88
C LEU F 30 27.60 9.69 20.39
N ASN F 31 27.93 10.69 19.58
CA ASN F 31 27.67 10.63 18.14
C ASN F 31 28.36 9.44 17.47
N ALA F 32 29.63 9.21 17.81
CA ALA F 32 30.40 8.11 17.25
C ALA F 32 29.81 6.75 17.65
N ILE F 33 29.36 6.62 18.90
CA ILE F 33 28.74 5.36 19.36
C ILE F 33 27.45 5.08 18.60
N PHE F 34 26.59 6.10 18.44
CA PHE F 34 25.35 5.92 17.69
C PHE F 34 25.62 5.59 16.21
N GLU F 35 26.57 6.28 15.59
CA GLU F 35 26.84 6.00 14.19
C GLU F 35 27.32 4.56 14.04
N ALA F 36 28.11 4.07 15.00
CA ALA F 36 28.55 2.69 14.96
C ALA F 36 27.34 1.75 15.02
N GLY F 37 26.42 2.00 15.94
CA GLY F 37 25.24 1.16 16.10
C GLY F 37 24.42 1.19 14.82
N ASN F 38 24.34 2.35 14.19
CA ASN F 38 23.54 2.47 12.97
C ASN F 38 24.14 1.65 11.84
N GLU F 39 25.47 1.69 11.73
CA GLU F 39 26.17 1.03 10.63
C GLU F 39 26.21 -0.49 10.82
N GLU F 40 26.35 -0.94 12.07
CA GLU F 40 26.35 -2.38 12.37
C GLU F 40 24.95 -2.94 12.62
N ASN F 41 23.92 -2.11 12.56
CA ASN F 41 22.55 -2.55 12.88
C ASN F 41 22.48 -3.31 14.20
N SER F 42 22.95 -2.66 15.25
CA SER F 42 23.12 -3.26 16.57
C SER F 42 22.43 -2.40 17.63
N PRO F 43 21.81 -3.06 18.62
CA PRO F 43 21.33 -2.34 19.80
C PRO F 43 22.52 -1.80 20.57
N LEU F 44 22.28 -0.81 21.42
CA LEU F 44 23.34 -0.11 22.13
C LEU F 44 22.94 0.02 23.59
N PHE F 45 23.88 -0.19 24.51
CA PHE F 45 23.76 0.39 25.85
C PHE F 45 24.63 1.62 25.85
N ILE F 46 24.07 2.76 26.21
CA ILE F 46 24.87 3.96 26.37
C ILE F 46 24.96 4.25 27.86
N GLN F 47 26.18 4.44 28.37
CA GLN F 47 26.41 4.53 29.80
C GLN F 47 26.97 5.88 30.19
N ALA F 48 26.56 6.38 31.35
CA ALA F 48 27.15 7.58 31.90
C ALA F 48 27.48 7.32 33.35
N SER F 49 28.73 7.56 33.72
CA SER F 49 29.16 7.41 35.11
C SER F 49 28.72 8.64 35.91
N GLU F 50 28.79 8.57 37.23
CA GLU F 50 28.46 9.73 38.05
C GLU F 50 29.38 10.92 37.71
N GLY F 51 30.65 10.64 37.44
CA GLY F 51 31.58 11.67 37.02
C GLY F 51 31.18 12.32 35.70
N ALA F 52 30.75 11.52 34.75
CA ALA F 52 30.31 12.05 33.45
C ALA F 52 29.08 12.91 33.61
N ILE F 53 28.16 12.49 34.48
CA ILE F 53 26.95 13.26 34.75
C ILE F 53 27.31 14.61 35.36
N LYS F 54 28.29 14.61 36.25
CA LYS F 54 28.75 15.86 36.88
C LYS F 54 29.29 16.80 35.81
N TYR F 55 30.06 16.22 34.89
CA TYR F 55 30.69 16.97 33.82
C TYR F 55 29.69 17.57 32.83
N MET F 56 28.73 16.76 32.40
CA MET F 56 27.74 17.22 31.40
C MET F 56 26.56 17.94 32.03
N GLY F 57 26.23 17.55 33.26
CA GLY F 57 24.92 17.84 33.83
C GLY F 57 23.95 16.75 33.40
N ILE F 58 23.13 16.25 34.32
CA ILE F 58 22.29 15.09 34.01
C ILE F 58 21.26 15.47 32.95
N ASP F 59 20.86 16.74 32.93
CA ASP F 59 19.92 17.23 31.93
C ASP F 59 20.50 17.15 30.50
N MET F 60 21.78 17.44 30.37
CA MET F 60 22.46 17.37 29.08
C MET F 60 22.76 15.92 28.70
N ALA F 61 23.15 15.12 29.68
CA ALA F 61 23.44 13.72 29.41
C ALA F 61 22.21 13.03 28.80
N VAL F 62 21.07 13.15 29.47
CA VAL F 62 19.86 12.54 28.98
C VAL F 62 19.33 13.26 27.74
N GLY F 63 19.41 14.59 27.74
CA GLY F 63 18.93 15.41 26.62
C GLY F 63 19.60 15.04 25.29
N MET F 64 20.92 14.94 25.29
CA MET F 64 21.64 14.57 24.07
C MET F 64 21.29 13.15 23.62
N VAL F 65 21.16 12.24 24.56
CA VAL F 65 20.76 10.86 24.21
C VAL F 65 19.39 10.84 23.54
N LYS F 66 18.42 11.56 24.10
CA LYS F 66 17.09 11.58 23.50
C LYS F 66 17.12 12.13 22.07
N ILE F 67 17.96 13.14 21.83
CA ILE F 67 18.07 13.71 20.49
C ILE F 67 18.68 12.68 19.53
N MET F 68 19.65 11.93 20.01
CA MET F 68 20.31 10.92 19.16
C MET F 68 19.34 9.77 18.86
N CYS F 69 18.50 9.43 19.82
CA CYS F 69 17.48 8.38 19.62
C CYS F 69 16.49 8.82 18.56
N GLU F 70 16.15 10.10 18.55
CA GLU F 70 15.21 10.59 17.53
C GLU F 70 15.86 10.58 16.15
N ARG F 71 17.18 10.74 16.14
CA ARG F 71 17.93 10.74 14.88
C ARG F 71 17.99 9.33 14.29
N TYR F 72 18.03 8.34 15.16
CA TYR F 72 18.09 6.93 14.75
C TYR F 72 17.05 6.12 15.50
N PRO F 73 15.76 6.38 15.23
CA PRO F 73 14.66 5.80 16.00
C PRO F 73 14.60 4.26 15.97
N HIS F 74 15.21 3.66 14.96
CA HIS F 74 15.14 2.21 14.78
C HIS F 74 16.14 1.45 15.67
N ILE F 75 17.09 2.15 16.29
CA ILE F 75 18.05 1.48 17.18
C ILE F 75 17.53 1.37 18.61
N PRO F 76 17.43 0.13 19.15
CA PRO F 76 17.10 -0.06 20.58
C PRO F 76 18.25 0.45 21.45
N VAL F 77 17.96 1.39 22.33
CA VAL F 77 18.98 2.02 23.16
C VAL F 77 18.54 2.02 24.60
N ALA F 78 19.39 1.54 25.49
CA ALA F 78 19.19 1.72 26.93
C ALA F 78 20.18 2.75 27.45
N LEU F 79 19.68 3.68 28.26
CA LEU F 79 20.53 4.73 28.84
C LEU F 79 20.75 4.33 30.30
N HIS F 80 22.01 4.09 30.65
CA HIS F 80 22.36 3.35 31.84
C HIS F 80 23.28 4.17 32.75
N LEU F 81 22.92 4.23 34.02
CA LEU F 81 23.77 4.87 35.02
C LEU F 81 24.83 3.87 35.45
N ASP F 82 26.07 4.16 35.13
CA ASP F 82 27.19 3.28 35.42
C ASP F 82 27.75 3.56 36.82
N HIS F 83 27.83 2.53 37.65
CA HIS F 83 28.34 2.64 39.01
C HIS F 83 27.63 3.70 39.84
N GLY F 84 26.31 3.57 39.99
CA GLY F 84 25.57 4.39 40.94
C GLY F 84 26.03 3.97 42.32
N THR F 85 26.32 4.93 43.20
CA THR F 85 26.92 4.59 44.49
C THR F 85 25.96 4.75 45.67
N THR F 86 24.81 5.38 45.44
CA THR F 86 23.82 5.58 46.50
C THR F 86 22.42 5.42 45.96
N PHE F 87 21.48 5.21 46.86
CA PHE F 87 20.08 5.18 46.49
C PHE F 87 19.71 6.50 45.85
N GLU F 88 20.23 7.60 46.40
CA GLU F 88 19.84 8.94 45.95
C GLU F 88 20.32 9.15 44.51
N SER F 89 21.48 8.62 44.20
CA SER F 89 22.01 8.79 42.85
C SER F 89 21.19 8.00 41.83
N CYS F 90 20.83 6.77 42.18
CA CYS F 90 20.00 5.97 41.30
C CYS F 90 18.64 6.64 41.12
N GLU F 91 18.09 7.17 42.21
CA GLU F 91 16.79 7.81 42.17
C GLU F 91 16.82 9.02 41.23
N LYS F 92 17.91 9.78 41.26
CA LYS F 92 18.00 10.98 40.42
C LYS F 92 18.04 10.61 38.95
N ALA F 93 18.79 9.56 38.64
CA ALA F 93 18.87 9.03 37.27
C ALA F 93 17.51 8.54 36.78
N VAL F 94 16.78 7.81 37.63
CA VAL F 94 15.44 7.37 37.28
C VAL F 94 14.55 8.57 36.96
N LYS F 95 14.57 9.59 37.80
CA LYS F 95 13.69 10.74 37.56
C LYS F 95 14.12 11.54 36.33
N ALA F 96 15.42 11.50 36.00
CA ALA F 96 15.93 12.22 34.84
C ALA F 96 15.58 11.55 33.51
N GLY F 97 15.31 10.24 33.53
CA GLY F 97 14.93 9.53 32.32
C GLY F 97 15.83 8.37 31.92
N PHE F 98 16.78 7.99 32.79
CA PHE F 98 17.56 6.78 32.54
C PHE F 98 16.63 5.56 32.54
N THR F 99 16.96 4.57 31.71
CA THR F 99 16.11 3.39 31.58
C THR F 99 16.78 2.16 32.20
N SER F 100 17.96 2.37 32.77
CA SER F 100 18.70 1.32 33.47
C SER F 100 19.63 1.99 34.48
N VAL F 101 19.75 1.42 35.68
CA VAL F 101 20.71 1.95 36.65
C VAL F 101 21.49 0.85 37.32
N MET F 102 22.78 1.08 37.53
CA MET F 102 23.59 0.17 38.32
C MET F 102 23.71 0.72 39.74
N ILE F 103 23.31 -0.08 40.72
CA ILE F 103 23.61 0.22 42.12
C ILE F 103 24.80 -0.64 42.52
N ASP F 104 25.95 0.00 42.63
CA ASP F 104 27.19 -0.66 42.99
C ASP F 104 27.47 -0.52 44.47
N ALA F 105 27.19 -1.59 45.22
CA ALA F 105 27.50 -1.64 46.64
C ALA F 105 28.32 -2.92 46.89
N SER F 106 29.18 -3.26 45.94
CA SER F 106 29.91 -4.52 45.99
C SER F 106 30.98 -4.50 47.09
N HIS F 107 31.48 -3.31 47.40
CA HIS F 107 32.47 -3.17 48.46
C HIS F 107 31.86 -3.40 49.84
N HIS F 108 30.54 -3.39 49.92
CA HIS F 108 29.85 -3.64 51.18
C HIS F 108 29.74 -5.14 51.46
N ALA F 109 29.47 -5.50 52.71
CA ALA F 109 29.26 -6.89 53.07
C ALA F 109 27.98 -7.38 52.42
N PHE F 110 27.93 -8.69 52.15
CA PHE F 110 26.83 -9.26 51.38
C PHE F 110 25.44 -8.79 51.82
N GLU F 111 25.21 -8.65 53.12
CA GLU F 111 23.88 -8.31 53.60
C GLU F 111 23.52 -6.86 53.30
N GLU F 112 24.47 -5.94 53.46
CA GLU F 112 24.23 -4.54 53.18
C GLU F 112 24.03 -4.30 51.69
N ASN F 113 24.83 -4.98 50.88
CA ASN F 113 24.72 -4.89 49.43
C ASN F 113 23.32 -5.28 49.04
N LEU F 114 22.87 -6.44 49.51
CA LEU F 114 21.53 -6.93 49.22
C LEU F 114 20.45 -5.94 49.66
N GLU F 115 20.61 -5.34 50.83
CA GLU F 115 19.58 -4.46 51.37
C GLU F 115 19.46 -3.19 50.53
N LEU F 116 20.60 -2.57 50.25
CA LEU F 116 20.64 -1.35 49.45
C LEU F 116 20.17 -1.62 48.02
N THR F 117 20.68 -2.69 47.42
CA THR F 117 20.27 -3.08 46.07
C THR F 117 18.76 -3.29 46.01
N SER F 118 18.21 -3.97 47.01
CA SER F 118 16.78 -4.29 47.01
C SER F 118 15.94 -3.02 47.09
N LYS F 119 16.44 -2.02 47.81
CA LYS F 119 15.75 -0.75 47.97
C LYS F 119 15.72 -0.02 46.62
N VAL F 120 16.87 0.00 45.94
CA VAL F 120 16.94 0.57 44.59
C VAL F 120 16.05 -0.16 43.60
N VAL F 121 16.00 -1.49 43.68
CA VAL F 121 15.17 -2.28 42.78
C VAL F 121 13.69 -1.92 42.96
N LYS F 122 13.23 -1.85 44.20
CA LYS F 122 11.81 -1.54 44.41
C LYS F 122 11.46 -0.19 43.79
N MET F 123 12.33 0.79 44.02
CA MET F 123 12.12 2.13 43.47
C MET F 123 12.16 2.12 41.95
N ALA F 124 13.20 1.51 41.37
CA ALA F 124 13.36 1.51 39.92
C ALA F 124 12.24 0.73 39.24
N HIS F 125 11.88 -0.44 39.79
CA HIS F 125 10.85 -1.24 39.15
C HIS F 125 9.51 -0.53 39.16
N ASN F 126 9.23 0.23 40.21
CA ASN F 126 8.03 1.05 40.27
C ASN F 126 8.05 2.08 39.14
N ALA F 127 9.24 2.53 38.77
CA ALA F 127 9.38 3.55 37.72
C ALA F 127 9.56 2.93 36.33
N GLY F 128 9.59 1.61 36.25
CA GLY F 128 9.76 0.93 34.98
C GLY F 128 11.19 0.96 34.45
N VAL F 129 12.14 0.95 35.38
CA VAL F 129 13.57 1.06 35.05
C VAL F 129 14.27 -0.22 35.48
N SER F 130 15.20 -0.72 34.68
CA SER F 130 15.94 -1.96 35.00
C SER F 130 17.12 -1.66 35.90
N VAL F 131 17.61 -2.68 36.61
CA VAL F 131 18.65 -2.49 37.61
C VAL F 131 19.75 -3.53 37.49
N GLU F 132 20.99 -3.07 37.60
CA GLU F 132 22.19 -3.91 37.66
C GLU F 132 22.78 -3.80 39.05
N ALA F 133 23.32 -4.90 39.56
CA ALA F 133 24.09 -4.87 40.82
C ALA F 133 25.37 -5.67 40.61
N GLU F 134 26.23 -5.72 41.63
CA GLU F 134 27.54 -6.35 41.49
C GLU F 134 27.97 -7.11 42.75
N LEU F 135 28.55 -8.29 42.54
CA LEU F 135 29.13 -9.11 43.61
C LEU F 135 30.59 -9.44 43.29
N GLY F 136 31.45 -9.35 44.30
CA GLY F 136 32.87 -9.63 44.11
C GLY F 136 33.65 -8.34 43.91
N ARG F 137 34.98 -8.46 43.95
CA ARG F 137 35.86 -7.30 43.82
C ARG F 137 36.56 -7.32 42.48
N LEU F 138 36.47 -6.20 41.75
CA LEU F 138 37.00 -6.12 40.40
C LEU F 138 38.51 -5.93 40.37
N MET F 139 39.24 -7.04 40.56
CA MET F 139 40.69 -7.03 40.41
C MET F 139 41.17 -8.37 39.86
N GLY F 140 42.31 -8.35 39.18
CA GLY F 140 42.79 -9.52 38.46
C GLY F 140 43.15 -10.70 39.35
N ILE F 141 43.28 -11.88 38.75
CA ILE F 141 43.61 -13.08 39.49
C ILE F 141 45.05 -13.03 40.00
N ALA F 152 38.46 -15.71 46.98
CA ALA F 152 38.65 -14.78 48.09
C ALA F 152 38.30 -13.36 47.68
N VAL F 153 38.45 -13.07 46.39
CA VAL F 153 38.17 -11.75 45.85
C VAL F 153 36.99 -11.80 44.89
N LEU F 154 36.84 -12.92 44.20
CA LEU F 154 35.89 -13.05 43.09
C LEU F 154 34.48 -13.40 43.56
N VAL F 155 33.54 -13.36 42.62
CA VAL F 155 32.17 -13.73 42.90
C VAL F 155 32.11 -15.11 43.53
N ASN F 156 31.23 -15.27 44.52
CA ASN F 156 30.91 -16.59 45.04
C ASN F 156 29.56 -16.98 44.48
N PRO F 157 29.54 -18.00 43.60
CA PRO F 157 28.31 -18.35 42.89
C PRO F 157 27.11 -18.56 43.79
N LYS F 158 27.31 -19.19 44.95
CA LYS F 158 26.21 -19.45 45.87
C LYS F 158 25.62 -18.16 46.46
N GLU F 159 26.47 -17.17 46.71
CA GLU F 159 26.00 -15.85 47.13
C GLU F 159 25.18 -15.20 46.03
N ALA F 160 25.61 -15.40 44.78
CA ALA F 160 24.94 -14.78 43.63
C ALA F 160 23.52 -15.34 43.47
N GLU F 161 23.40 -16.65 43.64
CA GLU F 161 22.13 -17.33 43.52
C GLU F 161 21.11 -16.72 44.49
N GLN F 162 21.49 -16.58 45.76
CA GLN F 162 20.59 -16.04 46.78
C GLN F 162 20.37 -14.54 46.59
N PHE F 163 21.43 -13.84 46.18
CA PHE F 163 21.40 -12.40 46.00
C PHE F 163 20.35 -12.01 44.95
N VAL F 164 20.34 -12.78 43.87
CA VAL F 164 19.46 -12.53 42.74
C VAL F 164 18.00 -12.87 43.07
N LYS F 165 17.79 -13.99 43.74
CA LYS F 165 16.44 -14.39 44.11
C LYS F 165 15.77 -13.35 45.01
N GLU F 166 16.52 -12.85 45.99
CA GLU F 166 15.96 -11.96 47.01
C GLU F 166 15.91 -10.49 46.58
N SER F 167 16.81 -10.07 45.70
CA SER F 167 16.79 -8.67 45.27
C SER F 167 15.90 -8.46 44.05
N GLN F 168 15.72 -9.50 43.24
CA GLN F 168 15.01 -9.40 41.97
C GLN F 168 15.72 -8.46 40.99
N VAL F 169 17.03 -8.29 41.17
CA VAL F 169 17.81 -7.46 40.26
C VAL F 169 17.67 -8.04 38.84
N ASP F 170 17.70 -7.19 37.82
CA ASP F 170 17.50 -7.64 36.45
C ASP F 170 18.75 -8.26 35.84
N TYR F 171 19.90 -7.67 36.11
CA TYR F 171 21.17 -8.26 35.67
C TYR F 171 22.22 -8.09 36.74
N LEU F 172 23.25 -8.95 36.69
CA LEU F 172 24.26 -9.02 37.73
C LEU F 172 25.64 -8.96 37.11
N ALA F 173 26.56 -8.28 37.78
CA ALA F 173 27.94 -8.13 37.34
C ALA F 173 28.83 -8.94 38.28
N PRO F 174 29.21 -10.15 37.86
CA PRO F 174 30.09 -11.03 38.63
C PRO F 174 31.57 -10.73 38.39
N ALA F 175 32.33 -10.51 39.45
CA ALA F 175 33.77 -10.32 39.37
C ALA F 175 34.42 -11.65 39.02
N ILE F 176 35.04 -11.73 37.85
CA ILE F 176 35.65 -12.98 37.42
C ILE F 176 37.10 -12.82 36.98
N GLY F 177 37.70 -11.66 37.24
CA GLY F 177 39.12 -11.47 37.01
C GLY F 177 39.49 -10.29 36.14
N THR F 178 38.50 -9.53 35.70
CA THR F 178 38.77 -8.28 35.00
C THR F 178 39.00 -7.17 36.01
N SER F 179 39.40 -6.01 35.50
CA SER F 179 39.55 -4.80 36.32
C SER F 179 39.46 -3.61 35.38
N HIS F 180 39.13 -2.44 35.93
CA HIS F 180 39.01 -1.23 35.13
C HIS F 180 40.37 -0.68 34.72
N GLY F 181 40.41 -0.06 33.54
CA GLY F 181 41.58 0.68 33.10
C GLY F 181 42.47 -0.07 32.12
N ALA F 182 43.57 0.56 31.75
CA ALA F 182 44.43 0.08 30.68
C ALA F 182 45.44 -0.96 31.16
N PHE F 183 45.50 -1.22 32.46
CA PHE F 183 46.54 -2.10 32.99
C PHE F 183 45.92 -3.26 33.76
N LYS F 184 45.34 -4.18 33.00
CA LYS F 184 44.49 -5.22 33.56
C LYS F 184 45.29 -6.45 33.99
N PHE F 185 46.42 -6.69 33.34
CA PHE F 185 47.17 -7.93 33.57
C PHE F 185 48.67 -7.73 33.65
N LYS F 186 49.26 -8.23 34.72
CA LYS F 186 50.70 -8.44 34.81
C LYS F 186 50.99 -9.86 34.35
N GLY F 187 51.36 -10.00 33.07
CA GLY F 187 51.54 -11.32 32.48
C GLY F 187 50.35 -11.75 31.65
N GLU F 188 50.32 -13.03 31.29
CA GLU F 188 49.27 -13.56 30.43
C GLU F 188 47.88 -13.41 31.06
N PRO F 189 46.93 -12.80 30.32
CA PRO F 189 45.56 -12.61 30.82
C PRO F 189 44.92 -13.91 31.30
N LYS F 190 44.16 -13.83 32.39
CA LYS F 190 43.47 -14.98 32.92
C LYS F 190 42.16 -14.56 33.57
N LEU F 191 41.09 -15.31 33.25
CA LEU F 191 39.78 -15.09 33.85
C LEU F 191 39.24 -16.41 34.37
N ASP F 192 38.31 -16.32 35.30
CA ASP F 192 37.72 -17.53 35.89
C ASP F 192 36.43 -17.89 35.17
N PHE F 193 36.55 -18.56 34.03
CA PHE F 193 35.37 -18.90 33.24
C PHE F 193 34.50 -19.92 33.95
N GLU F 194 35.09 -20.75 34.83
CA GLU F 194 34.33 -21.73 35.57
C GLU F 194 33.41 -21.04 36.59
N ARG F 195 33.94 -20.04 37.29
CA ARG F 195 33.13 -19.19 38.16
C ARG F 195 31.97 -18.57 37.38
N LEU F 196 32.26 -18.04 36.21
CA LEU F 196 31.24 -17.42 35.38
C LEU F 196 30.11 -18.39 35.05
N GLN F 197 30.47 -19.57 34.55
CA GLN F 197 29.47 -20.55 34.14
C GLN F 197 28.62 -21.04 35.29
N GLU F 198 29.18 -21.10 36.49
CA GLU F 198 28.42 -21.51 37.65
C GLU F 198 27.44 -20.39 38.03
N VAL F 199 27.92 -19.14 38.01
CA VAL F 199 27.03 -18.01 38.28
C VAL F 199 25.85 -18.04 37.32
N LYS F 200 26.13 -18.30 36.04
CA LYS F 200 25.09 -18.29 35.02
C LYS F 200 24.07 -19.39 35.28
N ARG F 201 24.55 -20.56 35.67
CA ARG F 201 23.68 -21.71 35.87
C ARG F 201 22.72 -21.48 37.05
N LEU F 202 23.24 -20.85 38.09
CA LEU F 202 22.47 -20.64 39.32
C LEU F 202 21.51 -19.45 39.21
N THR F 203 21.89 -18.44 38.44
CA THR F 203 21.09 -17.22 38.36
C THR F 203 20.16 -17.19 37.14
N ASN F 204 20.65 -17.70 36.01
CA ASN F 204 19.85 -17.71 34.77
C ASN F 204 19.30 -16.32 34.41
N ILE F 205 20.09 -15.28 34.67
CA ILE F 205 19.72 -13.93 34.22
C ILE F 205 20.85 -13.35 33.39
N PRO F 206 20.61 -12.22 32.71
CA PRO F 206 21.74 -11.65 31.97
C PRO F 206 22.87 -11.22 32.91
N LEU F 207 24.11 -11.43 32.49
CA LEU F 207 25.27 -11.06 33.30
C LEU F 207 26.03 -9.91 32.65
N VAL F 208 26.81 -9.21 33.45
CA VAL F 208 27.49 -8.00 32.99
C VAL F 208 28.97 -8.14 33.27
N LEU F 209 29.79 -7.89 32.25
CA LEU F 209 31.23 -7.91 32.42
C LEU F 209 31.78 -6.49 32.46
N HIS F 210 32.33 -6.09 33.62
CA HIS F 210 33.00 -4.80 33.74
C HIS F 210 34.46 -4.94 33.37
N GLY F 211 35.11 -3.80 33.15
CA GLY F 211 36.53 -3.78 32.84
C GLY F 211 36.88 -4.57 31.60
N ALA F 212 36.07 -4.46 30.56
CA ALA F 212 36.14 -5.35 29.41
C ALA F 212 36.82 -4.74 28.17
N SER F 213 37.49 -3.61 28.32
CA SER F 213 38.25 -3.04 27.22
C SER F 213 39.35 -4.04 26.84
N ALA F 214 39.72 -4.04 25.57
CA ALA F 214 40.67 -5.00 25.04
C ALA F 214 42.05 -4.39 24.76
N ILE F 215 42.11 -3.06 24.72
CA ILE F 215 43.28 -2.34 24.19
C ILE F 215 43.82 -2.99 22.91
N PRO F 216 43.05 -2.91 21.81
CA PRO F 216 43.42 -3.55 20.53
C PRO F 216 44.77 -3.07 19.96
N ASP F 217 45.47 -3.93 19.22
CA ASP F 217 46.79 -3.60 18.70
C ASP F 217 46.82 -2.31 17.89
N ASN F 218 45.82 -2.11 17.04
CA ASN F 218 45.82 -0.94 16.17
C ASN F 218 45.56 0.34 16.97
N VAL F 219 44.77 0.24 18.02
CA VAL F 219 44.51 1.39 18.89
C VAL F 219 45.79 1.72 19.65
N ARG F 220 46.45 0.70 20.18
CA ARG F 220 47.70 0.87 20.90
C ARG F 220 48.70 1.58 20.00
N LYS F 221 48.84 1.07 18.78
CA LYS F 221 49.82 1.59 17.84
C LYS F 221 49.53 3.05 17.52
N SER F 222 48.26 3.36 17.31
CA SER F 222 47.86 4.71 16.97
C SER F 222 48.24 5.67 18.08
N TYR F 223 48.02 5.26 19.33
CA TYR F 223 48.32 6.10 20.48
C TYR F 223 49.83 6.30 20.59
N LEU F 224 50.59 5.22 20.47
CA LEU F 224 52.05 5.29 20.59
C LEU F 224 52.68 6.14 19.48
N ASP F 225 52.19 5.98 18.25
CA ASP F 225 52.72 6.75 17.13
C ASP F 225 52.45 8.25 17.30
N ALA F 226 51.42 8.60 18.07
CA ALA F 226 51.10 10.00 18.33
C ALA F 226 51.84 10.52 19.56
N GLY F 227 52.81 9.75 20.05
CA GLY F 227 53.65 10.17 21.16
C GLY F 227 53.13 9.80 22.54
N GLY F 228 52.03 9.05 22.59
CA GLY F 228 51.44 8.68 23.86
C GLY F 228 52.22 7.60 24.60
N ASP F 229 51.98 7.50 25.90
CA ASP F 229 52.61 6.48 26.73
C ASP F 229 51.57 5.45 27.16
N LEU F 230 51.78 4.19 26.76
CA LEU F 230 50.93 3.08 27.18
C LEU F 230 51.78 1.91 27.65
N LYS F 231 52.85 2.22 28.37
CA LYS F 231 53.78 1.22 28.85
C LYS F 231 53.11 0.24 29.80
N GLY F 232 53.14 -1.04 29.45
CA GLY F 232 52.65 -2.09 30.33
C GLY F 232 51.18 -2.39 30.20
N SER F 233 50.45 -1.60 29.42
CA SER F 233 49.01 -1.81 29.31
C SER F 233 48.69 -3.16 28.69
N LYS F 234 47.60 -3.77 29.17
CA LYS F 234 47.06 -4.99 28.59
C LYS F 234 45.55 -5.03 28.87
N GLY F 235 44.77 -5.31 27.84
CA GLY F 235 43.33 -5.42 27.99
C GLY F 235 42.89 -6.86 27.87
N VAL F 236 41.59 -7.08 27.98
CA VAL F 236 41.03 -8.42 27.79
C VAL F 236 41.19 -8.82 26.33
N PRO F 237 41.86 -9.95 26.06
CA PRO F 237 41.99 -10.42 24.68
C PRO F 237 40.64 -10.69 24.01
N PHE F 238 40.61 -10.53 22.69
CA PHE F 238 39.37 -10.69 21.93
C PHE F 238 38.76 -12.06 22.17
N GLU F 239 39.62 -13.07 22.26
CA GLU F 239 39.17 -14.44 22.46
C GLU F 239 38.45 -14.58 23.79
N PHE F 240 38.94 -13.86 24.81
CA PHE F 240 38.34 -13.87 26.14
C PHE F 240 36.96 -13.23 26.16
N LEU F 241 36.78 -12.13 25.42
CA LEU F 241 35.47 -11.50 25.31
C LEU F 241 34.50 -12.47 24.67
N GLN F 242 34.94 -13.14 23.61
CA GLN F 242 34.13 -14.15 22.95
C GLN F 242 33.74 -15.28 23.91
N GLU F 243 34.73 -15.82 24.63
CA GLU F 243 34.51 -16.85 25.64
C GLU F 243 33.56 -16.39 26.74
N SER F 244 33.65 -15.12 27.11
CA SER F 244 32.75 -14.53 28.10
C SER F 244 31.30 -14.61 27.63
N VAL F 245 31.06 -14.18 26.40
CA VAL F 245 29.73 -14.23 25.81
C VAL F 245 29.23 -15.69 25.76
N LYS F 246 30.13 -16.63 25.41
CA LYS F 246 29.77 -18.05 25.42
C LYS F 246 29.36 -18.49 26.83
N GLY F 247 30.02 -17.94 27.85
CA GLY F 247 29.76 -18.31 29.22
C GLY F 247 28.53 -17.67 29.84
N GLY F 248 28.00 -16.61 29.23
CA GLY F 248 26.76 -16.04 29.69
C GLY F 248 26.76 -14.53 29.90
N ILE F 249 27.85 -13.87 29.56
CA ILE F 249 27.90 -12.40 29.60
C ILE F 249 27.06 -11.82 28.46
N ASN F 250 26.16 -10.89 28.78
CA ASN F 250 25.28 -10.29 27.80
C ASN F 250 25.47 -8.78 27.70
N LYS F 251 26.11 -8.18 28.69
CA LYS F 251 26.43 -6.74 28.68
C LYS F 251 27.93 -6.60 28.90
N VAL F 252 28.59 -5.82 28.07
CA VAL F 252 30.06 -5.77 28.06
C VAL F 252 30.54 -4.32 28.16
N ASN F 253 30.87 -3.89 29.38
CA ASN F 253 31.25 -2.49 29.63
C ASN F 253 32.59 -2.15 29.00
N THR F 254 32.59 -1.07 28.23
CA THR F 254 33.73 -0.70 27.42
C THR F 254 33.88 0.81 27.43
N ASP F 255 35.01 1.28 27.96
CA ASP F 255 35.25 2.71 28.09
C ASP F 255 36.68 3.08 27.68
N THR F 256 37.67 2.45 28.31
CA THR F 256 39.06 2.78 28.06
C THR F 256 39.47 2.70 26.57
N ASP F 257 39.05 1.65 25.87
CA ASP F 257 39.34 1.52 24.44
C ASP F 257 38.89 2.75 23.66
N LEU F 258 37.71 3.26 23.99
CA LEU F 258 37.15 4.39 23.27
C LEU F 258 38.00 5.65 23.47
N ARG F 259 38.38 5.90 24.73
CA ARG F 259 39.18 7.07 25.09
C ARG F 259 40.55 7.05 24.41
N ILE F 260 41.21 5.90 24.44
CA ILE F 260 42.56 5.84 23.86
C ILE F 260 42.51 6.09 22.36
N ALA F 261 41.54 5.51 21.68
CA ALA F 261 41.42 5.69 20.23
C ALA F 261 41.11 7.16 19.90
N PHE F 262 40.24 7.77 20.70
CA PHE F 262 39.83 9.16 20.49
C PHE F 262 41.03 10.09 20.69
N ILE F 263 41.65 9.99 21.85
CA ILE F 263 42.72 10.90 22.21
C ILE F 263 43.96 10.71 21.33
N ALA F 264 44.18 9.48 20.85
CA ALA F 264 45.29 9.25 19.94
C ALA F 264 45.17 10.17 18.73
N GLU F 265 43.94 10.30 18.20
CA GLU F 265 43.73 11.13 17.03
C GLU F 265 43.90 12.61 17.35
N VAL F 266 43.47 13.02 18.54
CA VAL F 266 43.65 14.40 18.97
C VAL F 266 45.14 14.72 19.03
N ARG F 267 45.92 13.85 19.66
CA ARG F 267 47.37 14.06 19.78
C ARG F 267 48.02 14.14 18.41
N LYS F 268 47.58 13.29 17.50
CA LYS F 268 48.17 13.27 16.17
C LYS F 268 47.95 14.59 15.45
N VAL F 269 46.74 15.13 15.54
CA VAL F 269 46.44 16.38 14.86
C VAL F 269 47.30 17.48 15.46
N ALA F 270 47.36 17.52 16.79
CA ALA F 270 48.21 18.48 17.50
C ALA F 270 49.67 18.38 17.06
N ASN F 271 50.15 17.16 16.85
CA ASN F 271 51.54 16.95 16.48
C ASN F 271 51.85 17.44 15.08
N GLU F 272 50.91 17.23 14.16
CA GLU F 272 51.21 17.31 12.75
C GLU F 272 50.97 18.69 12.16
N ASP F 273 50.23 19.53 12.87
CA ASP F 273 49.99 20.88 12.40
C ASP F 273 49.89 21.84 13.59
N LYS F 274 50.96 22.58 13.84
CA LYS F 274 51.03 23.44 15.01
C LYS F 274 50.14 24.66 14.83
N SER F 275 49.73 24.94 13.61
CA SER F 275 48.86 26.09 13.33
C SER F 275 47.37 25.74 13.40
N GLN F 276 47.04 24.49 13.71
CA GLN F 276 45.65 24.05 13.62
C GLN F 276 44.89 24.29 14.91
N PHE F 277 43.79 25.03 14.85
CA PHE F 277 42.97 25.21 16.04
C PHE F 277 41.47 25.21 15.73
N ASP F 278 41.10 24.64 14.59
CA ASP F 278 39.69 24.28 14.32
C ASP F 278 39.33 23.00 15.07
N LEU F 279 38.46 23.12 16.07
CA LEU F 279 38.10 21.98 16.90
C LEU F 279 37.66 20.78 16.07
N ARG F 280 36.96 21.04 14.97
CA ARG F 280 36.46 19.95 14.13
C ARG F 280 37.58 19.13 13.49
N LYS F 281 38.69 19.78 13.17
CA LYS F 281 39.83 19.07 12.57
C LYS F 281 40.46 18.11 13.57
N PHE F 282 40.35 18.42 14.86
CA PHE F 282 40.77 17.49 15.89
C PHE F 282 39.75 16.37 16.10
N PHE F 283 38.47 16.72 16.17
CA PHE F 283 37.51 15.81 16.75
C PHE F 283 36.80 14.93 15.72
N SER F 284 36.88 15.29 14.44
CA SER F 284 36.31 14.44 13.41
C SER F 284 37.10 13.13 13.25
N PRO F 285 38.43 13.22 13.13
CA PRO F 285 39.22 11.98 13.10
C PRO F 285 39.14 11.22 14.42
N ALA F 286 38.99 11.94 15.53
CA ALA F 286 38.84 11.29 16.82
C ALA F 286 37.54 10.49 16.86
N GLN F 287 36.45 11.09 16.39
CA GLN F 287 35.17 10.37 16.31
C GLN F 287 35.30 9.13 15.43
N LEU F 288 36.00 9.25 14.31
CA LEU F 288 36.11 8.15 13.37
C LEU F 288 36.80 6.96 14.02
N ALA F 289 37.91 7.22 14.71
CA ALA F 289 38.64 6.17 15.40
C ALA F 289 37.78 5.52 16.49
N LEU F 290 37.06 6.34 17.25
CA LEU F 290 36.18 5.81 18.28
C LEU F 290 35.07 4.94 17.64
N LYS F 291 34.41 5.47 16.63
CA LYS F 291 33.38 4.72 15.92
C LYS F 291 33.90 3.35 15.46
N ASN F 292 35.09 3.33 14.91
CA ASN F 292 35.65 2.08 14.39
C ASN F 292 35.87 1.05 15.49
N VAL F 293 36.31 1.51 16.66
CA VAL F 293 36.51 0.59 17.78
C VAL F 293 35.16 0.00 18.18
N VAL F 294 34.14 0.85 18.25
CA VAL F 294 32.80 0.38 18.63
C VAL F 294 32.27 -0.61 17.61
N LYS F 295 32.41 -0.30 16.32
CA LYS F 295 31.95 -1.18 15.24
C LYS F 295 32.58 -2.57 15.34
N GLU F 296 33.89 -2.60 15.49
CA GLU F 296 34.58 -3.88 15.60
C GLU F 296 34.11 -4.66 16.83
N ARG F 297 33.85 -3.96 17.93
CA ARG F 297 33.43 -4.61 19.16
C ARG F 297 32.01 -5.19 19.01
N MET F 298 31.13 -4.49 18.28
CA MET F 298 29.77 -4.98 18.07
C MET F 298 29.81 -6.27 17.26
N LYS F 299 30.72 -6.34 16.30
CA LYS F 299 30.89 -7.54 15.50
C LYS F 299 31.42 -8.68 16.36
N LEU F 300 32.40 -8.37 17.20
CA LEU F 300 33.02 -9.39 18.04
C LEU F 300 32.02 -10.00 19.02
N LEU F 301 31.22 -9.15 19.66
CA LEU F 301 30.30 -9.62 20.68
C LEU F 301 29.06 -10.29 20.07
N GLY F 302 28.82 -10.03 18.78
CA GLY F 302 27.71 -10.65 18.08
C GLY F 302 26.41 -9.88 18.08
N SER F 303 26.47 -8.58 18.39
CA SER F 303 25.26 -7.78 18.39
C SER F 303 24.99 -7.14 17.03
N ALA F 304 25.96 -7.25 16.13
CA ALA F 304 25.76 -6.75 14.78
C ALA F 304 24.59 -7.47 14.13
N ASN F 305 23.73 -6.71 13.46
CA ASN F 305 22.58 -7.25 12.73
C ASN F 305 21.55 -7.89 13.66
N LYS F 306 21.48 -7.43 14.90
CA LYS F 306 20.51 -7.96 15.85
C LYS F 306 19.32 -7.04 16.09
N ILE F 307 19.26 -5.89 15.42
CA ILE F 307 18.09 -5.03 15.56
C ILE F 307 16.90 -5.71 14.91
N MET G 1 9.72 4.67 -30.61
CA MET G 1 9.65 5.96 -29.89
C MET G 1 9.10 7.04 -30.82
N LEU G 2 9.14 8.28 -30.35
CA LEU G 2 8.67 9.43 -31.13
C LEU G 2 9.62 9.68 -32.31
N VAL G 3 9.09 9.57 -33.53
CA VAL G 3 9.88 9.79 -34.75
C VAL G 3 9.15 10.72 -35.71
N LYS G 4 9.89 11.28 -36.68
CA LYS G 4 9.30 12.13 -37.71
C LYS G 4 8.25 11.37 -38.50
N GLY G 5 7.15 12.04 -38.83
CA GLY G 5 6.04 11.41 -39.53
C GLY G 5 6.45 10.74 -40.83
N ASN G 6 7.45 11.31 -41.49
CA ASN G 6 7.86 10.78 -42.78
C ASN G 6 8.56 9.43 -42.65
N GLU G 7 9.16 9.19 -41.49
CA GLU G 7 9.86 7.94 -41.26
C GLU G 7 8.86 6.78 -41.33
N ILE G 8 7.71 6.98 -40.71
CA ILE G 8 6.64 5.99 -40.72
C ILE G 8 5.95 5.88 -42.09
N LEU G 9 5.62 7.03 -42.70
CA LEU G 9 4.82 6.99 -43.93
C LEU G 9 5.64 6.58 -45.16
N LEU G 10 6.93 6.88 -45.18
CA LEU G 10 7.81 6.43 -46.26
C LEU G 10 7.88 4.90 -46.31
N LYS G 11 7.93 4.26 -45.14
CA LYS G 11 7.96 2.81 -45.07
C LYS G 11 6.62 2.23 -45.53
N ALA G 12 5.52 2.86 -45.10
CA ALA G 12 4.19 2.47 -45.53
C ALA G 12 4.06 2.60 -47.04
N HIS G 13 4.58 3.70 -47.57
CA HIS G 13 4.51 3.98 -49.00
C HIS G 13 5.30 2.93 -49.75
N LYS G 14 6.48 2.59 -49.24
CA LYS G 14 7.37 1.65 -49.91
C LYS G 14 6.79 0.24 -49.91
N GLU G 15 6.11 -0.15 -48.84
CA GLU G 15 5.66 -1.53 -48.68
C GLU G 15 4.16 -1.69 -48.94
N GLY G 16 3.50 -0.59 -49.25
CA GLY G 16 2.12 -0.62 -49.68
C GLY G 16 1.10 -0.95 -48.61
N TYR G 17 1.19 -0.30 -47.45
CA TYR G 17 0.15 -0.42 -46.44
C TYR G 17 -0.26 0.94 -45.90
N GLY G 18 -1.31 0.93 -45.08
CA GLY G 18 -1.84 2.17 -44.52
C GLY G 18 -1.63 2.19 -43.03
N VAL G 19 -1.40 3.38 -42.48
CA VAL G 19 -1.17 3.56 -41.06
C VAL G 19 -2.28 4.44 -40.54
N GLY G 20 -3.06 3.93 -39.60
CA GLY G 20 -4.14 4.70 -39.03
C GLY G 20 -3.57 5.86 -38.24
N ALA G 21 -4.21 7.03 -38.37
CA ALA G 21 -3.84 8.21 -37.62
C ALA G 21 -5.03 8.50 -36.72
N PHE G 22 -4.82 8.41 -35.41
CA PHE G 22 -5.95 8.42 -34.48
C PHE G 22 -5.92 9.64 -33.59
N ASN G 23 -7.03 10.38 -33.53
CA ASN G 23 -7.12 11.53 -32.66
C ASN G 23 -7.34 11.14 -31.21
N PHE G 24 -6.82 11.97 -30.30
CA PHE G 24 -7.13 11.84 -28.89
C PHE G 24 -7.41 13.19 -28.28
N VAL G 25 -8.17 13.19 -27.19
CA VAL G 25 -8.45 14.43 -26.46
C VAL G 25 -8.13 14.30 -24.97
N ASN G 26 -7.81 13.09 -24.52
CA ASN G 26 -7.47 12.90 -23.10
C ASN G 26 -6.69 11.59 -22.87
N PHE G 27 -6.46 11.27 -21.60
CA PHE G 27 -5.64 10.10 -21.28
C PHE G 27 -6.30 8.79 -21.75
N GLU G 28 -7.59 8.65 -21.50
CA GLU G 28 -8.29 7.41 -21.87
C GLU G 28 -8.15 7.08 -23.36
N MET G 29 -8.34 8.06 -24.22
CA MET G 29 -8.26 7.80 -25.66
C MET G 29 -6.83 7.42 -26.03
N LEU G 30 -5.88 8.15 -25.48
CA LEU G 30 -4.49 7.93 -25.81
C LEU G 30 -3.99 6.56 -25.35
N ASN G 31 -4.38 6.18 -24.14
CA ASN G 31 -3.95 4.90 -23.58
C ASN G 31 -4.48 3.76 -24.44
N ALA G 32 -5.74 3.88 -24.86
CA ALA G 32 -6.36 2.84 -25.67
C ALA G 32 -5.69 2.72 -27.04
N ILE G 33 -5.34 3.84 -27.64
CA ILE G 33 -4.67 3.83 -28.93
C ILE G 33 -3.31 3.13 -28.80
N PHE G 34 -2.54 3.47 -27.78
CA PHE G 34 -1.22 2.85 -27.60
C PHE G 34 -1.34 1.35 -27.29
N GLU G 35 -2.33 0.96 -26.48
CA GLU G 35 -2.43 -0.45 -26.16
C GLU G 35 -2.78 -1.23 -27.42
N ALA G 36 -3.61 -0.64 -28.29
CA ALA G 36 -3.90 -1.28 -29.57
C ALA G 36 -2.64 -1.44 -30.40
N GLY G 37 -1.86 -0.37 -30.55
CA GLY G 37 -0.62 -0.46 -31.30
C GLY G 37 0.30 -1.53 -30.74
N ASN G 38 0.34 -1.64 -29.42
CA ASN G 38 1.21 -2.62 -28.79
C ASN G 38 0.75 -4.07 -29.08
N GLU G 39 -0.56 -4.31 -29.06
CA GLU G 39 -1.09 -5.65 -29.26
C GLU G 39 -1.01 -6.09 -30.72
N GLU G 40 -1.15 -5.12 -31.61
CA GLU G 40 -1.10 -5.38 -33.05
C GLU G 40 0.30 -5.26 -33.59
N ASN G 41 1.26 -4.91 -32.75
CA ASN G 41 2.62 -4.65 -33.22
C ASN G 41 2.61 -3.76 -34.45
N SER G 42 2.01 -2.57 -34.31
CA SER G 42 1.80 -1.65 -35.41
C SER G 42 2.36 -0.28 -35.08
N PRO G 43 2.95 0.40 -36.09
CA PRO G 43 3.28 1.82 -35.91
C PRO G 43 2.01 2.65 -35.77
N LEU G 44 2.13 3.85 -35.19
CA LEU G 44 0.98 4.69 -34.85
C LEU G 44 1.21 6.12 -35.31
N PHE G 45 0.21 6.75 -35.91
CA PHE G 45 0.14 8.22 -35.91
C PHE G 45 -0.84 8.59 -34.81
N ILE G 46 -0.42 9.43 -33.89
CA ILE G 46 -1.31 9.93 -32.84
C ILE G 46 -1.51 11.40 -33.13
N GLN G 47 -2.74 11.86 -33.27
CA GLN G 47 -2.92 13.25 -33.65
C GLN G 47 -3.85 14.02 -32.73
N ALA G 48 -3.63 15.33 -32.72
CA ALA G 48 -4.37 16.22 -31.85
C ALA G 48 -4.79 17.43 -32.67
N SER G 49 -6.08 17.75 -32.63
CA SER G 49 -6.59 18.90 -33.36
C SER G 49 -6.26 20.15 -32.54
N GLU G 50 -6.40 21.32 -33.14
CA GLU G 50 -6.23 22.55 -32.37
C GLU G 50 -7.23 22.59 -31.23
N GLY G 51 -8.45 22.12 -31.47
CA GLY G 51 -9.46 22.04 -30.43
C GLY G 51 -9.04 21.14 -29.27
N ALA G 52 -8.45 20.00 -29.59
CA ALA G 52 -8.00 19.05 -28.56
C ALA G 52 -6.85 19.69 -27.78
N ILE G 53 -5.97 20.36 -28.50
CA ILE G 53 -4.84 21.04 -27.85
C ILE G 53 -5.31 22.16 -26.92
N LYS G 54 -6.36 22.86 -27.31
CA LYS G 54 -6.97 23.87 -26.43
C LYS G 54 -7.49 23.16 -25.17
N TYR G 55 -8.10 22.01 -25.35
CA TYR G 55 -8.76 21.32 -24.26
C TYR G 55 -7.76 20.76 -23.25
N MET G 56 -6.67 20.17 -23.76
CA MET G 56 -5.67 19.52 -22.94
C MET G 56 -4.62 20.50 -22.48
N GLY G 57 -4.34 21.51 -23.31
CA GLY G 57 -3.11 22.28 -23.22
C GLY G 57 -2.01 21.57 -23.98
N ILE G 58 -1.21 22.30 -24.76
CA ILE G 58 -0.24 21.66 -25.63
C ILE G 58 0.88 20.97 -24.82
N ASP G 59 1.19 21.52 -23.66
CA ASP G 59 2.14 20.91 -22.74
C ASP G 59 1.70 19.52 -22.28
N MET G 60 0.40 19.37 -22.04
CA MET G 60 -0.14 18.08 -21.60
C MET G 60 -0.29 17.12 -22.77
N ALA G 61 -0.74 17.64 -23.92
CA ALA G 61 -0.86 16.83 -25.12
C ALA G 61 0.46 16.13 -25.44
N VAL G 62 1.53 16.92 -25.56
CA VAL G 62 2.82 16.36 -25.88
C VAL G 62 3.38 15.54 -24.73
N GLY G 63 3.23 16.06 -23.52
CA GLY G 63 3.72 15.41 -22.33
C GLY G 63 3.18 14.01 -22.14
N MET G 64 1.88 13.84 -22.37
CA MET G 64 1.26 12.52 -22.19
C MET G 64 1.77 11.56 -23.27
N VAL G 65 1.89 12.05 -24.49
CA VAL G 65 2.40 11.23 -25.58
C VAL G 65 3.85 10.77 -25.28
N LYS G 66 4.71 11.67 -24.80
CA LYS G 66 6.08 11.28 -24.45
C LYS G 66 6.13 10.17 -23.38
N ILE G 67 5.25 10.26 -22.40
CA ILE G 67 5.21 9.28 -21.34
C ILE G 67 4.77 7.95 -21.94
N MET G 68 3.80 8.00 -22.85
CA MET G 68 3.31 6.78 -23.47
C MET G 68 4.39 6.16 -24.36
N CYS G 69 5.20 7.01 -25.02
CA CYS G 69 6.29 6.51 -25.87
C CYS G 69 7.36 5.84 -25.02
N GLU G 70 7.59 6.38 -23.82
CA GLU G 70 8.54 5.76 -22.90
C GLU G 70 8.00 4.45 -22.37
N ARG G 71 6.69 4.33 -22.26
CA ARG G 71 6.06 3.09 -21.79
C ARG G 71 6.17 1.97 -22.85
N TYR G 72 6.12 2.36 -24.12
CA TYR G 72 6.16 1.41 -25.25
C TYR G 72 7.20 1.86 -26.27
N PRO G 73 8.46 1.82 -25.86
CA PRO G 73 9.55 2.39 -26.68
C PRO G 73 9.74 1.70 -28.02
N HIS G 74 9.22 0.49 -28.20
CA HIS G 74 9.44 -0.24 -29.43
C HIS G 74 8.45 0.20 -30.53
N ILE G 75 7.44 0.99 -30.18
CA ILE G 75 6.43 1.37 -31.17
C ILE G 75 6.79 2.69 -31.86
N PRO G 76 6.97 2.67 -33.21
CA PRO G 76 7.19 3.94 -33.92
C PRO G 76 5.93 4.79 -33.87
N VAL G 77 6.06 6.01 -33.37
CA VAL G 77 4.92 6.88 -33.18
C VAL G 77 5.28 8.27 -33.71
N ALA G 78 4.40 8.84 -34.53
CA ALA G 78 4.51 10.24 -34.91
C ALA G 78 3.41 11.02 -34.19
N LEU G 79 3.76 12.17 -33.64
CA LEU G 79 2.77 13.03 -32.98
C LEU G 79 2.44 14.17 -33.94
N HIS G 80 1.18 14.24 -34.34
CA HIS G 80 0.80 15.00 -35.51
C HIS G 80 -0.25 16.04 -35.19
N LEU G 81 -0.01 17.28 -35.61
CA LEU G 81 -0.99 18.35 -35.49
C LEU G 81 -1.99 18.23 -36.62
N ASP G 82 -3.23 17.90 -36.26
CA ASP G 82 -4.28 17.68 -37.23
C ASP G 82 -4.92 19.01 -37.62
N HIS G 83 -5.10 19.23 -38.91
CA HIS G 83 -5.68 20.47 -39.43
C HIS G 83 -5.14 21.74 -38.75
N GLY G 84 -3.86 21.99 -38.91
CA GLY G 84 -3.28 23.26 -38.50
C GLY G 84 -3.78 24.34 -39.44
N THR G 85 -4.17 25.48 -38.89
CA THR G 85 -4.86 26.49 -39.70
C THR G 85 -3.99 27.71 -40.01
N THR G 86 -2.92 27.87 -39.26
CA THR G 86 -2.04 29.03 -39.45
C THR G 86 -0.59 28.63 -39.32
N PHE G 87 0.30 29.47 -39.84
CA PHE G 87 1.73 29.23 -39.71
C PHE G 87 2.11 29.22 -38.24
N GLU G 88 1.49 30.11 -37.46
CA GLU G 88 1.82 30.25 -36.06
C GLU G 88 1.41 29.00 -35.26
N SER G 89 0.31 28.39 -35.65
CA SER G 89 -0.16 27.18 -34.99
C SER G 89 0.81 26.04 -35.26
N CYS G 90 1.23 25.91 -36.51
CA CYS G 90 2.21 24.91 -36.88
C CYS G 90 3.53 25.16 -36.15
N GLU G 91 3.93 26.41 -36.04
CA GLU G 91 5.17 26.73 -35.35
C GLU G 91 5.11 26.36 -33.87
N LYS G 92 3.99 26.65 -33.21
CA LYS G 92 3.81 26.35 -31.78
C LYS G 92 3.92 24.84 -31.55
N ALA G 93 3.27 24.08 -32.43
CA ALA G 93 3.35 22.63 -32.40
C ALA G 93 4.78 22.13 -32.53
N VAL G 94 5.54 22.70 -33.48
CA VAL G 94 6.92 22.30 -33.69
C VAL G 94 7.77 22.57 -32.46
N LYS G 95 7.61 23.75 -31.88
CA LYS G 95 8.36 24.11 -30.69
C LYS G 95 7.99 23.23 -29.49
N ALA G 96 6.73 22.81 -29.44
CA ALA G 96 6.24 22.00 -28.32
C ALA G 96 6.72 20.54 -28.39
N GLY G 97 7.15 20.09 -29.57
CA GLY G 97 7.69 18.75 -29.70
C GLY G 97 6.88 17.80 -30.60
N PHE G 98 5.93 18.31 -31.35
CA PHE G 98 5.26 17.52 -32.38
C PHE G 98 6.29 17.11 -33.44
N THR G 99 6.08 15.96 -34.07
CA THR G 99 7.00 15.46 -35.09
C THR G 99 6.36 15.47 -36.48
N SER G 100 5.18 16.06 -36.59
CA SER G 100 4.47 16.12 -37.85
C SER G 100 3.37 17.16 -37.71
N VAL G 101 3.20 18.00 -38.73
CA VAL G 101 2.13 19.00 -38.71
C VAL G 101 1.40 19.05 -40.04
N MET G 102 0.09 19.20 -39.98
CA MET G 102 -0.67 19.46 -41.17
C MET G 102 -0.92 20.96 -41.25
N ILE G 103 -0.57 21.53 -42.39
CA ILE G 103 -1.00 22.90 -42.72
C ILE G 103 -2.17 22.80 -43.69
N ASP G 104 -3.37 23.13 -43.21
CA ASP G 104 -4.58 23.00 -44.00
C ASP G 104 -5.02 24.36 -44.50
N ALA G 105 -4.68 24.64 -45.74
CA ALA G 105 -5.12 25.88 -46.37
C ALA G 105 -5.78 25.52 -47.70
N SER G 106 -6.48 24.39 -47.72
CA SER G 106 -7.13 23.91 -48.92
C SER G 106 -8.29 24.83 -49.31
N HIS G 107 -8.74 25.66 -48.36
CA HIS G 107 -9.84 26.59 -48.63
C HIS G 107 -9.34 27.88 -49.29
N HIS G 108 -8.03 28.07 -49.31
CA HIS G 108 -7.43 29.20 -50.01
C HIS G 108 -7.29 28.85 -51.49
N ALA G 109 -7.06 29.86 -52.32
CA ALA G 109 -6.80 29.64 -53.74
C ALA G 109 -5.46 28.93 -53.88
N PHE G 110 -5.30 28.15 -54.94
CA PHE G 110 -4.14 27.28 -55.11
C PHE G 110 -2.79 27.91 -54.75
N GLU G 111 -2.58 29.15 -55.18
CA GLU G 111 -1.27 29.81 -54.97
C GLU G 111 -1.12 30.31 -53.54
N GLU G 112 -2.23 30.68 -52.91
CA GLU G 112 -2.21 31.01 -51.49
C GLU G 112 -1.85 29.77 -50.68
N ASN G 113 -2.47 28.64 -51.03
CA ASN G 113 -2.18 27.36 -50.40
C ASN G 113 -0.69 27.07 -50.48
N LEU G 114 -0.14 27.14 -51.70
CA LEU G 114 1.26 26.82 -51.93
C LEU G 114 2.19 27.75 -51.15
N GLU G 115 1.82 29.03 -51.07
CA GLU G 115 2.65 30.02 -50.40
C GLU G 115 2.76 29.69 -48.92
N LEU G 116 1.61 29.57 -48.26
CA LEU G 116 1.53 29.24 -46.83
C LEU G 116 2.17 27.88 -46.53
N THR G 117 1.83 26.87 -47.32
CA THR G 117 2.38 25.53 -47.14
C THR G 117 3.89 25.54 -47.25
N SER G 118 4.41 26.36 -48.17
CA SER G 118 5.84 26.39 -48.39
C SER G 118 6.54 27.02 -47.20
N LYS G 119 5.88 28.00 -46.58
CA LYS G 119 6.47 28.66 -45.43
C LYS G 119 6.54 27.68 -44.27
N VAL G 120 5.47 26.93 -44.06
CA VAL G 120 5.42 25.95 -42.99
C VAL G 120 6.49 24.86 -43.20
N VAL G 121 6.62 24.39 -44.44
CA VAL G 121 7.60 23.35 -44.75
C VAL G 121 9.01 23.82 -44.42
N LYS G 122 9.37 25.02 -44.86
CA LYS G 122 10.70 25.58 -44.57
C LYS G 122 10.97 25.57 -43.06
N MET G 123 10.01 26.03 -42.28
CA MET G 123 10.18 26.08 -40.84
C MET G 123 10.23 24.67 -40.25
N ALA G 124 9.33 23.80 -40.70
CA ALA G 124 9.23 22.46 -40.13
C ALA G 124 10.46 21.62 -40.48
N HIS G 125 10.85 21.61 -41.75
CA HIS G 125 12.00 20.82 -42.17
C HIS G 125 13.25 21.28 -41.44
N ASN G 126 13.32 22.56 -41.16
CA ASN G 126 14.44 23.12 -40.42
C ASN G 126 14.51 22.59 -38.98
N ALA G 127 13.37 22.14 -38.46
CA ALA G 127 13.33 21.58 -37.11
C ALA G 127 13.16 20.07 -37.10
N GLY G 128 13.31 19.44 -38.26
CA GLY G 128 13.27 17.99 -38.33
C GLY G 128 11.87 17.42 -38.20
N VAL G 129 10.89 18.23 -38.57
CA VAL G 129 9.47 17.86 -38.46
C VAL G 129 8.84 17.71 -39.85
N SER G 130 8.01 16.70 -40.03
CA SER G 130 7.39 16.43 -41.34
C SER G 130 6.10 17.24 -41.52
N VAL G 131 5.62 17.34 -42.76
CA VAL G 131 4.48 18.22 -43.08
C VAL G 131 3.48 17.60 -44.04
N GLU G 132 2.20 17.78 -43.73
CA GLU G 132 1.09 17.33 -44.57
C GLU G 132 0.35 18.55 -45.06
N ALA G 133 -0.11 18.52 -46.31
CA ALA G 133 -0.96 19.60 -46.83
C ALA G 133 -2.17 18.98 -47.51
N GLU G 134 -3.13 19.83 -47.90
CA GLU G 134 -4.37 19.35 -48.50
C GLU G 134 -4.73 20.11 -49.77
N LEU G 135 -5.34 19.40 -50.72
CA LEU G 135 -5.85 20.00 -51.96
C LEU G 135 -7.24 19.47 -52.27
N GLY G 136 -8.20 20.37 -52.39
CA GLY G 136 -9.58 20.00 -52.62
C GLY G 136 -10.43 20.28 -51.38
N ARG G 137 -11.74 20.40 -51.58
CA ARG G 137 -12.68 20.53 -50.46
C ARG G 137 -13.21 19.14 -50.10
N LEU G 138 -13.37 18.89 -48.80
CA LEU G 138 -13.69 17.56 -48.32
C LEU G 138 -15.20 17.33 -48.20
N MET G 139 -15.86 17.16 -49.34
CA MET G 139 -17.27 16.77 -49.37
C MET G 139 -17.47 15.58 -50.30
N GLY G 140 -18.71 15.09 -50.36
CA GLY G 140 -19.02 13.88 -51.13
C GLY G 140 -18.94 14.05 -52.64
N ILE G 141 -19.85 13.37 -53.34
CA ILE G 141 -19.90 13.42 -54.80
C ILE G 141 -21.32 13.64 -55.29
N ALA G 152 -14.41 20.41 -59.77
CA ALA G 152 -14.08 21.69 -59.14
C ALA G 152 -13.67 21.48 -57.69
N VAL G 153 -14.53 20.81 -56.94
CA VAL G 153 -14.30 20.56 -55.52
C VAL G 153 -13.11 19.64 -55.29
N LEU G 154 -13.19 18.42 -55.81
CA LEU G 154 -12.18 17.41 -55.58
C LEU G 154 -10.79 17.82 -56.08
N VAL G 155 -9.79 17.04 -55.66
CA VAL G 155 -8.39 17.32 -55.99
C VAL G 155 -8.18 17.32 -57.50
N ASN G 156 -7.42 18.30 -57.98
CA ASN G 156 -6.98 18.27 -59.36
C ASN G 156 -5.57 17.67 -59.43
N PRO G 157 -5.44 16.48 -60.02
CA PRO G 157 -4.16 15.76 -60.05
C PRO G 157 -3.00 16.59 -60.58
N LYS G 158 -3.23 17.39 -61.61
CA LYS G 158 -2.17 18.24 -62.15
C LYS G 158 -1.81 19.35 -61.15
N GLU G 159 -2.81 19.86 -60.45
CA GLU G 159 -2.57 20.83 -59.39
C GLU G 159 -1.66 20.22 -58.33
N ALA G 160 -1.92 18.96 -58.00
CA ALA G 160 -1.17 18.25 -56.97
C ALA G 160 0.27 18.04 -57.39
N GLU G 161 0.47 17.70 -58.66
CA GLU G 161 1.81 17.46 -59.19
C GLU G 161 2.70 18.67 -58.95
N GLN G 162 2.23 19.84 -59.36
CA GLN G 162 3.00 21.06 -59.19
C GLN G 162 3.16 21.39 -57.71
N PHE G 163 2.05 21.32 -56.98
CA PHE G 163 2.02 21.66 -55.55
C PHE G 163 3.12 20.92 -54.79
N VAL G 164 3.21 19.61 -55.00
CA VAL G 164 4.17 18.81 -54.27
C VAL G 164 5.61 19.14 -54.66
N LYS G 165 5.87 19.25 -55.96
CA LYS G 165 7.24 19.47 -56.42
C LYS G 165 7.81 20.77 -55.86
N GLU G 166 6.98 21.81 -55.81
CA GLU G 166 7.44 23.15 -55.42
C GLU G 166 7.38 23.42 -53.92
N SER G 167 6.47 22.76 -53.20
CA SER G 167 6.33 22.98 -51.76
C SER G 167 7.28 22.09 -50.98
N GLN G 168 7.58 20.91 -51.53
CA GLN G 168 8.45 19.94 -50.85
C GLN G 168 7.74 19.29 -49.65
N VAL G 169 6.42 19.43 -49.60
CA VAL G 169 5.63 18.83 -48.53
C VAL G 169 5.84 17.31 -48.53
N ASP G 170 5.80 16.69 -47.36
CA ASP G 170 6.13 15.25 -47.27
C ASP G 170 4.97 14.35 -47.66
N TYR G 171 3.75 14.75 -47.34
CA TYR G 171 2.59 13.97 -47.76
C TYR G 171 1.41 14.86 -48.05
N LEU G 172 0.48 14.33 -48.83
CA LEU G 172 -0.61 15.14 -49.36
C LEU G 172 -1.95 14.46 -49.08
N ALA G 173 -2.95 15.26 -48.71
CA ALA G 173 -4.31 14.80 -48.51
C ALA G 173 -5.17 15.25 -49.69
N PRO G 174 -5.37 14.38 -50.69
CA PRO G 174 -6.21 14.73 -51.83
C PRO G 174 -7.67 14.37 -51.61
N ALA G 175 -8.57 15.33 -51.80
CA ALA G 175 -9.99 15.09 -51.60
C ALA G 175 -10.55 14.21 -52.73
N ILE G 176 -11.02 13.01 -52.37
CA ILE G 176 -11.54 12.07 -53.37
C ILE G 176 -12.97 11.60 -53.07
N GLY G 177 -13.67 12.29 -52.17
CA GLY G 177 -15.07 11.99 -51.95
C GLY G 177 -15.45 11.71 -50.50
N THR G 178 -14.48 11.68 -49.60
CA THR G 178 -14.78 11.51 -48.19
C THR G 178 -15.12 12.85 -47.57
N SER G 179 -15.65 12.82 -46.35
CA SER G 179 -15.94 14.02 -45.58
C SER G 179 -15.84 13.66 -44.10
N HIS G 180 -15.71 14.66 -43.24
CA HIS G 180 -15.62 14.42 -41.80
C HIS G 180 -16.99 14.03 -41.21
N GLY G 181 -16.97 13.24 -40.14
CA GLY G 181 -18.17 13.03 -39.34
C GLY G 181 -18.90 11.75 -39.67
N ALA G 182 -20.02 11.55 -38.98
CA ALA G 182 -20.77 10.31 -39.06
C ALA G 182 -21.65 10.19 -40.32
N PHE G 183 -21.80 11.28 -41.05
CA PHE G 183 -22.80 11.33 -42.12
C PHE G 183 -22.16 11.65 -43.45
N LYS G 184 -21.41 10.68 -43.95
CA LYS G 184 -20.53 10.89 -45.10
C LYS G 184 -21.28 10.72 -46.42
N PHE G 185 -22.29 9.85 -46.44
CA PHE G 185 -22.95 9.49 -47.69
C PHE G 185 -24.46 9.37 -47.60
N LYS G 186 -25.14 10.02 -48.55
CA LYS G 186 -26.51 9.67 -48.87
C LYS G 186 -26.38 8.72 -50.05
N GLY G 187 -27.16 7.65 -50.05
CA GLY G 187 -27.03 6.63 -51.07
C GLY G 187 -25.74 5.87 -50.87
N GLU G 188 -25.44 4.92 -51.76
CA GLU G 188 -24.29 4.06 -51.54
C GLU G 188 -22.99 4.85 -51.65
N PRO G 189 -22.05 4.59 -50.72
CA PRO G 189 -20.76 5.29 -50.72
C PRO G 189 -20.08 5.21 -52.08
N LYS G 190 -19.39 6.27 -52.47
CA LYS G 190 -18.61 6.29 -53.68
C LYS G 190 -17.39 7.16 -53.49
N LEU G 191 -16.23 6.67 -53.92
CA LEU G 191 -15.01 7.47 -53.92
C LEU G 191 -14.38 7.44 -55.30
N ASP G 192 -13.64 8.49 -55.61
CA ASP G 192 -13.02 8.62 -56.92
C ASP G 192 -11.62 8.00 -56.91
N PHE G 193 -11.57 6.67 -56.99
CA PHE G 193 -10.30 5.96 -56.91
C PHE G 193 -9.41 6.22 -58.12
N GLU G 194 -10.02 6.54 -59.28
CA GLU G 194 -9.25 6.88 -60.46
C GLU G 194 -8.44 8.15 -60.23
N ARG G 195 -9.11 9.16 -59.67
CA ARG G 195 -8.46 10.40 -59.29
C ARG G 195 -7.32 10.10 -58.29
N LEU G 196 -7.61 9.27 -57.30
CA LEU G 196 -6.61 8.88 -56.32
C LEU G 196 -5.36 8.32 -57.01
N GLN G 197 -5.55 7.38 -57.92
CA GLN G 197 -4.44 6.68 -58.55
C GLN G 197 -3.63 7.61 -59.42
N GLU G 198 -4.31 8.56 -60.07
CA GLU G 198 -3.62 9.55 -60.88
C GLU G 198 -2.78 10.47 -60.00
N VAL G 199 -3.32 10.88 -58.86
CA VAL G 199 -2.57 11.72 -57.93
C VAL G 199 -1.33 10.99 -57.42
N LYS G 200 -1.46 9.70 -57.13
CA LYS G 200 -0.33 8.94 -56.62
C LYS G 200 0.76 8.84 -57.68
N ARG G 201 0.34 8.62 -58.93
CA ARG G 201 1.28 8.44 -60.03
C ARG G 201 2.10 9.71 -60.27
N LEU G 202 1.44 10.86 -60.15
CA LEU G 202 2.09 12.14 -60.45
C LEU G 202 2.94 12.66 -59.30
N THR G 203 2.63 12.26 -58.06
CA THR G 203 3.35 12.80 -56.91
C THR G 203 4.39 11.81 -56.36
N ASN G 204 4.02 10.53 -56.33
CA ASN G 204 4.90 9.50 -55.79
C ASN G 204 5.36 9.81 -54.36
N ILE G 205 4.46 10.35 -53.54
CA ILE G 205 4.69 10.52 -52.11
C ILE G 205 3.59 9.82 -51.32
N PRO G 206 3.76 9.70 -50.00
CA PRO G 206 2.67 9.15 -49.18
C PRO G 206 1.43 10.03 -49.25
N LEU G 207 0.25 9.41 -49.28
CA LEU G 207 -1.01 10.15 -49.40
C LEU G 207 -1.90 9.94 -48.17
N VAL G 208 -2.76 10.92 -47.87
CA VAL G 208 -3.52 10.93 -46.63
C VAL G 208 -5.01 10.99 -46.93
N LEU G 209 -5.77 10.06 -46.38
CA LEU G 209 -7.23 10.08 -46.49
C LEU G 209 -7.87 10.66 -45.21
N HIS G 210 -8.52 11.81 -45.31
CA HIS G 210 -9.33 12.35 -44.21
C HIS G 210 -10.74 11.78 -44.26
N GLY G 211 -11.48 11.94 -43.16
CA GLY G 211 -12.85 11.48 -43.08
C GLY G 211 -12.97 10.00 -43.36
N ALA G 212 -12.11 9.21 -42.74
CA ALA G 212 -11.97 7.80 -43.08
C ALA G 212 -12.65 6.85 -42.08
N SER G 213 -13.41 7.38 -41.13
CA SER G 213 -14.17 6.51 -40.23
C SER G 213 -15.17 5.66 -41.01
N ALA G 214 -15.36 4.42 -40.55
CA ALA G 214 -16.21 3.46 -41.24
C ALA G 214 -17.59 3.31 -40.59
N ILE G 215 -17.71 3.79 -39.36
CA ILE G 215 -18.87 3.50 -38.51
C ILE G 215 -19.30 2.02 -38.66
N PRO G 216 -18.52 1.12 -38.03
CA PRO G 216 -18.70 -0.33 -38.10
C PRO G 216 -20.03 -0.77 -37.51
N ASP G 217 -20.60 -1.83 -38.07
CA ASP G 217 -21.91 -2.28 -37.62
C ASP G 217 -21.96 -2.52 -36.11
N ASN G 218 -20.92 -3.10 -35.54
CA ASN G 218 -20.93 -3.46 -34.12
C ASN G 218 -20.85 -2.20 -33.25
N VAL G 219 -20.13 -1.20 -33.74
CA VAL G 219 -20.03 0.07 -33.05
C VAL G 219 -21.38 0.81 -33.09
N ARG G 220 -22.00 0.85 -34.25
CA ARG G 220 -23.35 1.41 -34.37
C ARG G 220 -24.30 0.70 -33.43
N LYS G 221 -24.27 -0.63 -33.47
CA LYS G 221 -25.15 -1.44 -32.64
C LYS G 221 -24.97 -1.09 -31.15
N SER G 222 -23.72 -0.97 -30.72
CA SER G 222 -23.46 -0.65 -29.32
C SER G 222 -24.02 0.70 -28.93
N TYR G 223 -23.87 1.67 -29.83
CA TYR G 223 -24.31 3.02 -29.54
C TYR G 223 -25.84 3.09 -29.51
N LEU G 224 -26.48 2.46 -30.47
CA LEU G 224 -27.95 2.46 -30.50
C LEU G 224 -28.51 1.71 -29.29
N ASP G 225 -27.92 0.57 -28.95
CA ASP G 225 -28.39 -0.25 -27.83
C ASP G 225 -28.37 0.55 -26.53
N ALA G 226 -27.41 1.45 -26.39
CA ALA G 226 -27.28 2.28 -25.20
C ALA G 226 -28.15 3.54 -25.24
N GLY G 227 -29.05 3.63 -26.21
CA GLY G 227 -29.98 4.75 -26.31
C GLY G 227 -29.50 5.90 -27.19
N GLY G 228 -28.35 5.74 -27.83
CA GLY G 228 -27.85 6.78 -28.70
C GLY G 228 -28.66 6.89 -29.97
N ASP G 229 -28.47 8.00 -30.67
CA ASP G 229 -29.15 8.26 -31.94
C ASP G 229 -28.09 8.53 -32.99
N LEU G 230 -28.09 7.72 -34.06
CA LEU G 230 -27.14 7.87 -35.17
C LEU G 230 -27.91 7.83 -36.48
N LYS G 231 -29.13 8.33 -36.44
CA LYS G 231 -30.02 8.29 -37.60
C LYS G 231 -29.30 8.80 -38.84
N GLY G 232 -29.28 7.96 -39.89
CA GLY G 232 -28.82 8.39 -41.20
C GLY G 232 -27.32 8.37 -41.39
N SER G 233 -26.58 7.91 -40.37
CA SER G 233 -25.13 7.92 -40.47
C SER G 233 -24.62 6.82 -41.40
N LYS G 234 -23.49 7.10 -42.05
CA LYS G 234 -22.83 6.15 -42.93
C LYS G 234 -21.36 6.55 -43.03
N GLY G 235 -20.45 5.59 -42.81
CA GLY G 235 -19.03 5.87 -42.98
C GLY G 235 -18.48 5.16 -44.21
N VAL G 236 -17.16 5.19 -44.35
CA VAL G 236 -16.49 4.53 -45.48
C VAL G 236 -16.48 3.01 -45.31
N PRO G 237 -17.04 2.27 -46.26
CA PRO G 237 -17.01 0.80 -46.16
C PRO G 237 -15.58 0.27 -45.98
N PHE G 238 -15.42 -0.80 -45.21
CA PHE G 238 -14.11 -1.40 -45.02
C PHE G 238 -13.41 -1.67 -46.35
N GLU G 239 -14.18 -2.16 -47.32
CA GLU G 239 -13.66 -2.49 -48.64
C GLU G 239 -13.06 -1.27 -49.31
N PHE G 240 -13.71 -0.13 -49.13
CA PHE G 240 -13.21 1.14 -49.68
C PHE G 240 -11.90 1.60 -49.06
N LEU G 241 -11.74 1.38 -47.75
CA LEU G 241 -10.49 1.76 -47.09
C LEU G 241 -9.36 0.89 -47.65
N GLN G 242 -9.63 -0.39 -47.81
CA GLN G 242 -8.66 -1.32 -48.39
C GLN G 242 -8.29 -0.92 -49.82
N GLU G 243 -9.29 -0.43 -50.55
CA GLU G 243 -9.09 0.02 -51.93
C GLU G 243 -8.28 1.30 -51.98
N SER G 244 -8.47 2.17 -50.98
CA SER G 244 -7.72 3.42 -50.90
C SER G 244 -6.24 3.13 -50.65
N VAL G 245 -5.96 2.18 -49.76
CA VAL G 245 -4.58 1.82 -49.48
C VAL G 245 -3.95 1.21 -50.73
N LYS G 246 -4.69 0.34 -51.41
CA LYS G 246 -4.22 -0.25 -52.66
C LYS G 246 -3.91 0.85 -53.67
N GLY G 247 -4.65 1.95 -53.56
CA GLY G 247 -4.51 3.05 -54.49
C GLY G 247 -3.44 4.07 -54.13
N GLY G 248 -2.86 3.94 -52.94
CA GLY G 248 -1.74 4.79 -52.56
C GLY G 248 -1.94 5.61 -51.29
N ILE G 249 -3.05 5.38 -50.58
CA ILE G 249 -3.24 5.99 -49.27
C ILE G 249 -2.37 5.29 -48.22
N ASN G 250 -1.55 6.07 -47.51
CA ASN G 250 -0.66 5.52 -46.49
C ASN G 250 -0.95 6.02 -45.07
N LYS G 251 -1.76 7.08 -44.95
CA LYS G 251 -2.18 7.61 -43.65
C LYS G 251 -3.69 7.75 -43.66
N VAL G 252 -4.36 7.16 -42.67
CA VAL G 252 -5.82 7.09 -42.70
C VAL G 252 -6.40 7.70 -41.41
N ASN G 253 -6.93 8.92 -41.53
CA ASN G 253 -7.42 9.66 -40.37
C ASN G 253 -8.72 9.09 -39.81
N THR G 254 -8.71 8.76 -38.53
CA THR G 254 -9.86 8.12 -37.90
C THR G 254 -10.09 8.78 -36.56
N ASP G 255 -11.30 9.31 -36.38
CA ASP G 255 -11.66 10.05 -35.18
C ASP G 255 -13.05 9.66 -34.72
N THR G 256 -14.04 9.90 -35.58
CA THR G 256 -15.44 9.58 -35.26
C THR G 256 -15.67 8.16 -34.75
N ASP G 257 -15.11 7.14 -35.41
CA ASP G 257 -15.31 5.76 -34.97
C ASP G 257 -14.92 5.58 -33.52
N LEU G 258 -13.81 6.20 -33.13
CA LEU G 258 -13.30 6.07 -31.77
C LEU G 258 -14.24 6.69 -30.72
N ARG G 259 -14.72 7.89 -31.01
CA ARG G 259 -15.62 8.61 -30.10
C ARG G 259 -16.91 7.83 -29.90
N ILE G 260 -17.50 7.34 -30.98
CA ILE G 260 -18.78 6.66 -30.87
C ILE G 260 -18.62 5.38 -30.05
N ALA G 261 -17.58 4.60 -30.31
CA ALA G 261 -17.39 3.37 -29.54
C ALA G 261 -17.14 3.69 -28.07
N PHE G 262 -16.40 4.76 -27.80
CA PHE G 262 -16.10 5.15 -26.43
C PHE G 262 -17.38 5.58 -25.71
N ILE G 263 -18.14 6.49 -26.31
CA ILE G 263 -19.30 7.08 -25.65
C ILE G 263 -20.44 6.07 -25.55
N ALA G 264 -20.52 5.14 -26.50
CA ALA G 264 -21.49 4.05 -26.38
C ALA G 264 -21.34 3.34 -25.03
N GLU G 265 -20.09 3.08 -24.60
CA GLU G 265 -19.88 2.38 -23.35
C GLU G 265 -20.18 3.28 -22.14
N VAL G 266 -19.93 4.57 -22.27
CA VAL G 266 -20.22 5.49 -21.18
C VAL G 266 -21.73 5.52 -20.96
N ARG G 267 -22.48 5.62 -22.05
CA ARG G 267 -23.95 5.62 -22.00
C ARG G 267 -24.47 4.32 -21.38
N LYS G 268 -23.90 3.19 -21.80
CA LYS G 268 -24.34 1.89 -21.30
C LYS G 268 -24.14 1.82 -19.79
N VAL G 269 -23.00 2.30 -19.31
CA VAL G 269 -22.76 2.25 -17.88
C VAL G 269 -23.77 3.14 -17.15
N ALA G 270 -23.98 4.35 -17.66
CA ALA G 270 -24.95 5.26 -17.05
C ALA G 270 -26.33 4.59 -16.98
N ASN G 271 -26.72 3.89 -18.04
CA ASN G 271 -28.04 3.27 -18.09
C ASN G 271 -28.19 2.13 -17.10
N GLU G 272 -27.14 1.35 -16.94
CA GLU G 272 -27.28 0.06 -16.27
C GLU G 272 -27.16 0.15 -14.77
N ASP G 273 -26.54 1.22 -14.26
CA ASP G 273 -26.40 1.39 -12.81
C ASP G 273 -26.49 2.87 -12.42
N LYS G 274 -27.64 3.28 -11.90
CA LYS G 274 -27.87 4.68 -11.55
C LYS G 274 -27.06 5.11 -10.34
N SER G 275 -26.55 4.14 -9.58
CA SER G 275 -25.78 4.47 -8.39
C SER G 275 -24.26 4.54 -8.69
N GLN G 276 -23.87 4.36 -9.95
CA GLN G 276 -22.46 4.24 -10.29
C GLN G 276 -21.84 5.60 -10.56
N PHE G 277 -20.81 5.95 -9.79
CA PHE G 277 -20.08 7.18 -10.05
C PHE G 277 -18.56 7.04 -9.88
N ASP G 278 -18.06 5.80 -9.93
CA ASP G 278 -16.61 5.59 -10.05
C ASP G 278 -16.20 5.82 -11.50
N LEU G 279 -15.39 6.84 -11.76
CA LEU G 279 -15.05 7.17 -13.14
C LEU G 279 -14.45 5.97 -13.87
N ARG G 280 -13.63 5.17 -13.18
CA ARG G 280 -12.99 4.04 -13.85
C ARG G 280 -14.01 3.03 -14.39
N LYS G 281 -15.16 2.92 -13.72
CA LYS G 281 -16.20 1.99 -14.13
C LYS G 281 -16.84 2.43 -15.44
N PHE G 282 -16.85 3.74 -15.69
CA PHE G 282 -17.31 4.25 -16.99
C PHE G 282 -16.23 4.09 -18.07
N PHE G 283 -15.00 4.44 -17.72
CA PHE G 283 -14.00 4.68 -18.75
C PHE G 283 -13.16 3.45 -19.05
N SER G 284 -13.20 2.44 -18.21
CA SER G 284 -12.48 1.21 -18.55
C SER G 284 -13.15 0.49 -19.74
N PRO G 285 -14.47 0.28 -19.68
CA PRO G 285 -15.18 -0.31 -20.83
C PRO G 285 -15.07 0.56 -22.06
N ALA G 286 -15.10 1.87 -21.86
CA ALA G 286 -14.97 2.79 -22.99
C ALA G 286 -13.61 2.65 -23.67
N GLN G 287 -12.55 2.63 -22.88
CA GLN G 287 -11.21 2.39 -23.42
C GLN G 287 -11.14 1.08 -24.19
N LEU G 288 -11.74 0.02 -23.65
CA LEU G 288 -11.67 -1.28 -24.30
C LEU G 288 -12.37 -1.24 -25.66
N ALA G 289 -13.55 -0.64 -25.73
CA ALA G 289 -14.28 -0.55 -26.98
C ALA G 289 -13.49 0.29 -27.99
N LEU G 290 -12.84 1.33 -27.52
CA LEU G 290 -12.07 2.19 -28.41
C LEU G 290 -10.84 1.41 -28.90
N LYS G 291 -10.16 0.73 -27.99
CA LYS G 291 -8.97 -0.05 -28.34
C LYS G 291 -9.31 -1.08 -29.42
N ASN G 292 -10.46 -1.72 -29.30
CA ASN G 292 -10.86 -2.76 -30.27
C ASN G 292 -11.13 -2.17 -31.64
N VAL G 293 -11.74 -0.99 -31.69
CA VAL G 293 -11.93 -0.31 -32.97
C VAL G 293 -10.57 -0.07 -33.62
N VAL G 294 -9.61 0.39 -32.84
CA VAL G 294 -8.28 0.71 -33.38
C VAL G 294 -7.56 -0.56 -33.84
N LYS G 295 -7.60 -1.62 -33.02
CA LYS G 295 -6.96 -2.88 -33.39
C LYS G 295 -7.50 -3.40 -34.72
N GLU G 296 -8.82 -3.45 -34.86
CA GLU G 296 -9.44 -3.90 -36.11
C GLU G 296 -9.00 -3.04 -37.29
N ARG G 297 -8.90 -1.72 -37.08
CA ARG G 297 -8.53 -0.82 -38.16
C ARG G 297 -7.07 -1.07 -38.56
N MET G 298 -6.20 -1.33 -37.60
CA MET G 298 -4.81 -1.61 -37.90
C MET G 298 -4.65 -2.87 -38.75
N LYS G 299 -5.43 -3.91 -38.44
CA LYS G 299 -5.41 -5.12 -39.25
C LYS G 299 -5.93 -4.83 -40.64
N LEU G 300 -6.99 -4.03 -40.73
CA LEU G 300 -7.62 -3.74 -42.01
C LEU G 300 -6.67 -2.98 -42.93
N LEU G 301 -5.97 -1.99 -42.39
CA LEU G 301 -5.10 -1.13 -43.20
C LEU G 301 -3.76 -1.80 -43.53
N GLY G 302 -3.43 -2.84 -42.79
CA GLY G 302 -2.25 -3.64 -43.07
C GLY G 302 -1.01 -3.22 -42.29
N SER G 303 -1.19 -2.49 -41.19
CA SER G 303 -0.04 -2.05 -40.40
C SER G 303 0.23 -3.01 -39.24
N ALA G 304 -0.69 -3.94 -38.98
CA ALA G 304 -0.41 -4.96 -37.97
C ALA G 304 0.88 -5.67 -38.33
N ASN G 305 1.76 -5.83 -37.34
CA ASN G 305 2.99 -6.62 -37.46
C ASN G 305 3.99 -5.96 -38.38
N LYS G 306 3.91 -4.64 -38.49
CA LYS G 306 4.82 -3.91 -39.36
C LYS G 306 5.93 -3.22 -38.57
N ILE G 307 5.93 -3.36 -37.25
CA ILE G 307 7.02 -2.82 -36.45
C ILE G 307 8.31 -3.55 -36.77
N MET H 1 -39.19 -11.56 -9.48
CA MET H 1 -39.19 -10.19 -8.89
C MET H 1 -39.70 -9.19 -9.94
N LEU H 2 -39.64 -7.91 -9.61
CA LEU H 2 -40.05 -6.84 -10.52
C LEU H 2 -39.11 -6.73 -11.71
N VAL H 3 -39.64 -6.81 -12.92
CA VAL H 3 -38.83 -6.64 -14.12
C VAL H 3 -39.51 -5.71 -15.10
N LYS H 4 -38.74 -5.17 -16.04
CA LYS H 4 -39.33 -4.27 -17.02
C LYS H 4 -40.40 -5.02 -17.80
N GLY H 5 -41.47 -4.31 -18.17
CA GLY H 5 -42.57 -4.96 -18.86
C GLY H 5 -42.12 -5.60 -20.14
N ASN H 6 -41.15 -4.97 -20.81
CA ASN H 6 -40.68 -5.47 -22.10
C ASN H 6 -40.02 -6.84 -21.99
N GLU H 7 -39.44 -7.17 -20.83
CA GLU H 7 -38.83 -8.50 -20.64
C GLU H 7 -39.85 -9.61 -20.74
N ILE H 8 -40.98 -9.38 -20.08
CA ILE H 8 -42.06 -10.35 -20.08
C ILE H 8 -42.73 -10.44 -21.45
N LEU H 9 -43.00 -9.30 -22.09
CA LEU H 9 -43.77 -9.32 -23.32
C LEU H 9 -42.93 -9.70 -24.53
N LEU H 10 -41.63 -9.44 -24.49
CA LEU H 10 -40.77 -9.85 -25.59
C LEU H 10 -40.71 -11.37 -25.63
N LYS H 11 -40.70 -12.01 -24.46
CA LYS H 11 -40.69 -13.48 -24.42
C LYS H 11 -42.02 -14.04 -24.90
N ALA H 12 -43.13 -13.44 -24.45
CA ALA H 12 -44.46 -13.85 -24.91
C ALA H 12 -44.57 -13.68 -26.43
N HIS H 13 -43.98 -12.61 -26.94
CA HIS H 13 -44.02 -12.31 -28.36
C HIS H 13 -43.19 -13.37 -29.11
N LYS H 14 -42.04 -13.71 -28.57
CA LYS H 14 -41.15 -14.67 -29.23
C LYS H 14 -41.81 -16.04 -29.31
N GLU H 15 -42.47 -16.45 -28.22
CA GLU H 15 -42.97 -17.82 -28.11
C GLU H 15 -44.48 -17.93 -28.39
N GLY H 16 -45.10 -16.81 -28.74
CA GLY H 16 -46.49 -16.79 -29.15
C GLY H 16 -47.51 -17.15 -28.08
N TYR H 17 -47.43 -16.54 -26.91
CA TYR H 17 -48.50 -16.68 -25.93
C TYR H 17 -48.93 -15.32 -25.41
N GLY H 18 -49.97 -15.32 -24.59
CA GLY H 18 -50.51 -14.10 -24.02
C GLY H 18 -50.31 -14.08 -22.52
N VAL H 19 -50.06 -12.91 -21.97
CA VAL H 19 -49.88 -12.74 -20.54
C VAL H 19 -50.99 -11.81 -20.04
N GLY H 20 -51.82 -12.32 -19.14
CA GLY H 20 -52.85 -11.51 -18.50
C GLY H 20 -52.26 -10.34 -17.74
N ALA H 21 -52.91 -9.18 -17.86
CA ALA H 21 -52.53 -7.99 -17.11
C ALA H 21 -53.71 -7.69 -16.20
N PHE H 22 -53.52 -7.88 -14.90
CA PHE H 22 -54.65 -7.87 -13.99
C PHE H 22 -54.61 -6.65 -13.07
N ASN H 23 -55.71 -5.89 -13.03
CA ASN H 23 -55.79 -4.72 -12.15
C ASN H 23 -56.02 -5.09 -10.70
N PHE H 24 -55.48 -4.27 -9.80
CA PHE H 24 -55.81 -4.37 -8.38
C PHE H 24 -56.12 -3.02 -7.81
N VAL H 25 -56.87 -3.01 -6.71
CA VAL H 25 -57.14 -1.78 -5.99
C VAL H 25 -56.87 -1.91 -4.50
N ASN H 26 -56.57 -3.13 -4.04
CA ASN H 26 -56.25 -3.34 -2.64
C ASN H 26 -55.52 -4.66 -2.40
N PHE H 27 -55.32 -5.00 -1.13
CA PHE H 27 -54.54 -6.19 -0.80
C PHE H 27 -55.20 -7.47 -1.28
N GLU H 28 -56.51 -7.62 -1.05
CA GLU H 28 -57.19 -8.86 -1.42
C GLU H 28 -57.01 -9.19 -2.91
N MET H 29 -57.23 -8.21 -3.78
CA MET H 29 -57.07 -8.45 -5.22
C MET H 29 -55.63 -8.84 -5.55
N LEU H 30 -54.67 -8.10 -5.02
CA LEU H 30 -53.27 -8.36 -5.33
C LEU H 30 -52.86 -9.76 -4.87
N ASN H 31 -53.26 -10.12 -3.65
CA ASN H 31 -52.89 -11.42 -3.10
C ASN H 31 -53.44 -12.56 -3.97
N ALA H 32 -54.69 -12.43 -4.39
CA ALA H 32 -55.31 -13.48 -5.21
C ALA H 32 -54.61 -13.58 -6.57
N ILE H 33 -54.19 -12.45 -7.13
CA ILE H 33 -53.53 -12.47 -8.44
C ILE H 33 -52.19 -13.17 -8.35
N PHE H 34 -51.40 -12.84 -7.33
CA PHE H 34 -50.10 -13.50 -7.13
C PHE H 34 -50.26 -14.99 -6.82
N GLU H 35 -51.24 -15.36 -6.01
CA GLU H 35 -51.39 -16.78 -5.70
C GLU H 35 -51.72 -17.54 -6.97
N ALA H 36 -52.51 -16.93 -7.86
CA ALA H 36 -52.84 -17.57 -9.13
C ALA H 36 -51.57 -17.77 -9.95
N GLY H 37 -50.75 -16.73 -10.05
CA GLY H 37 -49.51 -16.83 -10.79
C GLY H 37 -48.61 -17.90 -10.21
N ASN H 38 -48.59 -18.00 -8.88
CA ASN H 38 -47.74 -18.99 -8.24
C ASN H 38 -48.20 -20.41 -8.57
N GLU H 39 -49.52 -20.62 -8.60
CA GLU H 39 -50.08 -21.95 -8.80
C GLU H 39 -50.00 -22.39 -10.26
N GLU H 40 -50.16 -21.46 -11.18
CA GLU H 40 -50.06 -21.74 -12.60
C GLU H 40 -48.62 -21.59 -13.12
N ASN H 41 -47.68 -21.28 -12.25
CA ASN H 41 -46.31 -21.03 -12.68
C ASN H 41 -46.25 -20.11 -13.90
N SER H 42 -46.87 -18.94 -13.77
CA SER H 42 -47.03 -17.99 -14.87
C SER H 42 -46.46 -16.62 -14.52
N PRO H 43 -45.85 -15.93 -15.50
CA PRO H 43 -45.50 -14.53 -15.27
C PRO H 43 -46.76 -13.67 -15.15
N LEU H 44 -46.60 -12.49 -14.58
CA LEU H 44 -47.72 -11.64 -14.24
C LEU H 44 -47.47 -10.20 -14.68
N PHE H 45 -48.47 -9.54 -15.27
CA PHE H 45 -48.49 -8.07 -15.32
C PHE H 45 -49.50 -7.65 -14.26
N ILE H 46 -49.08 -6.83 -13.32
CA ILE H 46 -50.00 -6.29 -12.32
C ILE H 46 -50.20 -4.81 -12.65
N GLN H 47 -51.45 -4.39 -12.79
CA GLN H 47 -51.73 -3.03 -13.27
C GLN H 47 -52.44 -2.22 -12.23
N ALA H 48 -52.13 -0.93 -12.15
CA ALA H 48 -52.87 0.00 -11.30
C ALA H 48 -53.29 1.19 -12.17
N SER H 49 -54.58 1.50 -12.18
CA SER H 49 -55.05 2.68 -12.91
C SER H 49 -54.76 3.93 -12.07
N GLU H 50 -54.90 5.11 -12.67
CA GLU H 50 -54.72 6.35 -11.91
C GLU H 50 -55.72 6.40 -10.74
N GLY H 51 -56.94 5.93 -10.98
CA GLY H 51 -57.96 5.89 -9.95
C GLY H 51 -57.56 4.98 -8.80
N ALA H 52 -56.99 3.82 -9.12
CA ALA H 52 -56.55 2.88 -8.10
C ALA H 52 -55.40 3.48 -7.29
N ILE H 53 -54.54 4.23 -7.97
CA ILE H 53 -53.42 4.86 -7.29
C ILE H 53 -53.91 5.93 -6.32
N LYS H 54 -54.96 6.66 -6.71
CA LYS H 54 -55.51 7.68 -5.83
C LYS H 54 -56.14 7.01 -4.61
N TYR H 55 -56.75 5.86 -4.83
CA TYR H 55 -57.40 5.11 -3.76
C TYR H 55 -56.39 4.56 -2.75
N MET H 56 -55.34 3.92 -3.25
CA MET H 56 -54.34 3.29 -2.39
C MET H 56 -53.28 4.25 -1.89
N GLY H 57 -52.97 5.26 -2.71
CA GLY H 57 -51.71 5.97 -2.59
C GLY H 57 -50.63 5.24 -3.39
N ILE H 58 -49.85 5.98 -4.18
CA ILE H 58 -48.88 5.32 -5.05
C ILE H 58 -47.82 4.60 -4.22
N ASP H 59 -47.54 5.11 -3.02
CA ASP H 59 -46.58 4.48 -2.11
C ASP H 59 -47.05 3.09 -1.66
N MET H 60 -48.34 2.96 -1.43
CA MET H 60 -48.93 1.70 -1.00
C MET H 60 -49.07 0.72 -2.17
N ALA H 61 -49.48 1.23 -3.32
CA ALA H 61 -49.59 0.41 -4.53
C ALA H 61 -48.27 -0.28 -4.84
N VAL H 62 -47.19 0.49 -4.92
CA VAL H 62 -45.89 -0.10 -5.21
C VAL H 62 -45.37 -0.90 -4.03
N GLY H 63 -45.58 -0.40 -2.81
CA GLY H 63 -45.10 -1.05 -1.61
C GLY H 63 -45.65 -2.46 -1.45
N MET H 64 -46.96 -2.62 -1.64
CA MET H 64 -47.58 -3.93 -1.50
C MET H 64 -47.07 -4.87 -2.61
N VAL H 65 -46.89 -4.34 -3.80
CA VAL H 65 -46.38 -5.16 -4.91
C VAL H 65 -44.97 -5.66 -4.59
N LYS H 66 -44.10 -4.79 -4.09
CA LYS H 66 -42.73 -5.22 -3.73
C LYS H 66 -42.72 -6.31 -2.66
N ILE H 67 -43.63 -6.21 -1.68
CA ILE H 67 -43.74 -7.22 -0.64
C ILE H 67 -44.18 -8.56 -1.25
N MET H 68 -45.15 -8.49 -2.17
CA MET H 68 -45.66 -9.72 -2.79
C MET H 68 -44.57 -10.35 -3.67
N CYS H 69 -43.73 -9.53 -4.30
CA CYS H 69 -42.60 -10.04 -5.10
C CYS H 69 -41.59 -10.74 -4.24
N GLU H 70 -41.36 -10.23 -3.04
CA GLU H 70 -40.43 -10.88 -2.13
C GLU H 70 -40.99 -12.20 -1.62
N ARG H 71 -42.32 -12.28 -1.55
CA ARG H 71 -42.99 -13.50 -1.11
C ARG H 71 -42.88 -14.59 -2.18
N TYR H 72 -42.91 -14.18 -3.44
CA TYR H 72 -42.84 -15.11 -4.59
C TYR H 72 -41.77 -14.65 -5.57
N PRO H 73 -40.50 -14.73 -5.16
CA PRO H 73 -39.41 -14.12 -5.93
C PRO H 73 -39.18 -14.77 -7.30
N HIS H 74 -39.67 -15.98 -7.47
CA HIS H 74 -39.45 -16.74 -8.71
C HIS H 74 -40.44 -16.30 -9.81
N ILE H 75 -41.46 -15.52 -9.46
CA ILE H 75 -42.42 -15.05 -10.48
C ILE H 75 -42.00 -13.72 -11.11
N PRO H 76 -41.79 -13.70 -12.44
CA PRO H 76 -41.55 -12.46 -13.18
C PRO H 76 -42.78 -11.56 -13.16
N VAL H 77 -42.63 -10.35 -12.62
CA VAL H 77 -43.75 -9.45 -12.45
C VAL H 77 -43.40 -8.10 -13.02
N ALA H 78 -44.27 -7.55 -13.87
CA ALA H 78 -44.14 -6.16 -14.28
C ALA H 78 -45.25 -5.35 -13.60
N LEU H 79 -44.89 -4.20 -13.04
CA LEU H 79 -45.87 -3.33 -12.37
C LEU H 79 -46.16 -2.18 -13.33
N HIS H 80 -47.42 -2.07 -13.74
CA HIS H 80 -47.78 -1.31 -14.92
C HIS H 80 -48.80 -0.24 -14.59
N LEU H 81 -48.51 1.01 -14.98
CA LEU H 81 -49.48 2.09 -14.87
C LEU H 81 -50.46 1.98 -16.04
N ASP H 82 -51.69 1.68 -15.72
CA ASP H 82 -52.74 1.49 -16.72
C ASP H 82 -53.39 2.83 -17.05
N HIS H 83 -53.47 3.14 -18.34
CA HIS H 83 -54.07 4.39 -18.81
C HIS H 83 -53.52 5.62 -18.11
N GLY H 84 -52.21 5.84 -18.21
CA GLY H 84 -51.62 7.09 -17.78
C GLY H 84 -52.09 8.16 -18.73
N THR H 85 -52.53 9.31 -18.20
CA THR H 85 -53.12 10.34 -19.06
C THR H 85 -52.25 11.57 -19.31
N THR H 86 -51.15 11.71 -18.57
CA THR H 86 -50.25 12.84 -18.79
C THR H 86 -48.79 12.42 -18.68
N PHE H 87 -47.90 13.23 -19.23
CA PHE H 87 -46.48 13.04 -19.01
C PHE H 87 -46.23 12.98 -17.51
N GLU H 88 -46.90 13.85 -16.76
CA GLU H 88 -46.64 14.02 -15.33
C GLU H 88 -47.03 12.76 -14.57
N SER H 89 -48.13 12.16 -14.97
CA SER H 89 -48.57 10.92 -14.33
C SER H 89 -47.60 9.76 -14.60
N CYS H 90 -47.14 9.64 -15.84
CA CYS H 90 -46.20 8.57 -16.18
C CYS H 90 -44.90 8.79 -15.42
N GLU H 91 -44.47 10.04 -15.35
CA GLU H 91 -43.25 10.38 -14.66
C GLU H 91 -43.36 9.99 -13.18
N LYS H 92 -44.50 10.25 -12.56
CA LYS H 92 -44.66 9.97 -11.13
C LYS H 92 -44.56 8.48 -10.87
N ALA H 93 -45.18 7.70 -11.75
CA ALA H 93 -45.15 6.24 -11.68
C ALA H 93 -43.72 5.72 -11.85
N VAL H 94 -42.98 6.29 -12.80
CA VAL H 94 -41.59 5.90 -12.99
C VAL H 94 -40.77 6.15 -11.72
N LYS H 95 -40.92 7.33 -11.13
CA LYS H 95 -40.16 7.64 -9.93
C LYS H 95 -40.57 6.77 -8.75
N ALA H 96 -41.84 6.37 -8.70
CA ALA H 96 -42.33 5.53 -7.61
C ALA H 96 -41.84 4.08 -7.70
N GLY H 97 -41.44 3.62 -8.87
CA GLY H 97 -40.92 2.27 -9.04
C GLY H 97 -41.69 1.35 -10.00
N PHE H 98 -42.65 1.90 -10.74
CA PHE H 98 -43.32 1.11 -11.79
C PHE H 98 -42.29 0.71 -12.84
N THR H 99 -42.48 -0.45 -13.44
CA THR H 99 -41.54 -0.95 -14.44
C THR H 99 -42.14 -0.93 -15.84
N SER H 100 -43.37 -0.44 -15.94
CA SER H 100 -44.05 -0.29 -17.23
C SER H 100 -45.07 0.81 -17.09
N VAL H 101 -45.19 1.70 -18.09
CA VAL H 101 -46.24 2.72 -18.04
C VAL H 101 -46.95 2.80 -19.37
N MET H 102 -48.27 2.95 -19.31
CA MET H 102 -49.04 3.25 -20.49
C MET H 102 -49.30 4.74 -20.55
N ILE H 103 -48.92 5.35 -21.65
CA ILE H 103 -49.35 6.71 -21.95
C ILE H 103 -50.46 6.62 -22.99
N ASP H 104 -51.68 6.88 -22.54
CA ASP H 104 -52.85 6.82 -23.36
C ASP H 104 -53.24 8.20 -23.85
N ALA H 105 -52.92 8.50 -25.10
CA ALA H 105 -53.31 9.77 -25.73
C ALA H 105 -54.02 9.44 -27.03
N SER H 106 -54.73 8.31 -27.05
CA SER H 106 -55.37 7.83 -28.27
C SER H 106 -56.50 8.73 -28.74
N HIS H 107 -57.09 9.49 -27.81
CA HIS H 107 -58.18 10.42 -28.16
C HIS H 107 -57.63 11.68 -28.82
N HIS H 108 -56.33 11.89 -28.74
CA HIS H 108 -55.68 13.00 -29.44
C HIS H 108 -55.50 12.64 -30.90
N ALA H 109 -55.33 13.66 -31.74
CA ALA H 109 -55.04 13.43 -33.15
C ALA H 109 -53.66 12.79 -33.26
N PHE H 110 -53.46 12.02 -34.33
CA PHE H 110 -52.27 11.20 -34.49
C PHE H 110 -50.95 11.88 -34.12
N GLU H 111 -50.78 13.13 -34.53
CA GLU H 111 -49.49 13.82 -34.35
C GLU H 111 -49.24 14.18 -32.89
N GLU H 112 -50.30 14.56 -32.19
CA GLU H 112 -50.18 14.93 -30.79
C GLU H 112 -49.99 13.69 -29.92
N ASN H 113 -50.63 12.60 -30.31
CA ASN H 113 -50.43 11.31 -29.66
C ASN H 113 -48.96 10.95 -29.75
N LEU H 114 -48.43 10.99 -30.96
CA LEU H 114 -47.04 10.63 -31.21
C LEU H 114 -46.08 11.53 -30.42
N GLU H 115 -46.38 12.83 -30.38
CA GLU H 115 -45.52 13.78 -29.69
C GLU H 115 -45.47 13.49 -28.20
N LEU H 116 -46.64 13.37 -27.59
CA LEU H 116 -46.74 13.09 -26.17
C LEU H 116 -46.13 11.74 -25.83
N THR H 117 -46.47 10.72 -26.61
CA THR H 117 -45.94 9.37 -26.40
C THR H 117 -44.42 9.38 -26.48
N SER H 118 -43.88 10.08 -27.46
CA SER H 118 -42.43 10.10 -27.66
C SER H 118 -41.72 10.73 -26.46
N LYS H 119 -42.34 11.75 -25.88
CA LYS H 119 -41.76 12.45 -24.74
C LYS H 119 -41.73 11.51 -23.55
N VAL H 120 -42.82 10.79 -23.32
CA VAL H 120 -42.88 9.78 -22.26
C VAL H 120 -41.86 8.67 -22.47
N VAL H 121 -41.68 8.23 -23.71
CA VAL H 121 -40.74 7.16 -24.01
C VAL H 121 -39.32 7.59 -23.69
N LYS H 122 -38.93 8.80 -24.07
CA LYS H 122 -37.56 9.23 -23.79
C LYS H 122 -37.32 9.25 -22.28
N MET H 123 -38.30 9.74 -21.54
CA MET H 123 -38.19 9.77 -20.08
C MET H 123 -38.12 8.36 -19.50
N ALA H 124 -39.05 7.50 -19.89
CA ALA H 124 -39.12 6.16 -19.30
C ALA H 124 -37.91 5.32 -19.68
N HIS H 125 -37.49 5.40 -20.95
CA HIS H 125 -36.35 4.60 -21.36
C HIS H 125 -35.08 5.04 -20.65
N ASN H 126 -34.97 6.33 -20.36
CA ASN H 126 -33.85 6.82 -19.56
C ASN H 126 -33.84 6.21 -18.17
N ALA H 127 -35.03 5.87 -17.67
CA ALA H 127 -35.14 5.31 -16.33
C ALA H 127 -35.21 3.79 -16.34
N GLY H 128 -35.14 3.19 -17.52
CA GLY H 128 -35.20 1.74 -17.63
C GLY H 128 -36.60 1.17 -17.46
N VAL H 129 -37.59 1.93 -17.91
CA VAL H 129 -39.00 1.55 -17.80
C VAL H 129 -39.59 1.38 -19.20
N SER H 130 -40.43 0.36 -19.39
CA SER H 130 -41.03 0.09 -20.70
C SER H 130 -42.30 0.89 -20.86
N VAL H 131 -42.75 1.08 -22.10
CA VAL H 131 -43.89 1.97 -22.37
C VAL H 131 -44.87 1.36 -23.35
N GLU H 132 -46.16 1.55 -23.05
CA GLU H 132 -47.29 1.17 -23.90
C GLU H 132 -47.97 2.43 -24.39
N ALA H 133 -48.41 2.45 -25.64
CA ALA H 133 -49.28 3.52 -26.14
C ALA H 133 -50.48 2.89 -26.85
N GLU H 134 -51.39 3.72 -27.36
CA GLU H 134 -52.63 3.21 -27.95
C GLU H 134 -53.04 3.98 -29.19
N LEU H 135 -53.57 3.26 -30.19
CA LEU H 135 -54.11 3.87 -31.40
C LEU H 135 -55.51 3.34 -31.68
N GLY H 136 -56.43 4.24 -32.00
CA GLY H 136 -57.80 3.85 -32.29
C GLY H 136 -58.69 4.03 -31.07
N ARG H 137 -60.00 4.09 -31.31
CA ARG H 137 -60.96 4.32 -30.25
C ARG H 137 -61.57 3.00 -29.81
N LEU H 138 -61.57 2.77 -28.51
CA LEU H 138 -61.94 1.47 -27.94
C LEU H 138 -63.45 1.29 -27.78
N MET H 139 -64.15 1.11 -28.89
CA MET H 139 -65.57 0.78 -28.83
C MET H 139 -65.88 -0.30 -29.86
N GLY H 140 -66.97 -1.02 -29.67
CA GLY H 140 -67.33 -2.12 -30.56
C GLY H 140 -67.63 -1.67 -31.97
N ILE H 141 -67.60 -2.62 -32.91
CA ILE H 141 -67.84 -2.31 -34.31
C ILE H 141 -69.32 -2.06 -34.56
N ALA H 152 -63.86 4.24 -39.74
CA ALA H 152 -62.65 4.96 -39.37
C ALA H 152 -62.67 5.29 -37.88
N VAL H 153 -62.70 4.25 -37.07
CA VAL H 153 -62.70 4.40 -35.62
C VAL H 153 -61.69 3.46 -34.99
N LEU H 154 -61.45 2.34 -35.66
CA LEU H 154 -60.48 1.36 -35.21
C LEU H 154 -59.08 1.74 -35.64
N VAL H 155 -58.08 1.02 -35.13
CA VAL H 155 -56.70 1.26 -35.49
C VAL H 155 -56.53 1.28 -37.01
N ASN H 156 -55.66 2.16 -37.48
CA ASN H 156 -55.25 2.15 -38.87
C ASN H 156 -53.84 1.59 -38.95
N PRO H 157 -53.71 0.38 -39.50
CA PRO H 157 -52.41 -0.32 -39.50
C PRO H 157 -51.26 0.56 -40.00
N LYS H 158 -51.49 1.35 -41.04
CA LYS H 158 -50.44 2.21 -41.59
C LYS H 158 -50.02 3.29 -40.60
N GLU H 159 -50.98 3.83 -39.85
CA GLU H 159 -50.67 4.77 -38.77
C GLU H 159 -49.78 4.10 -37.74
N ALA H 160 -50.10 2.85 -37.40
CA ALA H 160 -49.39 2.13 -36.34
C ALA H 160 -47.94 1.89 -36.73
N GLU H 161 -47.71 1.57 -38.00
CA GLU H 161 -46.38 1.28 -38.50
C GLU H 161 -45.46 2.47 -38.30
N GLN H 162 -45.93 3.65 -38.70
CA GLN H 162 -45.17 4.90 -38.53
C GLN H 162 -45.02 5.26 -37.06
N PHE H 163 -46.12 5.13 -36.33
CA PHE H 163 -46.19 5.50 -34.91
C PHE H 163 -45.13 4.78 -34.09
N VAL H 164 -44.99 3.48 -34.33
CA VAL H 164 -44.05 2.65 -33.61
C VAL H 164 -42.60 3.00 -33.99
N LYS H 165 -42.32 3.19 -35.27
CA LYS H 165 -40.95 3.47 -35.68
C LYS H 165 -40.46 4.78 -35.08
N GLU H 166 -41.33 5.78 -35.05
CA GLU H 166 -40.93 7.13 -34.62
C GLU H 166 -40.97 7.33 -33.11
N SER H 167 -41.82 6.59 -32.41
CA SER H 167 -41.91 6.76 -30.95
C SER H 167 -40.98 5.80 -30.22
N GLN H 168 -40.72 4.65 -30.83
CA GLN H 168 -39.93 3.59 -30.21
C GLN H 168 -40.63 2.99 -28.98
N VAL H 169 -41.96 3.09 -28.91
CA VAL H 169 -42.71 2.49 -27.81
C VAL H 169 -42.45 1.00 -27.80
N ASP H 170 -42.51 0.39 -26.61
CA ASP H 170 -42.20 -1.03 -26.49
C ASP H 170 -43.36 -1.92 -26.90
N TYR H 171 -44.58 -1.51 -26.57
CA TYR H 171 -45.77 -2.25 -27.00
C TYR H 171 -46.91 -1.33 -27.35
N LEU H 172 -47.81 -1.81 -28.21
CA LEU H 172 -48.89 -0.99 -28.75
C LEU H 172 -50.23 -1.65 -28.49
N ALA H 173 -51.23 -0.84 -28.15
CA ALA H 173 -52.60 -1.32 -27.94
C ALA H 173 -53.46 -0.86 -29.10
N PRO H 174 -53.73 -1.76 -30.05
CA PRO H 174 -54.57 -1.45 -31.22
C PRO H 174 -56.05 -1.71 -30.96
N ALA H 175 -56.89 -0.69 -31.14
CA ALA H 175 -58.33 -0.85 -31.06
C ALA H 175 -58.80 -1.74 -32.19
N ILE H 176 -59.39 -2.89 -31.87
CA ILE H 176 -59.87 -3.81 -32.90
C ILE H 176 -61.28 -4.31 -32.64
N GLY H 177 -62.02 -3.67 -31.74
CA GLY H 177 -63.42 -3.96 -31.57
C GLY H 177 -63.87 -4.27 -30.16
N THR H 178 -62.94 -4.34 -29.22
CA THR H 178 -63.30 -4.50 -27.82
C THR H 178 -63.62 -3.14 -27.21
N SER H 179 -64.21 -3.18 -26.02
CA SER H 179 -64.46 -1.97 -25.24
C SER H 179 -64.35 -2.34 -23.78
N HIS H 180 -64.19 -1.34 -22.91
CA HIS H 180 -64.10 -1.59 -21.48
C HIS H 180 -65.46 -1.87 -20.85
N GLY H 181 -65.47 -2.70 -19.81
CA GLY H 181 -66.68 -2.91 -19.01
C GLY H 181 -67.44 -4.17 -19.35
N ALA H 182 -68.59 -4.35 -18.70
CA ALA H 182 -69.36 -5.59 -18.77
C ALA H 182 -70.26 -5.70 -20.00
N PHE H 183 -70.39 -4.63 -20.77
CA PHE H 183 -71.35 -4.60 -21.86
C PHE H 183 -70.66 -4.29 -23.19
N LYS H 184 -69.90 -5.28 -23.67
CA LYS H 184 -69.01 -5.09 -24.80
C LYS H 184 -69.69 -5.28 -26.15
N PHE H 185 -70.81 -6.02 -26.15
CA PHE H 185 -71.47 -6.38 -27.41
C PHE H 185 -72.99 -6.39 -27.29
N LYS H 186 -73.65 -5.68 -28.22
CA LYS H 186 -75.10 -5.69 -28.34
C LYS H 186 -75.57 -7.07 -28.79
N GLY H 187 -75.11 -7.47 -29.98
CA GLY H 187 -75.43 -8.77 -30.52
C GLY H 187 -74.26 -9.72 -30.33
N GLU H 188 -74.09 -10.64 -31.27
CA GLU H 188 -73.01 -11.61 -31.18
C GLU H 188 -71.64 -10.94 -31.35
N PRO H 189 -70.67 -11.29 -30.49
CA PRO H 189 -69.34 -10.66 -30.48
C PRO H 189 -68.61 -10.76 -31.81
N LYS H 190 -67.93 -9.69 -32.20
CA LYS H 190 -67.10 -9.72 -33.40
C LYS H 190 -65.92 -8.76 -33.28
N LEU H 191 -64.75 -9.24 -33.67
CA LEU H 191 -63.53 -8.44 -33.64
C LEU H 191 -62.90 -8.40 -35.02
N ASP H 192 -62.13 -7.36 -35.28
CA ASP H 192 -61.45 -7.21 -36.55
C ASP H 192 -60.09 -7.90 -36.52
N PHE H 193 -60.08 -9.21 -36.68
CA PHE H 193 -58.83 -9.96 -36.59
C PHE H 193 -57.90 -9.66 -37.77
N GLU H 194 -58.47 -9.22 -38.90
CA GLU H 194 -57.66 -8.85 -40.06
C GLU H 194 -56.82 -7.61 -39.76
N ARG H 195 -57.47 -6.61 -39.17
CA ARG H 195 -56.78 -5.42 -38.71
C ARG H 195 -55.65 -5.78 -37.73
N LEU H 196 -55.93 -6.69 -36.81
CA LEU H 196 -54.93 -7.11 -35.83
C LEU H 196 -53.68 -7.67 -36.54
N GLN H 197 -53.89 -8.63 -37.44
CA GLN H 197 -52.78 -9.29 -38.10
C GLN H 197 -51.96 -8.33 -38.96
N GLU H 198 -52.61 -7.35 -39.58
CA GLU H 198 -51.88 -6.36 -40.36
C GLU H 198 -51.04 -5.48 -39.43
N VAL H 199 -51.62 -5.07 -38.29
CA VAL H 199 -50.86 -4.31 -37.30
C VAL H 199 -49.61 -5.08 -36.87
N LYS H 200 -49.79 -6.37 -36.55
CA LYS H 200 -48.71 -7.24 -36.14
C LYS H 200 -47.61 -7.24 -37.19
N ARG H 201 -48.03 -7.42 -38.44
CA ARG H 201 -47.09 -7.60 -39.54
C ARG H 201 -46.22 -6.35 -39.73
N LEU H 202 -46.84 -5.18 -39.62
CA LEU H 202 -46.14 -3.91 -39.86
C LEU H 202 -45.30 -3.46 -38.67
N THR H 203 -45.68 -3.87 -37.46
CA THR H 203 -45.01 -3.37 -36.27
C THR H 203 -44.00 -4.38 -35.70
N ASN H 204 -44.39 -5.66 -35.70
CA ASN H 204 -43.53 -6.71 -35.17
C ASN H 204 -43.07 -6.41 -33.75
N ILE H 205 -43.95 -5.82 -32.94
CA ILE H 205 -43.68 -5.67 -31.50
C ILE H 205 -44.81 -6.34 -30.72
N PRO H 206 -44.62 -6.52 -29.40
CA PRO H 206 -45.76 -7.09 -28.67
C PRO H 206 -46.97 -6.15 -28.73
N LEU H 207 -48.17 -6.71 -28.79
CA LEU H 207 -49.39 -5.90 -28.86
C LEU H 207 -50.24 -6.15 -27.62
N VAL H 208 -51.14 -5.21 -27.34
CA VAL H 208 -51.90 -5.22 -26.09
C VAL H 208 -53.39 -5.14 -26.40
N LEU H 209 -54.17 -6.04 -25.81
CA LEU H 209 -55.62 -6.02 -25.98
C LEU H 209 -56.31 -5.47 -24.73
N HIS H 210 -56.89 -4.28 -24.85
CA HIS H 210 -57.69 -3.70 -23.76
C HIS H 210 -59.12 -4.24 -23.82
N GLY H 211 -59.86 -4.07 -22.73
CA GLY H 211 -61.26 -4.49 -22.70
C GLY H 211 -61.44 -5.97 -22.97
N ALA H 212 -60.60 -6.79 -22.34
CA ALA H 212 -60.51 -8.21 -22.70
C ALA H 212 -61.19 -9.16 -21.72
N SER H 213 -61.98 -8.64 -20.78
CA SER H 213 -62.69 -9.50 -19.85
C SER H 213 -63.67 -10.33 -20.66
N ALA H 214 -63.96 -11.52 -20.18
CA ALA H 214 -64.76 -12.49 -20.90
C ALA H 214 -66.17 -12.66 -20.31
N ILE H 215 -66.35 -12.17 -19.08
CA ILE H 215 -67.51 -12.50 -18.25
C ILE H 215 -67.94 -13.96 -18.42
N PRO H 216 -67.16 -14.89 -17.83
CA PRO H 216 -67.38 -16.34 -17.94
C PRO H 216 -68.74 -16.76 -17.38
N ASP H 217 -69.30 -17.86 -17.87
CA ASP H 217 -70.63 -18.31 -17.46
C ASP H 217 -70.74 -18.54 -15.96
N ASN H 218 -69.72 -19.17 -15.37
CA ASN H 218 -69.76 -19.48 -13.95
C ASN H 218 -69.68 -18.22 -13.09
N VAL H 219 -68.94 -17.22 -13.54
CA VAL H 219 -68.86 -15.95 -12.83
C VAL H 219 -70.20 -15.24 -12.89
N ARG H 220 -70.80 -15.20 -14.08
CA ARG H 220 -72.10 -14.56 -14.25
C ARG H 220 -73.12 -15.22 -13.34
N LYS H 221 -73.09 -16.55 -13.31
CA LYS H 221 -74.04 -17.31 -12.51
C LYS H 221 -73.86 -17.00 -11.03
N SER H 222 -72.61 -16.94 -10.58
CA SER H 222 -72.34 -16.61 -9.18
C SER H 222 -72.90 -15.25 -8.83
N TYR H 223 -72.68 -14.27 -9.71
CA TYR H 223 -73.13 -12.92 -9.44
C TYR H 223 -74.66 -12.88 -9.38
N LEU H 224 -75.32 -13.53 -10.33
CA LEU H 224 -76.78 -13.52 -10.39
C LEU H 224 -77.40 -14.27 -9.23
N ASP H 225 -76.79 -15.38 -8.83
CA ASP H 225 -77.30 -16.16 -7.70
C ASP H 225 -77.24 -15.36 -6.39
N ALA H 226 -76.31 -14.44 -6.29
CA ALA H 226 -76.20 -13.61 -5.07
C ALA H 226 -77.03 -12.34 -5.17
N GLY H 227 -77.97 -12.29 -6.11
CA GLY H 227 -78.89 -11.18 -6.23
C GLY H 227 -78.42 -10.02 -7.11
N GLY H 228 -77.29 -10.20 -7.78
CA GLY H 228 -76.71 -9.13 -8.58
C GLY H 228 -77.39 -8.96 -9.93
N ASP H 229 -77.18 -7.80 -10.54
CA ASP H 229 -77.78 -7.49 -11.83
C ASP H 229 -76.72 -7.36 -12.92
N LEU H 230 -76.79 -8.25 -13.91
CA LEU H 230 -75.88 -8.22 -15.06
C LEU H 230 -76.66 -8.27 -16.36
N LYS H 231 -77.75 -7.51 -16.43
CA LYS H 231 -78.64 -7.54 -17.58
C LYS H 231 -77.92 -7.11 -18.85
N GLY H 232 -77.84 -8.02 -19.81
CA GLY H 232 -77.33 -7.70 -21.13
C GLY H 232 -75.82 -7.76 -21.24
N SER H 233 -75.14 -8.06 -20.13
CA SER H 233 -73.68 -8.09 -20.14
C SER H 233 -73.18 -9.15 -21.11
N LYS H 234 -72.07 -8.85 -21.79
CA LYS H 234 -71.41 -9.79 -22.68
C LYS H 234 -69.92 -9.43 -22.77
N GLY H 235 -69.06 -10.41 -22.59
CA GLY H 235 -67.63 -10.19 -22.68
C GLY H 235 -67.05 -10.82 -23.93
N VAL H 236 -65.73 -10.77 -24.06
CA VAL H 236 -65.05 -11.42 -25.17
C VAL H 236 -65.04 -12.94 -24.95
N PRO H 237 -65.65 -13.71 -25.87
CA PRO H 237 -65.64 -15.17 -25.74
C PRO H 237 -64.22 -15.75 -25.65
N PHE H 238 -64.07 -16.85 -24.94
CA PHE H 238 -62.76 -17.45 -24.73
C PHE H 238 -62.08 -17.69 -26.08
N GLU H 239 -62.86 -18.08 -27.07
CA GLU H 239 -62.32 -18.40 -28.39
C GLU H 239 -61.69 -17.19 -29.05
N PHE H 240 -62.28 -16.02 -28.81
CA PHE H 240 -61.74 -14.75 -29.31
C PHE H 240 -60.43 -14.37 -28.65
N LEU H 241 -60.32 -14.61 -27.35
CA LEU H 241 -59.07 -14.35 -26.64
C LEU H 241 -57.95 -15.21 -27.24
N GLN H 242 -58.25 -16.48 -27.49
CA GLN H 242 -57.28 -17.39 -28.08
C GLN H 242 -56.89 -16.93 -29.49
N GLU H 243 -57.89 -16.48 -30.24
CA GLU H 243 -57.71 -15.95 -31.59
C GLU H 243 -56.80 -14.74 -31.59
N SER H 244 -57.00 -13.87 -30.60
CA SER H 244 -56.22 -12.65 -30.45
C SER H 244 -54.76 -13.00 -30.22
N VAL H 245 -54.52 -13.95 -29.33
CA VAL H 245 -53.16 -14.37 -29.04
C VAL H 245 -52.51 -14.92 -30.31
N LYS H 246 -53.25 -15.74 -31.06
CA LYS H 246 -52.72 -16.29 -32.31
C LYS H 246 -52.40 -15.16 -33.30
N GLY H 247 -53.17 -14.08 -33.26
CA GLY H 247 -52.98 -12.94 -34.14
C GLY H 247 -51.90 -11.96 -33.71
N GLY H 248 -51.37 -12.11 -32.50
CA GLY H 248 -50.22 -11.31 -32.09
C GLY H 248 -50.38 -10.54 -30.78
N ILE H 249 -51.50 -10.72 -30.10
CA ILE H 249 -51.70 -10.11 -28.78
C ILE H 249 -50.84 -10.84 -27.72
N ASN H 250 -50.05 -10.07 -26.99
CA ASN H 250 -49.17 -10.63 -25.96
C ASN H 250 -49.49 -10.16 -24.55
N LYS H 251 -50.26 -9.08 -24.43
CA LYS H 251 -50.69 -8.57 -23.13
C LYS H 251 -52.19 -8.40 -23.15
N VAL H 252 -52.89 -8.97 -22.17
CA VAL H 252 -54.35 -9.06 -22.22
C VAL H 252 -54.98 -8.44 -20.96
N ASN H 253 -55.46 -7.21 -21.08
CA ASN H 253 -55.99 -6.47 -19.94
C ASN H 253 -57.31 -7.00 -19.40
N THR H 254 -57.34 -7.31 -18.12
CA THR H 254 -58.46 -8.00 -17.52
C THR H 254 -58.73 -7.41 -16.15
N ASP H 255 -59.90 -6.82 -15.98
CA ASP H 255 -60.26 -6.17 -14.72
C ASP H 255 -61.68 -6.54 -14.31
N THR H 256 -62.64 -6.26 -15.18
CA THR H 256 -64.05 -6.47 -14.87
C THR H 256 -64.40 -7.91 -14.39
N ASP H 257 -63.86 -8.93 -15.05
CA ASP H 257 -64.07 -10.32 -14.58
C ASP H 257 -63.67 -10.49 -13.13
N LEU H 258 -62.56 -9.89 -12.76
CA LEU H 258 -62.03 -10.02 -11.40
C LEU H 258 -63.00 -9.42 -10.40
N ARG H 259 -63.51 -8.23 -10.72
CA ARG H 259 -64.43 -7.52 -9.83
C ARG H 259 -65.72 -8.29 -9.64
N ILE H 260 -66.34 -8.73 -10.73
CA ILE H 260 -67.62 -9.43 -10.62
C ILE H 260 -67.49 -10.70 -9.77
N ALA H 261 -66.44 -11.47 -10.01
CA ALA H 261 -66.24 -12.71 -9.26
C ALA H 261 -65.99 -12.42 -7.77
N PHE H 262 -65.21 -11.37 -7.49
CA PHE H 262 -64.96 -10.94 -6.12
C PHE H 262 -66.27 -10.55 -5.44
N ILE H 263 -66.98 -9.61 -6.06
CA ILE H 263 -68.13 -9.00 -5.39
C ILE H 263 -69.30 -9.98 -5.29
N ALA H 264 -69.38 -10.93 -6.21
CA ALA H 264 -70.40 -11.97 -6.13
C ALA H 264 -70.28 -12.71 -4.81
N GLU H 265 -69.06 -13.01 -4.39
CA GLU H 265 -68.85 -13.73 -3.14
C GLU H 265 -69.17 -12.85 -1.93
N VAL H 266 -68.85 -11.56 -2.03
CA VAL H 266 -69.17 -10.65 -0.94
C VAL H 266 -70.68 -10.58 -0.78
N ARG H 267 -71.40 -10.48 -1.89
CA ARG H 267 -72.86 -10.38 -1.85
C ARG H 267 -73.44 -11.65 -1.25
N LYS H 268 -72.90 -12.80 -1.65
CA LYS H 268 -73.38 -14.08 -1.15
C LYS H 268 -73.24 -14.20 0.37
N VAL H 269 -72.11 -13.76 0.91
CA VAL H 269 -71.89 -13.85 2.34
C VAL H 269 -72.88 -12.94 3.05
N ALA H 270 -73.00 -11.70 2.56
CA ALA H 270 -73.95 -10.76 3.14
C ALA H 270 -75.36 -11.34 3.14
N ASN H 271 -75.72 -12.06 2.09
CA ASN H 271 -77.06 -12.63 1.96
C ASN H 271 -77.31 -13.75 2.94
N GLU H 272 -76.30 -14.59 3.13
CA GLU H 272 -76.50 -15.88 3.76
C GLU H 272 -76.39 -15.85 5.28
N ASP H 273 -75.78 -14.80 5.82
CA ASP H 273 -75.66 -14.67 7.25
C ASP H 273 -75.70 -13.21 7.65
N LYS H 274 -76.85 -12.79 8.20
CA LYS H 274 -77.07 -11.40 8.54
C LYS H 274 -76.28 -11.01 9.77
N SER H 275 -75.84 -11.99 10.54
CA SER H 275 -75.06 -11.69 11.75
C SER H 275 -73.55 -11.64 11.48
N GLN H 276 -73.12 -11.81 10.23
CA GLN H 276 -71.69 -11.92 9.92
C GLN H 276 -71.05 -10.57 9.67
N PHE H 277 -70.02 -10.23 10.44
CA PHE H 277 -69.27 -9.01 10.20
C PHE H 277 -67.75 -9.16 10.38
N ASP H 278 -67.26 -10.39 10.36
CA ASP H 278 -65.81 -10.64 10.25
C ASP H 278 -65.38 -10.41 8.81
N LEU H 279 -64.56 -9.38 8.55
CA LEU H 279 -64.16 -9.06 7.19
C LEU H 279 -63.58 -10.26 6.44
N ARG H 280 -62.82 -11.10 7.15
CA ARG H 280 -62.18 -12.25 6.50
C ARG H 280 -63.19 -13.25 5.96
N LYS H 281 -64.32 -13.38 6.64
CA LYS H 281 -65.37 -14.28 6.17
C LYS H 281 -65.98 -13.81 4.85
N PHE H 282 -65.96 -12.50 4.59
CA PHE H 282 -66.38 -11.98 3.29
C PHE H 282 -65.30 -12.13 2.23
N PHE H 283 -64.07 -11.81 2.61
CA PHE H 283 -63.04 -11.55 1.61
C PHE H 283 -62.20 -12.78 1.27
N SER H 284 -62.25 -13.82 2.10
CA SER H 284 -61.54 -15.06 1.75
C SER H 284 -62.21 -15.77 0.56
N PRO H 285 -63.53 -15.96 0.61
CA PRO H 285 -64.19 -16.56 -0.55
C PRO H 285 -64.10 -15.66 -1.77
N ALA H 286 -64.11 -14.35 -1.56
CA ALA H 286 -63.97 -13.40 -2.65
C ALA H 286 -62.61 -13.56 -3.32
N GLN H 287 -61.54 -13.61 -2.51
CA GLN H 287 -60.21 -13.87 -3.05
C GLN H 287 -60.16 -15.17 -3.83
N LEU H 288 -60.78 -16.23 -3.29
CA LEU H 288 -60.72 -17.54 -3.94
C LEU H 288 -61.34 -17.47 -5.33
N ALA H 289 -62.47 -16.78 -5.46
CA ALA H 289 -63.18 -16.73 -6.73
C ALA H 289 -62.38 -15.91 -7.73
N LEU H 290 -61.77 -14.84 -7.24
CA LEU H 290 -60.94 -14.00 -8.09
C LEU H 290 -59.73 -14.81 -8.56
N LYS H 291 -59.05 -15.47 -7.63
CA LYS H 291 -57.89 -16.31 -7.98
C LYS H 291 -58.25 -17.32 -9.08
N ASN H 292 -59.41 -17.96 -8.95
CA ASN H 292 -59.79 -18.99 -9.90
C ASN H 292 -60.01 -18.42 -11.30
N VAL H 293 -60.56 -17.21 -11.38
CA VAL H 293 -60.75 -16.55 -12.65
C VAL H 293 -59.38 -16.32 -13.28
N VAL H 294 -58.45 -15.79 -12.49
CA VAL H 294 -57.11 -15.52 -12.99
C VAL H 294 -56.41 -16.79 -13.44
N LYS H 295 -56.52 -17.88 -12.66
CA LYS H 295 -55.88 -19.14 -13.00
C LYS H 295 -56.36 -19.67 -14.35
N GLU H 296 -57.68 -19.70 -14.53
CA GLU H 296 -58.26 -20.13 -15.81
C GLU H 296 -57.78 -19.25 -16.97
N ARG H 297 -57.68 -17.95 -16.75
CA ARG H 297 -57.26 -17.04 -17.81
C ARG H 297 -55.80 -17.26 -18.18
N MET H 298 -54.95 -17.56 -17.19
CA MET H 298 -53.55 -17.83 -17.47
C MET H 298 -53.41 -19.07 -18.33
N LYS H 299 -54.23 -20.08 -18.06
CA LYS H 299 -54.23 -21.29 -18.86
C LYS H 299 -54.72 -21.00 -20.26
N LEU H 300 -55.76 -20.19 -20.36
CA LEU H 300 -56.36 -19.92 -21.67
C LEU H 300 -55.40 -19.16 -22.57
N LEU H 301 -54.69 -18.19 -22.01
CA LEU H 301 -53.79 -17.34 -22.78
C LEU H 301 -52.46 -18.02 -23.07
N GLY H 302 -52.16 -19.08 -22.33
CA GLY H 302 -50.95 -19.85 -22.58
C GLY H 302 -49.73 -19.46 -21.75
N SER H 303 -49.93 -18.67 -20.70
CA SER H 303 -48.80 -18.24 -19.89
C SER H 303 -48.55 -19.22 -18.74
N ALA H 304 -49.45 -20.16 -18.52
CA ALA H 304 -49.23 -21.18 -17.50
C ALA H 304 -47.96 -21.96 -17.84
N ASN H 305 -47.12 -22.18 -16.84
CA ASN H 305 -45.90 -22.96 -16.98
C ASN H 305 -44.87 -22.29 -17.89
N LYS H 306 -44.92 -20.97 -17.98
CA LYS H 306 -43.96 -20.22 -18.78
C LYS H 306 -42.87 -19.54 -17.95
N ILE H 307 -42.92 -19.69 -16.63
CA ILE H 307 -41.83 -19.16 -15.81
C ILE H 307 -40.58 -19.97 -16.12
ZN ZN I . -9.17 7.03 3.03
NA NA J . -4.15 9.29 2.67
CL CL K . -7.15 1.44 6.92
O01 TD3 L . -9.77 6.82 1.12
N02 TD3 L . -10.57 7.90 0.68
C03 TD3 L . -11.24 7.77 -0.60
C04 TD3 L . -12.24 6.61 -0.73
C05 TD3 L . -13.50 6.77 -1.59
C06 TD3 L . -14.64 5.79 -1.30
O07 TD3 L . -15.06 4.93 -2.31
C12 TD3 L . -10.85 9.03 1.55
O13 TD3 L . -10.50 8.97 2.70
C14 TD3 L . -12.02 9.93 1.16
O15 TD3 L . -13.27 9.36 1.38
P16 TD3 L . -14.67 10.01 0.79
O17 TD3 L . -15.37 10.81 2.02
O18 TD3 L . -15.59 8.78 0.24
O19 TD3 L . -14.39 10.91 -0.32
ZN ZN M . 40.38 23.69 -17.14
NA NA N . 45.41 25.85 -17.37
CL CL O . 42.32 18.10 -13.14
O01 TD3 P . 39.78 23.52 -19.06
N02 TD3 P . 39.02 24.59 -19.53
C03 TD3 P . 38.38 24.48 -20.83
C04 TD3 P . 37.49 23.28 -21.09
C05 TD3 P . 36.08 23.51 -21.66
C06 TD3 P . 35.05 22.42 -21.33
O07 TD3 P . 34.36 21.80 -22.37
C12 TD3 P . 38.72 25.71 -18.64
O13 TD3 P . 39.07 25.66 -17.50
C14 TD3 P . 37.55 26.60 -19.05
O15 TD3 P . 36.30 26.03 -18.85
P16 TD3 P . 34.92 26.69 -19.48
O17 TD3 P . 34.20 27.47 -18.24
O18 TD3 P . 34.05 25.45 -20.07
O19 TD3 P . 35.24 27.60 -20.59
ZN ZN Q . 34.29 -6.67 -18.41
NA NA R . 29.13 -6.41 -16.59
CL CL S . 32.62 -5.38 -25.25
O01 TD3 T . 34.96 -8.48 -17.73
N02 TD3 T . 35.66 -8.36 -16.52
C03 TD3 T . 36.46 -9.49 -16.10
C04 TD3 T . 37.67 -9.90 -16.95
C05 TD3 T . 38.93 -10.40 -16.24
C06 TD3 T . 40.23 -10.35 -17.04
O07 TD3 T . 40.57 -11.47 -17.83
C12 TD3 T . 35.82 -7.06 -15.88
O13 TD3 T . 35.40 -6.08 -16.43
C14 TD3 T . 36.89 -6.94 -14.80
O15 TD3 T . 38.20 -6.87 -15.29
P16 TD3 T . 39.54 -7.08 -14.37
O17 TD3 T . 40.21 -5.63 -14.13
O18 TD3 T . 40.52 -8.05 -15.23
O19 TD3 T . 39.23 -7.75 -13.10
ZN ZN U . -15.02 -23.36 1.84
NA NA V . -20.18 -23.15 3.76
CL CL W . -16.77 -22.17 -4.96
O01 TD3 X . -14.33 -25.20 2.59
N02 TD3 X . -13.58 -25.07 3.77
C03 TD3 X . -12.70 -26.15 4.16
C04 TD3 X . -11.58 -26.52 3.18
C05 TD3 X . -10.25 -27.08 3.73
C06 TD3 X . -9.13 -27.30 2.69
O07 TD3 X . -8.67 -28.60 2.50
C12 TD3 X . -13.42 -23.75 4.36
O13 TD3 X . -13.88 -22.80 3.81
C14 TD3 X . -12.36 -23.60 5.46
O15 TD3 X . -11.08 -23.46 4.94
P16 TD3 X . -9.68 -23.67 5.80
O17 TD3 X . -9.05 -22.20 6.02
O18 TD3 X . -8.71 -24.64 4.90
O19 TD3 X . -9.95 -24.33 7.08
ZN ZN Y . -15.61 -17.56 55.68
NA NA Z . -20.99 -17.51 54.91
CL CL AA . -15.88 -19.10 62.50
O01 TD3 BA . -16.51 -16.05 54.32
N02 TD3 BA . -15.49 -15.83 53.38
C03 TD3 BA . -15.18 -14.48 52.96
C04 TD3 BA . -14.23 -13.69 53.86
C05 TD3 BA . -12.84 -14.28 54.07
C06 TD3 BA . -11.65 -13.42 53.64
O07 TD3 BA . -10.80 -13.95 52.67
C12 TD3 BA . -14.64 -16.95 52.96
O13 TD3 BA . -14.79 -18.02 53.44
C14 TD3 BA . -13.67 -16.76 51.79
O15 TD3 BA . -12.54 -17.59 51.77
P16 TD3 BA . -11.22 -17.23 50.84
O17 TD3 BA . -10.50 -18.66 50.49
O18 TD3 BA . -10.18 -16.24 51.63
O19 TD3 BA . -11.67 -16.57 49.60
ZN ZN CA . 32.73 -0.81 35.71
NA NA DA . 27.35 -0.74 34.78
CL CL EA . 32.06 -2.09 42.79
O01 TD3 FA . 32.70 1.19 34.68
N02 TD3 FA . 33.43 1.09 33.48
C03 TD3 FA . 34.03 2.28 32.94
C04 TD3 FA . 35.13 2.93 33.77
C05 TD3 FA . 36.57 2.53 33.46
C06 TD3 FA . 37.59 3.63 33.23
O07 TD3 FA . 38.93 3.29 33.37
C12 TD3 FA . 33.85 -0.22 32.99
O13 TD3 FA . 33.55 -1.22 33.58
C14 TD3 FA . 34.78 -0.27 31.78
O15 TD3 FA . 36.08 -0.75 32.02
P16 TD3 FA . 37.31 -0.59 30.94
O17 TD3 FA . 37.80 -2.09 30.52
O18 TD3 FA . 38.57 0.21 31.62
O19 TD3 FA . 36.90 0.15 29.75
ZN ZN GA . -9.56 15.66 -41.35
NA NA HA . -4.12 15.44 -40.61
CL CL IA . -9.40 21.49 -45.43
O01 TD3 JA . -8.61 15.01 -39.38
N02 TD3 JA . -9.66 14.23 -38.89
C03 TD3 JA . -10.06 14.37 -37.49
C04 TD3 JA . -11.09 15.44 -37.14
C05 TD3 JA . -12.40 15.43 -37.92
C06 TD3 JA . -13.70 15.29 -37.12
O07 TD3 JA . -14.39 14.09 -37.23
C12 TD3 JA . -10.36 13.31 -39.77
O13 TD3 JA . -10.08 13.30 -40.92
C14 TD3 JA . -11.32 12.27 -39.18
O15 TD3 JA . -12.38 11.85 -39.99
P16 TD3 JA . -13.66 10.98 -39.39
O17 TD3 JA . -14.17 9.98 -40.57
O18 TD3 JA . -14.85 12.01 -38.90
O19 TD3 JA . -13.20 10.20 -38.24
ZN ZN KA . -57.93 -0.34 -20.86
NA NA LA . -52.56 -0.66 -20.13
CL CL MA . -57.57 5.68 -24.87
O01 TD3 NA . -57.58 -0.75 -18.67
N02 TD3 NA . -58.42 -1.82 -18.34
C03 TD3 NA . -59.17 -1.76 -17.10
C04 TD3 NA . -60.40 -0.86 -17.14
C05 TD3 NA . -61.60 -1.27 -16.26
C06 TD3 NA . -62.92 -1.53 -16.97
O07 TD3 NA . -64.09 -1.10 -16.34
C12 TD3 NA . -58.89 -2.71 -19.38
O13 TD3 NA . -58.50 -2.56 -20.50
C14 TD3 NA . -59.81 -3.88 -19.01
O15 TD3 NA . -61.10 -3.91 -19.56
P16 TD3 NA . -62.24 -4.99 -19.03
O17 TD3 NA . -62.54 -6.03 -20.24
O18 TD3 NA . -63.62 -4.24 -18.58
O19 TD3 NA . -61.74 -5.70 -17.85
#